data_2WH6
# 
_entry.id   2WH6 
# 
_audit_conform.dict_name       mmcif_pdbx.dic 
_audit_conform.dict_version    5.382 
_audit_conform.dict_location   http://mmcif.pdb.org/dictionaries/ascii/mmcif_pdbx.dic 
# 
loop_
_database_2.database_id 
_database_2.database_code 
_database_2.pdbx_database_accession 
_database_2.pdbx_DOI 
PDB   2WH6         pdb_00002wh6 10.2210/pdb2wh6/pdb 
PDBE  EBI-36537    ?            ?                   
WWPDB D_1290036537 ?            ?                   
# 
loop_
_pdbx_database_related.db_name 
_pdbx_database_related.db_id 
_pdbx_database_related.content_type 
_pdbx_database_related.details 
PDB 2VM6 unspecified 'HUMAN BCL-2A1 IN COMPLEX WITH BIM'                                                         
PDB 1Q59 unspecified 'SOLUTION STRUCTURE OF THE BHRF1 PROTEIN FROM EPSTEIN-BARRVIRUS, A HOMOLOG OF HUMAN BCL -2' 
PDB 2V6Q unspecified 'CRYSTAL STRUCTURE OF A BHRF-1 : BIM BH3 COMPLEX'                                           
# 
_pdbx_database_status.status_code                     REL 
_pdbx_database_status.entry_id                        2WH6 
_pdbx_database_status.deposit_site                    PDBE 
_pdbx_database_status.process_site                    PDBE 
_pdbx_database_status.SG_entry                        . 
_pdbx_database_status.recvd_initial_deposition_date   2009-05-01 
_pdbx_database_status.pdb_format_compatible           Y 
_pdbx_database_status.status_code_sf                  REL 
_pdbx_database_status.status_code_mr                  ? 
_pdbx_database_status.status_code_cs                  ? 
_pdbx_database_status.methods_development_category    ? 
_pdbx_database_status.status_code_nmr_data            ? 
# 
loop_
_audit_author.name 
_audit_author.pdbx_ordinal 
_audit_author.identifier_ORCID 
'Kvansakul, M.' 1 ? 
'Huang, D.C.S.' 2 ? 
'Colman, P.M.'  3 ? 
# 
_citation.id                        primary 
_citation.title                     'Structural basis for apoptosis inhibition by Epstein-Barr virus BHRF1.' 
_citation.journal_abbrev            'PLoS Pathog.' 
_citation.journal_volume            6 
_citation.page_first                e1001236 
_citation.page_last                 e1001236 
_citation.year                      2010 
_citation.journal_id_ASTM           ? 
_citation.country                   US 
_citation.journal_id_ISSN           1553-7374 
_citation.journal_id_CSD            ? 
_citation.book_publisher            ? 
_citation.pdbx_database_id_PubMed   21203485 
_citation.pdbx_database_id_DOI      10.1371/journal.ppat.1001236 
# 
loop_
_citation_author.citation_id 
_citation_author.name 
_citation_author.ordinal 
_citation_author.identifier_ORCID 
primary 'Kvansakul, M.'  1 ? 
primary 'Wei, A.H.'      2 ? 
primary 'Fletcher, J.I.' 3 ? 
primary 'Willis, S.N.'   4 ? 
primary 'Chen, L.'       5 ? 
primary 'Roberts, A.W.'  6 ? 
primary 'Huang, D.C.'    7 ? 
primary 'Colman, P.M.'   8 ? 
# 
_cell.entry_id           2WH6 
_cell.length_a           62.747 
_cell.length_b           62.747 
_cell.length_c           92.383 
_cell.angle_alpha        90.00 
_cell.angle_beta         90.00 
_cell.angle_gamma        120.00 
_cell.Z_PDB              6 
_cell.pdbx_unique_axis   ? 
# 
_symmetry.entry_id                         2WH6 
_symmetry.space_group_name_H-M             'P 32 2 1' 
_symmetry.pdbx_full_space_group_name_H-M   ? 
_symmetry.cell_setting                     ? 
_symmetry.Int_Tables_number                154 
# 
loop_
_entity.id 
_entity.type 
_entity.src_method 
_entity.pdbx_description 
_entity.formula_weight 
_entity.pdbx_number_of_molecules 
_entity.pdbx_ec 
_entity.pdbx_mutation 
_entity.pdbx_fragment 
_entity.details 
1 polymer     man 'EARLY ANTIGEN PROTEIN R' 19848.367 1   ? ? 'BCL-2, RESIDUES 1-160' ? 
2 polymer     syn 'BCL-2-LIKE PROTEIN 11'   3274.691  1   ? ? 'BH3, RESIDUES 51-72'   ? 
3 non-polymer syn 'BROMIDE ION'             79.904    9   ? ? ?                       ? 
4 non-polymer syn GLYCEROL                  92.094    2   ? ? ?                       ? 
5 water       nat water                     18.015    115 ? ? ?                       ? 
# 
loop_
_entity_name_com.entity_id 
_entity_name_com.name 
1 'NUCLEAR ANTIGEN, EA-R, BHRF1'                            
2 'BCL2-L-11, BCL2-INTERACTING MEDIATOR OF CELL DEATH, BIM' 
# 
loop_
_entity_poly.entity_id 
_entity_poly.type 
_entity_poly.nstd_linkage 
_entity_poly.nstd_monomer 
_entity_poly.pdbx_seq_one_letter_code 
_entity_poly.pdbx_seq_one_letter_code_can 
_entity_poly.pdbx_strand_id 
_entity_poly.pdbx_target_identifier 
1 'polypeptide(L)' no no 
;MGSHHHHHHSQDPMAYSTREILLALCIRDSRVHGNGTLHPVLELAARETPLRLSPEDTVVLRYHVLLEEIIERNSETFTE
TWNRFITHTEHVDLDFNSVFLEIFHRGDPSLGRALAWMAWCMHACRTLCCNQSTPYYVVDLSVRGMLEASEGLDGWIHQQ
GGWSTLIEDNIPG
;
;MGSHHHHHHSQDPMAYSTREILLALCIRDSRVHGNGTLHPVLELAARETPLRLSPEDTVVLRYHVLLEEIIERNSETFTE
TWNRFITHTEHVDLDFNSVFLEIFHRGDPSLGRALAWMAWCMHACRTLCCNQSTPYYVVDLSVRGMLEASEGLDGWIHQQ
GGWSTLIEDNIPG
;
A ? 
2 'polypeptide(L)' no no DMRPEIWIAQELRRIGDEFNAYYARR DMRPEIWIAQELRRIGDEFNAYYARR B ? 
# 
loop_
_entity_poly_seq.entity_id 
_entity_poly_seq.num 
_entity_poly_seq.mon_id 
_entity_poly_seq.hetero 
1 1   MET n 
1 2   GLY n 
1 3   SER n 
1 4   HIS n 
1 5   HIS n 
1 6   HIS n 
1 7   HIS n 
1 8   HIS n 
1 9   HIS n 
1 10  SER n 
1 11  GLN n 
1 12  ASP n 
1 13  PRO n 
1 14  MET n 
1 15  ALA n 
1 16  TYR n 
1 17  SER n 
1 18  THR n 
1 19  ARG n 
1 20  GLU n 
1 21  ILE n 
1 22  LEU n 
1 23  LEU n 
1 24  ALA n 
1 25  LEU n 
1 26  CYS n 
1 27  ILE n 
1 28  ARG n 
1 29  ASP n 
1 30  SER n 
1 31  ARG n 
1 32  VAL n 
1 33  HIS n 
1 34  GLY n 
1 35  ASN n 
1 36  GLY n 
1 37  THR n 
1 38  LEU n 
1 39  HIS n 
1 40  PRO n 
1 41  VAL n 
1 42  LEU n 
1 43  GLU n 
1 44  LEU n 
1 45  ALA n 
1 46  ALA n 
1 47  ARG n 
1 48  GLU n 
1 49  THR n 
1 50  PRO n 
1 51  LEU n 
1 52  ARG n 
1 53  LEU n 
1 54  SER n 
1 55  PRO n 
1 56  GLU n 
1 57  ASP n 
1 58  THR n 
1 59  VAL n 
1 60  VAL n 
1 61  LEU n 
1 62  ARG n 
1 63  TYR n 
1 64  HIS n 
1 65  VAL n 
1 66  LEU n 
1 67  LEU n 
1 68  GLU n 
1 69  GLU n 
1 70  ILE n 
1 71  ILE n 
1 72  GLU n 
1 73  ARG n 
1 74  ASN n 
1 75  SER n 
1 76  GLU n 
1 77  THR n 
1 78  PHE n 
1 79  THR n 
1 80  GLU n 
1 81  THR n 
1 82  TRP n 
1 83  ASN n 
1 84  ARG n 
1 85  PHE n 
1 86  ILE n 
1 87  THR n 
1 88  HIS n 
1 89  THR n 
1 90  GLU n 
1 91  HIS n 
1 92  VAL n 
1 93  ASP n 
1 94  LEU n 
1 95  ASP n 
1 96  PHE n 
1 97  ASN n 
1 98  SER n 
1 99  VAL n 
1 100 PHE n 
1 101 LEU n 
1 102 GLU n 
1 103 ILE n 
1 104 PHE n 
1 105 HIS n 
1 106 ARG n 
1 107 GLY n 
1 108 ASP n 
1 109 PRO n 
1 110 SER n 
1 111 LEU n 
1 112 GLY n 
1 113 ARG n 
1 114 ALA n 
1 115 LEU n 
1 116 ALA n 
1 117 TRP n 
1 118 MET n 
1 119 ALA n 
1 120 TRP n 
1 121 CYS n 
1 122 MET n 
1 123 HIS n 
1 124 ALA n 
1 125 CYS n 
1 126 ARG n 
1 127 THR n 
1 128 LEU n 
1 129 CYS n 
1 130 CYS n 
1 131 ASN n 
1 132 GLN n 
1 133 SER n 
1 134 THR n 
1 135 PRO n 
1 136 TYR n 
1 137 TYR n 
1 138 VAL n 
1 139 VAL n 
1 140 ASP n 
1 141 LEU n 
1 142 SER n 
1 143 VAL n 
1 144 ARG n 
1 145 GLY n 
1 146 MET n 
1 147 LEU n 
1 148 GLU n 
1 149 ALA n 
1 150 SER n 
1 151 GLU n 
1 152 GLY n 
1 153 LEU n 
1 154 ASP n 
1 155 GLY n 
1 156 TRP n 
1 157 ILE n 
1 158 HIS n 
1 159 GLN n 
1 160 GLN n 
1 161 GLY n 
1 162 GLY n 
1 163 TRP n 
1 164 SER n 
1 165 THR n 
1 166 LEU n 
1 167 ILE n 
1 168 GLU n 
1 169 ASP n 
1 170 ASN n 
1 171 ILE n 
1 172 PRO n 
1 173 GLY n 
2 1   ASP n 
2 2   MET n 
2 3   ARG n 
2 4   PRO n 
2 5   GLU n 
2 6   ILE n 
2 7   TRP n 
2 8   ILE n 
2 9   ALA n 
2 10  GLN n 
2 11  GLU n 
2 12  LEU n 
2 13  ARG n 
2 14  ARG n 
2 15  ILE n 
2 16  GLY n 
2 17  ASP n 
2 18  GLU n 
2 19  PHE n 
2 20  ASN n 
2 21  ALA n 
2 22  TYR n 
2 23  TYR n 
2 24  ALA n 
2 25  ARG n 
2 26  ARG n 
# 
_entity_src_gen.entity_id                          1 
_entity_src_gen.pdbx_src_id                        1 
_entity_src_gen.pdbx_alt_source_flag               sample 
_entity_src_gen.pdbx_seq_type                      ? 
_entity_src_gen.pdbx_beg_seq_num                   ? 
_entity_src_gen.pdbx_end_seq_num                   ? 
_entity_src_gen.gene_src_common_name               ? 
_entity_src_gen.gene_src_genus                     ? 
_entity_src_gen.pdbx_gene_src_gene                 ? 
_entity_src_gen.gene_src_species                   ? 
_entity_src_gen.gene_src_strain                    ? 
_entity_src_gen.gene_src_tissue                    ? 
_entity_src_gen.gene_src_tissue_fraction           ? 
_entity_src_gen.gene_src_details                   ? 
_entity_src_gen.pdbx_gene_src_fragment             ? 
_entity_src_gen.pdbx_gene_src_scientific_name      'Epstein-barr virus strain ag876' 
_entity_src_gen.pdbx_gene_src_ncbi_taxonomy_id     82830 
_entity_src_gen.pdbx_gene_src_variant              ? 
_entity_src_gen.pdbx_gene_src_cell_line            ? 
_entity_src_gen.pdbx_gene_src_atcc                 ? 
_entity_src_gen.pdbx_gene_src_organ                ? 
_entity_src_gen.pdbx_gene_src_organelle            ? 
_entity_src_gen.pdbx_gene_src_cell                 ? 
_entity_src_gen.pdbx_gene_src_cellular_location    ? 
_entity_src_gen.host_org_common_name               ? 
_entity_src_gen.pdbx_host_org_scientific_name      'Escherichia coli BL21(DE3)' 
_entity_src_gen.pdbx_host_org_ncbi_taxonomy_id     469008 
_entity_src_gen.host_org_genus                     ? 
_entity_src_gen.pdbx_host_org_gene                 ? 
_entity_src_gen.pdbx_host_org_organ                ? 
_entity_src_gen.host_org_species                   ? 
_entity_src_gen.pdbx_host_org_tissue               ? 
_entity_src_gen.pdbx_host_org_tissue_fraction      ? 
_entity_src_gen.pdbx_host_org_strain               ? 
_entity_src_gen.pdbx_host_org_variant              ? 
_entity_src_gen.pdbx_host_org_cell_line            ? 
_entity_src_gen.pdbx_host_org_atcc                 ? 
_entity_src_gen.pdbx_host_org_culture_collection   ? 
_entity_src_gen.pdbx_host_org_cell                 ? 
_entity_src_gen.pdbx_host_org_organelle            ? 
_entity_src_gen.pdbx_host_org_cellular_location    ? 
_entity_src_gen.pdbx_host_org_vector_type          ? 
_entity_src_gen.pdbx_host_org_vector               ? 
_entity_src_gen.host_org_details                   ? 
_entity_src_gen.expression_system_id               ? 
_entity_src_gen.plasmid_name                       PDUET 
_entity_src_gen.plasmid_details                    ? 
_entity_src_gen.pdbx_description                   ? 
# 
_pdbx_entity_src_syn.entity_id              2 
_pdbx_entity_src_syn.pdbx_src_id            1 
_pdbx_entity_src_syn.pdbx_alt_source_flag   sample 
_pdbx_entity_src_syn.pdbx_beg_seq_num       ? 
_pdbx_entity_src_syn.pdbx_end_seq_num       ? 
_pdbx_entity_src_syn.organism_scientific    'HOMO SAPIENS' 
_pdbx_entity_src_syn.organism_common_name   HUMAN 
_pdbx_entity_src_syn.ncbi_taxonomy_id       9606 
_pdbx_entity_src_syn.details                ? 
# 
loop_
_struct_ref.id 
_struct_ref.db_name 
_struct_ref.db_code 
_struct_ref.entity_id 
_struct_ref.pdbx_seq_one_letter_code 
_struct_ref.pdbx_align_begin 
_struct_ref.pdbx_db_accession 
_struct_ref.pdbx_db_isoform 
1 UNP EAR_EBV     1 ? ? P03182 ? 
2 UNP B2L11_HUMAN 2 ? ? O43521 ? 
# 
loop_
_struct_ref_seq.align_id 
_struct_ref_seq.ref_id 
_struct_ref_seq.pdbx_PDB_id_code 
_struct_ref_seq.pdbx_strand_id 
_struct_ref_seq.seq_align_beg 
_struct_ref_seq.pdbx_seq_align_beg_ins_code 
_struct_ref_seq.seq_align_end 
_struct_ref_seq.pdbx_seq_align_end_ins_code 
_struct_ref_seq.pdbx_db_accession 
_struct_ref_seq.db_align_beg 
_struct_ref_seq.pdbx_db_align_beg_ins_code 
_struct_ref_seq.db_align_end 
_struct_ref_seq.pdbx_db_align_end_ins_code 
_struct_ref_seq.pdbx_auth_seq_align_beg 
_struct_ref_seq.pdbx_auth_seq_align_end 
1 1 2WH6 A 14 ? 173 ? P03182 1  ? 160 ? 1  160 
2 2 2WH6 B 1  ? 26  ? O43521 51 ? 76  ? 51 76  
# 
loop_
_struct_ref_seq_dif.align_id 
_struct_ref_seq_dif.pdbx_pdb_id_code 
_struct_ref_seq_dif.mon_id 
_struct_ref_seq_dif.pdbx_pdb_strand_id 
_struct_ref_seq_dif.seq_num 
_struct_ref_seq_dif.pdbx_pdb_ins_code 
_struct_ref_seq_dif.pdbx_seq_db_name 
_struct_ref_seq_dif.pdbx_seq_db_accession_code 
_struct_ref_seq_dif.db_mon_id 
_struct_ref_seq_dif.pdbx_seq_db_seq_num 
_struct_ref_seq_dif.details 
_struct_ref_seq_dif.pdbx_auth_seq_num 
_struct_ref_seq_dif.pdbx_ordinal 
1 2WH6 MET A 1  ? UNP P03182 ? ? 'expression tag' -12 1  
1 2WH6 GLY A 2  ? UNP P03182 ? ? 'expression tag' -11 2  
1 2WH6 SER A 3  ? UNP P03182 ? ? 'expression tag' -10 3  
1 2WH6 HIS A 4  ? UNP P03182 ? ? 'expression tag' -9  4  
1 2WH6 HIS A 5  ? UNP P03182 ? ? 'expression tag' -8  5  
1 2WH6 HIS A 6  ? UNP P03182 ? ? 'expression tag' -7  6  
1 2WH6 HIS A 7  ? UNP P03182 ? ? 'expression tag' -6  7  
1 2WH6 HIS A 8  ? UNP P03182 ? ? 'expression tag' -5  8  
1 2WH6 HIS A 9  ? UNP P03182 ? ? 'expression tag' -4  9  
1 2WH6 SER A 10 ? UNP P03182 ? ? 'expression tag' -3  10 
1 2WH6 GLN A 11 ? UNP P03182 ? ? 'expression tag' -2  11 
1 2WH6 ASP A 12 ? UNP P03182 ? ? 'expression tag' -1  12 
1 2WH6 PRO A 13 ? UNP P03182 ? ? 'expression tag' 0   13 
# 
loop_
_chem_comp.id 
_chem_comp.type 
_chem_comp.mon_nstd_flag 
_chem_comp.name 
_chem_comp.pdbx_synonyms 
_chem_comp.formula 
_chem_comp.formula_weight 
ALA 'L-peptide linking' y ALANINE         ?                               'C3 H7 N O2'     89.093  
ARG 'L-peptide linking' y ARGININE        ?                               'C6 H15 N4 O2 1' 175.209 
ASN 'L-peptide linking' y ASPARAGINE      ?                               'C4 H8 N2 O3'    132.118 
ASP 'L-peptide linking' y 'ASPARTIC ACID' ?                               'C4 H7 N O4'     133.103 
BR  non-polymer         . 'BROMIDE ION'   ?                               'Br -1'          79.904  
CYS 'L-peptide linking' y CYSTEINE        ?                               'C3 H7 N O2 S'   121.158 
GLN 'L-peptide linking' y GLUTAMINE       ?                               'C5 H10 N2 O3'   146.144 
GLU 'L-peptide linking' y 'GLUTAMIC ACID' ?                               'C5 H9 N O4'     147.129 
GLY 'peptide linking'   y GLYCINE         ?                               'C2 H5 N O2'     75.067  
GOL non-polymer         . GLYCEROL        'GLYCERIN; PROPANE-1,2,3-TRIOL' 'C3 H8 O3'       92.094  
HIS 'L-peptide linking' y HISTIDINE       ?                               'C6 H10 N3 O2 1' 156.162 
HOH non-polymer         . WATER           ?                               'H2 O'           18.015  
ILE 'L-peptide linking' y ISOLEUCINE      ?                               'C6 H13 N O2'    131.173 
LEU 'L-peptide linking' y LEUCINE         ?                               'C6 H13 N O2'    131.173 
MET 'L-peptide linking' y METHIONINE      ?                               'C5 H11 N O2 S'  149.211 
PHE 'L-peptide linking' y PHENYLALANINE   ?                               'C9 H11 N O2'    165.189 
PRO 'L-peptide linking' y PROLINE         ?                               'C5 H9 N O2'     115.130 
SER 'L-peptide linking' y SERINE          ?                               'C3 H7 N O3'     105.093 
THR 'L-peptide linking' y THREONINE       ?                               'C4 H9 N O3'     119.119 
TRP 'L-peptide linking' y TRYPTOPHAN      ?                               'C11 H12 N2 O2'  204.225 
TYR 'L-peptide linking' y TYROSINE        ?                               'C9 H11 N O3'    181.189 
VAL 'L-peptide linking' y VALINE          ?                               'C5 H11 N O2'    117.146 
# 
_exptl.entry_id          2WH6 
_exptl.method            'X-RAY DIFFRACTION' 
_exptl.crystals_number   1 
# 
_exptl_crystal.id                    1 
_exptl_crystal.density_meas          ? 
_exptl_crystal.density_Matthews      2.28 
_exptl_crystal.density_percent_sol   46 
_exptl_crystal.description           NONE 
_exptl_crystal.preparation           ? 
# 
_exptl_crystal_grow.crystal_id      1 
_exptl_crystal_grow.method          ? 
_exptl_crystal_grow.temp            ? 
_exptl_crystal_grow.temp_details    ? 
_exptl_crystal_grow.pH              4.0 
_exptl_crystal_grow.pdbx_pH_range   ? 
_exptl_crystal_grow.pdbx_details    '0.1 M MALIC ACID PH 4 1.25 M NABR' 
# 
_diffrn.id                     1 
_diffrn.ambient_temp           100 
_diffrn.ambient_temp_details   ? 
_diffrn.crystal_id             1 
# 
_diffrn_detector.diffrn_id              1 
_diffrn_detector.detector               CCD 
_diffrn_detector.type                   MARRESEARCH 
_diffrn_detector.pdbx_collection_date   2007-09-29 
_diffrn_detector.details                ? 
# 
_diffrn_radiation.diffrn_id                        1 
_diffrn_radiation.wavelength_id                    1 
_diffrn_radiation.pdbx_monochromatic_or_laue_m_l   M 
_diffrn_radiation.monochromator                    ? 
_diffrn_radiation.pdbx_diffrn_protocol             'SINGLE WAVELENGTH' 
_diffrn_radiation.pdbx_scattering_type             x-ray 
# 
_diffrn_radiation_wavelength.id           1 
_diffrn_radiation_wavelength.wavelength   0.987 
_diffrn_radiation_wavelength.wt           1.0 
# 
_diffrn_source.diffrn_id                   1 
_diffrn_source.source                      SYNCHROTRON 
_diffrn_source.type                        'SLS BEAMLINE X06SA' 
_diffrn_source.pdbx_synchrotron_site       SLS 
_diffrn_source.pdbx_synchrotron_beamline   X06SA 
_diffrn_source.pdbx_wavelength             0.987 
_diffrn_source.pdbx_wavelength_list        ? 
# 
_reflns.pdbx_diffrn_id               1 
_reflns.pdbx_ordinal                 1 
_reflns.entry_id                     2WH6 
_reflns.observed_criterion_sigma_I   2.0 
_reflns.observed_criterion_sigma_F   ? 
_reflns.d_resolution_low             50.00 
_reflns.d_resolution_high            1.50 
_reflns.number_obs                   32170 
_reflns.number_all                   ? 
_reflns.percent_possible_obs         98.8 
_reflns.pdbx_Rmerge_I_obs            0.04 
_reflns.pdbx_Rsym_value              ? 
_reflns.pdbx_netI_over_sigmaI        40.00 
_reflns.B_iso_Wilson_estimate        ? 
_reflns.pdbx_redundancy              9.6 
# 
_reflns_shell.pdbx_diffrn_id         1 
_reflns_shell.pdbx_ordinal           1 
_reflns_shell.d_res_high             1.50 
_reflns_shell.d_res_low              1.55 
_reflns_shell.percent_possible_all   93.1 
_reflns_shell.Rmerge_I_obs           0.57 
_reflns_shell.pdbx_Rsym_value        ? 
_reflns_shell.meanI_over_sigI_obs    2.40 
_reflns_shell.pdbx_redundancy        6.7 
# 
_refine.pdbx_refine_id                           'X-RAY DIFFRACTION' 
_refine.entry_id                                 2WH6 
_refine.pdbx_diffrn_id                           1 
_refine.pdbx_TLS_residual_ADP_flag               'LIKELY RESIDUAL' 
_refine.ls_number_reflns_obs                     32170 
_refine.ls_number_reflns_all                     ? 
_refine.pdbx_ls_sigma_I                          ? 
_refine.pdbx_ls_sigma_F                          ? 
_refine.pdbx_data_cutoff_high_absF               ? 
_refine.pdbx_data_cutoff_low_absF                ? 
_refine.pdbx_data_cutoff_high_rms_absF           ? 
_refine.ls_d_res_low                             20.00 
_refine.ls_d_res_high                            1.50 
_refine.ls_percent_reflns_obs                    98.8 
_refine.ls_R_factor_obs                          0.199 
_refine.ls_R_factor_all                          ? 
_refine.ls_R_factor_R_work                       0.198 
_refine.ls_R_factor_R_free                       0.205 
_refine.ls_R_factor_R_free_error                 ? 
_refine.ls_R_factor_R_free_error_details         ? 
_refine.ls_percent_reflns_R_free                 5.000 
_refine.ls_number_reflns_R_free                  1705 
_refine.ls_number_parameters                     ? 
_refine.ls_number_restraints                     ? 
_refine.occupancy_min                            ? 
_refine.occupancy_max                            ? 
_refine.correlation_coeff_Fo_to_Fc               0.959 
_refine.correlation_coeff_Fo_to_Fc_free          0.953 
_refine.B_iso_mean                               27.02 
_refine.aniso_B[1][1]                            ? 
_refine.aniso_B[2][2]                            ? 
_refine.aniso_B[3][3]                            ? 
_refine.aniso_B[1][2]                            ? 
_refine.aniso_B[1][3]                            ? 
_refine.aniso_B[2][3]                            ? 
_refine.solvent_model_details                    MASK 
_refine.solvent_model_param_ksol                 ? 
_refine.solvent_model_param_bsol                 ? 
_refine.pdbx_solvent_vdw_probe_radii             1.40 
_refine.pdbx_solvent_ion_probe_radii             0.80 
_refine.pdbx_solvent_shrinkage_radii             0.80 
_refine.pdbx_ls_cross_valid_method               THROUGHOUT 
_refine.details                                  'HYDROGENS HAVE BEEN ADDED IN THE RIDING POSITIONS.' 
_refine.pdbx_starting_model                      'PDB ENTRY 2V6Q' 
_refine.pdbx_method_to_determine_struct          'MOLECULAR REPLACEMENT' 
_refine.pdbx_isotropic_thermal_model             ? 
_refine.pdbx_stereochemistry_target_values       'MAXIMUM LIKELIHOOD' 
_refine.pdbx_stereochem_target_val_spec_case     ? 
_refine.pdbx_R_Free_selection_details            RANDOM 
_refine.pdbx_overall_ESU_R                       0.076 
_refine.pdbx_overall_ESU_R_Free                  0.070 
_refine.overall_SU_ML                            0.049 
_refine.pdbx_overall_phase_error                 ? 
_refine.overall_SU_B                             2.875 
_refine.overall_SU_R_Cruickshank_DPI             ? 
_refine.pdbx_overall_SU_R_free_Cruickshank_DPI   ? 
_refine.pdbx_overall_SU_R_Blow_DPI               ? 
_refine.pdbx_overall_SU_R_free_Blow_DPI          ? 
# 
_refine_hist.pdbx_refine_id                   'X-RAY DIFFRACTION' 
_refine_hist.cycle_id                         LAST 
_refine_hist.pdbx_number_atoms_protein        1457 
_refine_hist.pdbx_number_atoms_nucleic_acid   0 
_refine_hist.pdbx_number_atoms_ligand         21 
_refine_hist.number_atoms_solvent             115 
_refine_hist.number_atoms_total               1593 
_refine_hist.d_res_high                       1.50 
_refine_hist.d_res_low                        20.00 
# 
loop_
_refine_ls_restr.type 
_refine_ls_restr.dev_ideal 
_refine_ls_restr.dev_ideal_target 
_refine_ls_restr.weight 
_refine_ls_restr.number 
_refine_ls_restr.pdbx_refine_id 
_refine_ls_restr.pdbx_restraint_function 
r_bond_refined_d             0.015  0.021  ? 1504 'X-RAY DIFFRACTION' ? 
r_bond_other_d               ?      ?      ? ?    'X-RAY DIFFRACTION' ? 
r_angle_refined_deg          1.685  1.942  ? 2046 'X-RAY DIFFRACTION' ? 
r_angle_other_deg            ?      ?      ? ?    'X-RAY DIFFRACTION' ? 
r_dihedral_angle_1_deg       11.678 5.000  ? 183  'X-RAY DIFFRACTION' ? 
r_dihedral_angle_2_deg       29.789 23.067 ? 75   'X-RAY DIFFRACTION' ? 
r_dihedral_angle_3_deg       15.402 15.000 ? 246  'X-RAY DIFFRACTION' ? 
r_dihedral_angle_4_deg       22.297 15.000 ? 14   'X-RAY DIFFRACTION' ? 
r_chiral_restr               0.115  0.200  ? 228  'X-RAY DIFFRACTION' ? 
r_gen_planes_refined         0.009  0.020  ? 1145 'X-RAY DIFFRACTION' ? 
r_gen_planes_other           ?      ?      ? ?    'X-RAY DIFFRACTION' ? 
r_nbd_refined                0.253  0.200  ? 810  'X-RAY DIFFRACTION' ? 
r_nbd_other                  ?      ?      ? ?    'X-RAY DIFFRACTION' ? 
r_nbtor_refined              0.313  0.200  ? 1040 'X-RAY DIFFRACTION' ? 
r_nbtor_other                ?      ?      ? ?    'X-RAY DIFFRACTION' ? 
r_xyhbond_nbd_refined        0.262  0.200  ? 91   'X-RAY DIFFRACTION' ? 
r_xyhbond_nbd_other          ?      ?      ? ?    'X-RAY DIFFRACTION' ? 
r_metal_ion_refined          ?      ?      ? ?    'X-RAY DIFFRACTION' ? 
r_metal_ion_other            ?      ?      ? ?    'X-RAY DIFFRACTION' ? 
r_symmetry_vdw_refined       0.201  0.200  ? 48   'X-RAY DIFFRACTION' ? 
r_symmetry_vdw_other         ?      ?      ? ?    'X-RAY DIFFRACTION' ? 
r_symmetry_hbond_refined     0.324  0.200  ? 18   'X-RAY DIFFRACTION' ? 
r_symmetry_hbond_other       ?      ?      ? ?    'X-RAY DIFFRACTION' ? 
r_symmetry_metal_ion_refined ?      ?      ? ?    'X-RAY DIFFRACTION' ? 
r_symmetry_metal_ion_other   ?      ?      ? ?    'X-RAY DIFFRACTION' ? 
r_mcbond_it                  1.430  2.000  ? 918  'X-RAY DIFFRACTION' ? 
r_mcbond_other               ?      ?      ? ?    'X-RAY DIFFRACTION' ? 
r_mcangle_it                 2.371  3.000  ? 1455 'X-RAY DIFFRACTION' ? 
r_mcangle_other              ?      ?      ? ?    'X-RAY DIFFRACTION' ? 
r_scbond_it                  3.404  5.000  ? 670  'X-RAY DIFFRACTION' ? 
r_scbond_other               ?      ?      ? ?    'X-RAY DIFFRACTION' ? 
r_scangle_it                 4.668  6.000  ? 588  'X-RAY DIFFRACTION' ? 
r_scangle_other              ?      ?      ? ?    'X-RAY DIFFRACTION' ? 
r_long_range_B_refined       ?      ?      ? ?    'X-RAY DIFFRACTION' ? 
r_long_range_B_other         ?      ?      ? ?    'X-RAY DIFFRACTION' ? 
r_rigid_bond_restr           ?      ?      ? ?    'X-RAY DIFFRACTION' ? 
r_sphericity_free            ?      ?      ? ?    'X-RAY DIFFRACTION' ? 
r_sphericity_bonded          ?      ?      ? ?    'X-RAY DIFFRACTION' ? 
# 
_refine_ls_shell.pdbx_refine_id                   'X-RAY DIFFRACTION' 
_refine_ls_shell.pdbx_total_number_of_bins_used   20 
_refine_ls_shell.d_res_high                       1.50 
_refine_ls_shell.d_res_low                        1.54 
_refine_ls_shell.number_reflns_R_work             2169 
_refine_ls_shell.R_factor_R_work                  0.2970 
_refine_ls_shell.percent_reflns_obs               ? 
_refine_ls_shell.R_factor_R_free                  0.3360 
_refine_ls_shell.R_factor_R_free_error            ? 
_refine_ls_shell.percent_reflns_R_free            ? 
_refine_ls_shell.number_reflns_R_free             104 
_refine_ls_shell.number_reflns_all                ? 
_refine_ls_shell.R_factor_all                     ? 
# 
_struct.entry_id                  2WH6 
_struct.title                     'Crystal structure of anti-apoptotic BHRF1 in complex with the Bim BH3 domain' 
_struct.pdbx_model_details        ? 
_struct.pdbx_CASP_flag            ? 
_struct.pdbx_model_type_details   ? 
# 
_struct_keywords.entry_id        2WH6 
_struct_keywords.pdbx_keywords   APOPTOSIS 
_struct_keywords.text            'MITOCHONDRION, EARLY PROTEIN, TRANSMEMBRANE, VIRAL PROTEIN, APOPTOSIS' 
# 
loop_
_struct_asym.id 
_struct_asym.pdbx_blank_PDB_chainid_flag 
_struct_asym.pdbx_modified 
_struct_asym.entity_id 
_struct_asym.details 
A N N 1 ? 
B N N 2 ? 
C N N 3 ? 
D N N 3 ? 
E N N 3 ? 
F N N 3 ? 
G N N 3 ? 
H N N 3 ? 
I N N 3 ? 
J N N 3 ? 
K N N 3 ? 
L N N 4 ? 
M N N 4 ? 
N N N 5 ? 
O N N 5 ? 
# 
loop_
_struct_conf.conf_type_id 
_struct_conf.id 
_struct_conf.pdbx_PDB_helix_id 
_struct_conf.beg_label_comp_id 
_struct_conf.beg_label_asym_id 
_struct_conf.beg_label_seq_id 
_struct_conf.pdbx_beg_PDB_ins_code 
_struct_conf.end_label_comp_id 
_struct_conf.end_label_asym_id 
_struct_conf.end_label_seq_id 
_struct_conf.pdbx_end_PDB_ins_code 
_struct_conf.beg_auth_comp_id 
_struct_conf.beg_auth_asym_id 
_struct_conf.beg_auth_seq_id 
_struct_conf.end_auth_comp_id 
_struct_conf.end_auth_asym_id 
_struct_conf.end_auth_seq_id 
_struct_conf.pdbx_PDB_helix_class 
_struct_conf.details 
_struct_conf.pdbx_PDB_helix_length 
HELX_P HELX_P1  1  SER A 17  ? VAL A 32  ? SER A 4   VAL A 19  1 ? 16 
HELX_P HELX_P2  2  HIS A 39  ? THR A 49  ? HIS A 26  THR A 36  1 ? 11 
HELX_P HELX_P3  3  ASP A 57  ? ASN A 74  ? ASP A 44  ASN A 61  1 ? 18 
HELX_P HELX_P4  4  ASN A 74  ? THR A 89  ? ASN A 61  THR A 76  1 ? 16 
HELX_P HELX_P5  5  HIS A 91  ? HIS A 105 ? HIS A 78  HIS A 92  1 ? 15 
HELX_P HELX_P6  6  SER A 110 ? ASN A 131 ? SER A 97  ASN A 118 1 ? 22 
HELX_P HELX_P7  7  PRO A 135 ? GLU A 151 ? PRO A 122 GLU A 138 1 ? 17 
HELX_P HELX_P8  8  LEU A 153 ? GLN A 160 ? LEU A 140 GLN A 147 1 ? 8  
HELX_P HELX_P9  9  GLY A 161 ? ASN A 170 ? GLY A 148 ASN A 157 1 ? 10 
HELX_P HELX_P10 10 MET B 2   ? ASN B 20  ? MET B 52  ASN B 70  1 ? 19 
# 
_struct_conf_type.id          HELX_P 
_struct_conf_type.criteria    ? 
_struct_conf_type.reference   ? 
# 
loop_
_struct_site.id 
_struct_site.pdbx_evidence_code 
_struct_site.pdbx_auth_asym_id 
_struct_site.pdbx_auth_comp_id 
_struct_site.pdbx_auth_seq_id 
_struct_site.pdbx_auth_ins_code 
_struct_site.pdbx_num_residues 
_struct_site.details 
AC1 Software A BR  1159 ? 2 'BINDING SITE FOR RESIDUE BR A 1159'  
AC2 Software A BR  1160 ? 2 'BINDING SITE FOR RESIDUE BR A 1160'  
AC3 Software A BR  1161 ? 1 'BINDING SITE FOR RESIDUE BR A 1161'  
AC4 Software A BR  1162 ? 2 'BINDING SITE FOR RESIDUE BR A 1162'  
AC5 Software A BR  1163 ? 3 'BINDING SITE FOR RESIDUE BR A 1163'  
AC6 Software A BR  1164 ? 2 'BINDING SITE FOR RESIDUE BR A 1164'  
AC7 Software A BR  1165 ? 4 'BINDING SITE FOR RESIDUE BR A 1165'  
AC8 Software A BR  1166 ? 2 'BINDING SITE FOR RESIDUE BR A 1166'  
AC9 Software A GOL 1168 ? 7 'BINDING SITE FOR RESIDUE GOL A 1168' 
BC1 Software A GOL 1169 ? 6 'BINDING SITE FOR RESIDUE GOL A 1169' 
# 
loop_
_struct_site_gen.id 
_struct_site_gen.site_id 
_struct_site_gen.pdbx_num_res 
_struct_site_gen.label_comp_id 
_struct_site_gen.label_asym_id 
_struct_site_gen.label_seq_id 
_struct_site_gen.pdbx_auth_ins_code 
_struct_site_gen.auth_comp_id 
_struct_site_gen.auth_asym_id 
_struct_site_gen.auth_seq_id 
_struct_site_gen.label_atom_id 
_struct_site_gen.label_alt_id 
_struct_site_gen.symmetry 
_struct_site_gen.details 
1  AC1 2 VAL A 92  ? VAL A 79   . ? 1_555 ? 
2  AC1 2 BR  G .   ? BR  A 1163 . ? 5_555 ? 
3  AC2 2 SER A 54  ? SER A 41   . ? 1_555 ? 
4  AC2 2 ASN A 83  ? ASN A 70   . ? 4_455 ? 
5  AC3 1 SER A 75  ? SER A 62   . ? 1_555 ? 
6  AC4 2 TRP A 82  ? TRP A 69   . ? 1_555 ? 
7  AC4 2 LEU A 128 ? LEU A 115  . ? 1_555 ? 
8  AC5 3 TYR A 136 ? TYR A 123  . ? 1_555 ? 
9  AC5 3 TYR A 137 ? TYR A 124  . ? 1_555 ? 
10 AC5 3 BR  C .   ? BR  A 1159 . ? 5_555 ? 
11 AC6 2 ARG A 62  ? ARG A 49   . ? 1_555 ? 
12 AC6 2 GLU A 168 ? GLU A 155  . ? 1_555 ? 
13 AC7 4 ARG A 106 ? ARG A 93   . ? 1_555 ? 
14 AC7 4 ILE B 6   ? ILE B 56   . ? 1_555 ? 
15 AC7 4 GLN B 10  ? GLN B 60   . ? 1_555 ? 
16 AC7 4 ARG B 13  ? ARG B 63   . ? 1_555 ? 
17 AC8 2 ARG A 73  ? ARG A 60   . ? 1_555 ? 
18 AC8 2 ASN A 74  ? ASN A 61   . ? 1_555 ? 
19 AC9 7 ARG A 19  ? ARG A 6    . ? 1_555 ? 
20 AC9 7 THR A 49  ? THR A 36   . ? 1_555 ? 
21 AC9 7 ARG A 144 ? ARG A 131  . ? 5_555 ? 
22 AC9 7 ARG A 144 ? ARG A 131  . ? 1_555 ? 
23 AC9 7 GLU A 148 ? GLU A 135  . ? 1_555 ? 
24 AC9 7 HOH N .   ? HOH A 2081 . ? 1_555 ? 
25 AC9 7 HOH N .   ? HOH A 2081 . ? 5_555 ? 
26 BC1 6 ALA A 46  ? ALA A 33   . ? 4_565 ? 
27 BC1 6 LEU A 51  ? LEU A 38   . ? 4_565 ? 
28 BC1 6 SER A 75  ? SER A 62   . ? 1_555 ? 
29 BC1 6 GLU A 76  ? GLU A 63   . ? 1_555 ? 
30 BC1 6 THR A 79  ? THR A 66   . ? 1_555 ? 
31 BC1 6 HOH N .   ? HOH A 2043 . ? 1_555 ? 
# 
_atom_sites.entry_id                    2WH6 
_atom_sites.fract_transf_matrix[1][1]   -0.00521631 
_atom_sites.fract_transf_matrix[1][2]   0.01406618 
_atom_sites.fract_transf_matrix[1][3]   0.01065736 
_atom_sites.fract_transf_matrix[2][1]   -0.01789102 
_atom_sites.fract_transf_matrix[2][2]   0.00346286 
_atom_sites.fract_transf_matrix[2][3]   0.00255998 
_atom_sites.fract_transf_matrix[3][1]   -0.00003307 
_atom_sites.fract_transf_matrix[3][2]   -0.00654497 
_atom_sites.fract_transf_matrix[3][3]   0.00862223 
_atom_sites.fract_transf_vector[1]      -0.378155 
_atom_sites.fract_transf_vector[2]      0.230724 
_atom_sites.fract_transf_vector[3]      0.057569 
# 
loop_
_atom_type.symbol 
BR 
C  
N  
O  
S  
# 
loop_
_atom_site.group_PDB 
_atom_site.id 
_atom_site.type_symbol 
_atom_site.label_atom_id 
_atom_site.label_alt_id 
_atom_site.label_comp_id 
_atom_site.label_asym_id 
_atom_site.label_entity_id 
_atom_site.label_seq_id 
_atom_site.pdbx_PDB_ins_code 
_atom_site.Cartn_x 
_atom_site.Cartn_y 
_atom_site.Cartn_z 
_atom_site.occupancy 
_atom_site.B_iso_or_equiv 
_atom_site.pdbx_formal_charge 
_atom_site.auth_seq_id 
_atom_site.auth_comp_id 
_atom_site.auth_asym_id 
_atom_site.auth_atom_id 
_atom_site.pdbx_PDB_model_num 
ATOM   1    N  N   . ALA A 1 15  ? -0.529  -14.248 -11.992 1.00   38.58 ? 2    ALA A N   1 
ATOM   2    C  CA  . ALA A 1 15  ? 0.291   -14.945 -10.982 1.00   37.58 ? 2    ALA A CA  1 
ATOM   3    C  C   . ALA A 1 15  ? 1.359   -14.036 -10.329 1.00   36.76 ? 2    ALA A C   1 
ATOM   4    O  O   . ALA A 1 15  ? 2.242   -14.547 -9.641  1.00   38.98 ? 2    ALA A O   1 
ATOM   5    C  CB  . ALA A 1 15  ? 0.929   -16.206 -11.575 1.00   39.21 ? 2    ALA A CB  1 
ATOM   6    N  N   . TYR A 1 16  ? 1.291   -12.713 -10.522 1.00   34.68 ? 3    TYR A N   1 
ATOM   7    C  CA  . TYR A 1 16  ? 2.098   -11.813 -9.660  1.00   32.65 ? 3    TYR A CA  1 
ATOM   8    C  C   . TYR A 1 16  ? 1.436   -11.711 -8.291  1.00   29.87 ? 3    TYR A C   1 
ATOM   9    O  O   . TYR A 1 16  ? 0.214   -11.580 -8.216  1.00   30.72 ? 3    TYR A O   1 
ATOM   10   C  CB  . TYR A 1 16  ? 2.239   -10.419 -10.257 1.00   34.35 ? 3    TYR A CB  1 
ATOM   11   C  CG  . TYR A 1 16  ? 2.965   -10.420 -11.577 1.00   39.03 ? 3    TYR A CG  1 
ATOM   12   C  CD1 . TYR A 1 16  ? 4.332   -10.728 -11.647 1.00   41.08 ? 3    TYR A CD1 1 
ATOM   13   C  CD2 . TYR A 1 16  ? 2.287   -10.117 -12.756 1.00   40.52 ? 3    TYR A CD2 1 
ATOM   14   C  CE1 . TYR A 1 16  ? 5.008   -10.749 -12.886 1.00   43.85 ? 3    TYR A CE1 1 
ATOM   15   C  CE2 . TYR A 1 16  ? 2.943   -10.124 -13.993 1.00   42.81 ? 3    TYR A CE2 1 
ATOM   16   C  CZ  . TYR A 1 16  ? 4.304   -10.440 -14.049 1.00   42.04 ? 3    TYR A CZ  1 
ATOM   17   O  OH  . TYR A 1 16  ? 4.948   -10.445 -15.274 1.00   41.59 ? 3    TYR A OH  1 
ATOM   18   N  N   . SER A 1 17  ? 2.244   -11.772 -7.228  1.00   25.71 ? 4    SER A N   1 
ATOM   19   C  CA  . SER A 1 17  ? 1.733   -11.725 -5.854  1.00   22.63 ? 4    SER A CA  1 
ATOM   20   C  C   . SER A 1 17  ? 1.431   -10.290 -5.499  1.00   20.24 ? 4    SER A C   1 
ATOM   21   O  O   . SER A 1 17  ? 1.883   -9.360  -6.177  1.00   21.26 ? 4    SER A O   1 
ATOM   22   C  CB  . SER A 1 17  ? 2.749   -12.267 -4.876  1.00   21.86 ? 4    SER A CB  1 
ATOM   23   O  OG  . SER A 1 17  ? 3.858   -11.383 -4.758  1.00   22.42 ? 4    SER A OG  1 
ATOM   24   N  N   . THR A 1 18  ? 0.640   -10.112 -4.451  1.00   19.79 ? 5    THR A N   1 
ATOM   25   C  CA  . THR A 1 18  ? 0.288   -8.762  -3.935  1.00   19.78 ? 5    THR A CA  1 
ATOM   26   C  C   . THR A 1 18  ? 1.540   -8.049  -3.477  1.00   19.30 ? 5    THR A C   1 
ATOM   27   O  O   . THR A 1 18  ? 1.713   -6.869  -3.760  1.00   18.73 ? 5    THR A O   1 
ATOM   28   C  CB  . THR A 1 18  ? -0.724  -8.835  -2.786  1.00   21.18 ? 5    THR A CB  1 
ATOM   29   O  OG1 . THR A 1 18  ? -1.904  -9.477  -3.297  1.00   23.31 ? 5    THR A OG1 1 
ATOM   30   C  CG2 . THR A 1 18  ? -1.127  -7.425  -2.365  1.00   20.23 ? 5    THR A CG2 1 
ATOM   31   N  N   . ARG A 1 19  ? 2.453   -8.784  -2.857  1.00   19.30 ? 6    ARG A N   1 
ATOM   32   C  CA  . ARG A 1 19  ? 3.716   -8.174  -2.474  1.00   18.96 ? 6    ARG A CA  1 
ATOM   33   C  C   . ARG A 1 19  ? 4.454   -7.618  -3.717  1.00   16.96 ? 6    ARG A C   1 
ATOM   34   O  O   . ARG A 1 19  ? 4.989   -6.504  -3.704  1.00   18.01 ? 6    ARG A O   1 
ATOM   35   C  CB  . ARG A 1 19  ? 4.565   -9.197  -1.734  1.00   21.49 ? 6    ARG A CB  1 
ATOM   36   C  CG  . ARG A 1 19  ? 5.926   -8.768  -1.407  1.00   23.92 ? 6    ARG A CG  1 
ATOM   37   C  CD  . ARG A 1 19  ? 6.400   -9.580  -0.147  1.00   29.55 ? 6    ARG A CD  1 
ATOM   38   N  NE  . ARG A 1 19  ? 6.527   -10.993 -0.443  1.00   31.56 ? 6    ARG A NE  1 
ATOM   39   C  CZ  . ARG A 1 19  ? 7.498   -11.758 0.066   1.00   33.47 ? 6    ARG A CZ  1 
ATOM   40   N  NH1 . ARG A 1 19  ? 7.572   -13.052 -0.255  1.00   33.51 ? 6    ARG A NH1 1 
ATOM   41   N  NH2 . ARG A 1 19  ? 8.421   -11.216 0.868   1.00   31.02 ? 6    ARG A NH2 1 
ATOM   42   N  N   . GLU A 1 20  ? 4.524   -8.408  -4.806  1.00   18.09 ? 7    GLU A N   1 
ATOM   43   C  CA  . GLU A 1 20  ? 5.180   -7.931  -6.033  1.00   18.54 ? 7    GLU A CA  1 
ATOM   44   C  C   . GLU A 1 20  ? 4.482   -6.693  -6.576  1.00   17.59 ? 7    GLU A C   1 
ATOM   45   O  O   . GLU A 1 20  ? 5.139   -5.717  -6.950  1.00   20.10 ? 7    GLU A O   1 
ATOM   46   C  CB  . GLU A 1 20  ? 5.197   -9.015  -7.114  1.00   20.44 ? 7    GLU A CB  1 
ATOM   47   C  CG  . GLU A 1 20  ? 6.245   -10.073 -6.878  1.00   22.61 ? 7    GLU A CG  1 
ATOM   48   C  CD  . GLU A 1 20  ? 6.195   -11.100 -7.977  1.00   29.90 ? 7    GLU A CD  1 
ATOM   49   O  OE1 . GLU A 1 20  ? 5.245   -11.929 -7.976  1.00   30.26 ? 7    GLU A OE1 1 
ATOM   50   O  OE2 . GLU A 1 20  ? 7.056   -11.034 -8.875  1.00   32.65 ? 7    GLU A OE2 1 
ATOM   51   N  N   . ILE A 1 21  ? 3.143   -6.727  -6.637  1.00   17.43 ? 8    ILE A N   1 
ATOM   52   C  CA  A ILE A 1 21  ? 2.492   -5.561  -7.242  0.50   18.69 ? 8    ILE A CA  1 
ATOM   53   C  CA  B ILE A 1 21  ? 2.363   -5.595  -7.171  0.50   19.29 ? 8    ILE A CA  1 
ATOM   54   C  C   . ILE A 1 21  ? 2.615   -4.329  -6.352  1.00   17.44 ? 8    ILE A C   1 
ATOM   55   O  O   . ILE A 1 21  ? 2.890   -3.247  -6.875  1.00   17.87 ? 8    ILE A O   1 
ATOM   56   C  CB  A ILE A 1 21  ? 1.081   -5.809  -7.804  0.50   19.83 ? 8    ILE A CB  1 
ATOM   57   C  CB  B ILE A 1 21  ? 0.856   -5.954  -7.201  0.50   20.80 ? 8    ILE A CB  1 
ATOM   58   C  CG1 A ILE A 1 21  ? 0.707   -4.653  -8.758  0.50   19.44 ? 8    ILE A CG1 1 
ATOM   59   C  CG1 B ILE A 1 21  ? 0.605   -7.029  -8.276  0.50   20.84 ? 8    ILE A CG1 1 
ATOM   60   C  CG2 A ILE A 1 21  ? 0.073   -6.024  -6.664  0.50   19.61 ? 8    ILE A CG2 1 
ATOM   61   C  CG2 B ILE A 1 21  ? -0.032  -4.712  -7.408  0.50   22.20 ? 8    ILE A CG2 1 
ATOM   62   C  CD1 A ILE A 1 21  ? -0.562  -4.865  -9.569  0.50   17.70 ? 8    ILE A CD1 1 
ATOM   63   C  CD1 B ILE A 1 21  ? 0.611   -6.511  -9.733  0.50   25.39 ? 8    ILE A CD1 1 
ATOM   64   N  N   . LEU A 1 22  ? 2.481   -4.488  -5.027  1.00   17.89 ? 9    LEU A N   1 
ATOM   65   C  CA  . LEU A 1 22  ? 2.696   -3.328  -4.180  1.00   16.87 ? 9    LEU A CA  1 
ATOM   66   C  C   . LEU A 1 22  ? 4.105   -2.779  -4.277  1.00   16.69 ? 9    LEU A C   1 
ATOM   67   O  O   . LEU A 1 22  ? 4.299   -1.551  -4.333  1.00   17.74 ? 9    LEU A O   1 
ATOM   68   C  CB  . LEU A 1 22  ? 2.335   -3.616  -2.701  1.00   17.97 ? 9    LEU A CB  1 
ATOM   69   C  CG  . LEU A 1 22  ? 2.469   -2.439  -1.732  1.00   16.56 ? 9    LEU A CG  1 
ATOM   70   C  CD1 . LEU A 1 22  ? 1.554   -1.264  -2.179  1.00   17.98 ? 9    LEU A CD1 1 
ATOM   71   C  CD2 . LEU A 1 22  ? 2.004   -2.869  -0.368  1.00   17.87 ? 9    LEU A CD2 1 
ATOM   72   N  N   . LEU A 1 23  ? 5.087   -3.675  -4.307  1.00   16.28 ? 10   LEU A N   1 
ATOM   73   C  CA  . LEU A 1 23  ? 6.467   -3.192  -4.352  1.00   16.23 ? 10   LEU A CA  1 
ATOM   74   C  C   . LEU A 1 23  ? 6.720   -2.480  -5.711  1.00   16.89 ? 10   LEU A C   1 
ATOM   75   O  O   . LEU A 1 23  ? 7.370   -1.421  -5.734  1.00   17.29 ? 10   LEU A O   1 
ATOM   76   C  CB  . LEU A 1 23  ? 7.450   -4.339  -4.138  1.00   16.23 ? 10   LEU A CB  1 
ATOM   77   C  CG  . LEU A 1 23  ? 8.921   -4.009  -4.301  1.00   18.83 ? 10   LEU A CG  1 
ATOM   78   C  CD1 . LEU A 1 23  ? 9.358   -2.878  -3.363  1.00   18.96 ? 10   LEU A CD1 1 
ATOM   79   C  CD2 . LEU A 1 23  ? 9.638   -5.320  -4.025  1.00   21.99 ? 10   LEU A CD2 1 
ATOM   80   N  N   . ALA A 1 24  ? 6.200   -3.040  -6.807  1.00   16.74 ? 11   ALA A N   1 
ATOM   81   C  CA  . ALA A 1 24  ? 6.361   -2.395  -8.104  1.00   17.63 ? 11   ALA A CA  1 
ATOM   82   C  C   . ALA A 1 24  ? 5.702   -1.010  -8.086  1.00   16.92 ? 11   ALA A C   1 
ATOM   83   O  O   . ALA A 1 24  ? 6.282   -0.053  -8.632  1.00   18.40 ? 11   ALA A O   1 
ATOM   84   C  CB  . ALA A 1 24  ? 5.745   -3.252  -9.191  1.00   17.78 ? 11   ALA A CB  1 
ATOM   85   N  N   . LEU A 1 25  ? 4.523   -0.902  -7.461  1.00   16.77 ? 12   LEU A N   1 
ATOM   86   C  CA  . LEU A 1 25  ? 3.819   0.410   -7.364  1.00   16.35 ? 12   LEU A CA  1 
ATOM   87   C  C   . LEU A 1 25  ? 4.628   1.421   -6.580  1.00   17.97 ? 12   LEU A C   1 
ATOM   88   O  O   . LEU A 1 25  ? 4.728   2.613   -6.924  1.00   18.85 ? 12   LEU A O   1 
ATOM   89   C  CB  . LEU A 1 25  ? 2.463   0.201   -6.695  1.00   18.82 ? 12   LEU A CB  1 
ATOM   90   C  CG  . LEU A 1 25  ? 1.437   -0.448  -7.638  1.00   18.08 ? 12   LEU A CG  1 
ATOM   91   C  CD1 . LEU A 1 25  ? 0.276   -0.992  -6.856  1.00   19.16 ? 12   LEU A CD1 1 
ATOM   92   C  CD2 . LEU A 1 25  ? 0.912   0.641   -8.591  1.00   20.27 ? 12   LEU A CD2 1 
ATOM   93   N  N   . CYS A 1 26  ? 5.232   0.961   -5.483  1.00   15.70 ? 13   CYS A N   1 
ATOM   94   C  CA  . CYS A 1 26  ? 6.035   1.886   -4.690  1.00   17.33 ? 13   CYS A CA  1 
ATOM   95   C  C   . CYS A 1 26  ? 7.278   2.351   -5.435  1.00   17.85 ? 13   CYS A C   1 
ATOM   96   O  O   . CYS A 1 26  ? 7.705   3.490   -5.286  1.00   18.37 ? 13   CYS A O   1 
ATOM   97   C  CB  . CYS A 1 26  ? 6.418   1.267   -3.341  1.00   17.24 ? 13   CYS A CB  1 
ATOM   98   S  SG  . CYS A 1 26  ? 5.015   1.050   -2.179  1.00   19.05 ? 13   CYS A SG  1 
ATOM   99   N  N   . ILE A 1 27  ? 7.906   1.421   -6.129  1.00   17.01 ? 14   ILE A N   1 
ATOM   100  C  CA  . ILE A 1 27  ? 9.055   1.830   -6.924  1.00   17.38 ? 14   ILE A CA  1 
ATOM   101  C  C   . ILE A 1 27  ? 8.672   2.808   -8.041  1.00   18.40 ? 14   ILE A C   1 
ATOM   102  O  O   . ILE A 1 27  ? 9.338   3.832   -8.213  1.00   19.85 ? 14   ILE A O   1 
ATOM   103  C  CB  . ILE A 1 27  ? 9.723   0.583   -7.480  1.00   16.84 ? 14   ILE A CB  1 
ATOM   104  C  CG1 . ILE A 1 27  ? 10.412  -0.220  -6.350  1.00   19.08 ? 14   ILE A CG1 1 
ATOM   105  C  CG2 . ILE A 1 27  ? 10.816  0.958   -8.594  1.00   19.04 ? 14   ILE A CG2 1 
ATOM   106  C  CD1 . ILE A 1 27  ? 10.678  -1.723  -6.731  1.00   20.83 ? 14   ILE A CD1 1 
ATOM   107  N  N   . ARG A 1 28  ? 7.652   2.475   -8.810  1.00   17.42 ? 15   ARG A N   1 
ATOM   108  C  CA  . ARG A 1 28  ? 7.164   3.423   -9.814  1.00   19.80 ? 15   ARG A CA  1 
ATOM   109  C  C   . ARG A 1 28  ? 6.871   4.792   -9.174  1.00   19.74 ? 15   ARG A C   1 
ATOM   110  O  O   . ARG A 1 28  ? 7.303   5.861   -9.686  1.00   21.14 ? 15   ARG A O   1 
ATOM   111  C  CB  . ARG A 1 28  ? 5.929   2.852   -10.509 1.00   19.47 ? 15   ARG A CB  1 
ATOM   112  C  CG  . ARG A 1 28  ? 5.237   3.850   -11.494 1.00   23.97 ? 15   ARG A CG  1 
ATOM   113  C  CD  . ARG A 1 28  ? 6.221   4.262   -12.591 1.00   25.94 ? 15   ARG A CD  1 
ATOM   114  N  NE  . ARG A 1 28  ? 5.598   5.254   -13.459 1.00   32.62 ? 15   ARG A NE  1 
ATOM   115  C  CZ  . ARG A 1 28  ? 6.125   5.703   -14.589 1.00   37.56 ? 15   ARG A CZ  1 
ATOM   116  N  NH1 . ARG A 1 28  ? 7.310   5.259   -14.994 1.00   35.06 ? 15   ARG A NH1 1 
ATOM   117  N  NH2 . ARG A 1 28  ? 5.445   6.597   -15.304 1.00   35.87 ? 15   ARG A NH2 1 
ATOM   118  N  N   . ASP A 1 29  ? 6.163   4.785   -8.028  1.00   18.34 ? 16   ASP A N   1 
ATOM   119  C  CA  . ASP A 1 29  ? 5.810   6.041   -7.382  1.00   18.79 ? 16   ASP A CA  1 
ATOM   120  C  C   . ASP A 1 29  ? 7.088   6.822   -7.056  1.00   22.07 ? 16   ASP A C   1 
ATOM   121  O  O   . ASP A 1 29  ? 7.119   8.048   -7.260  1.00   24.25 ? 16   ASP A O   1 
ATOM   122  C  CB  . ASP A 1 29  ? 4.966   5.795   -6.146  1.00   18.22 ? 16   ASP A CB  1 
ATOM   123  C  CG  . ASP A 1 29  ? 4.254   7.028   -5.700  1.00   21.34 ? 16   ASP A CG  1 
ATOM   124  O  OD1 . ASP A 1 29  ? 3.426   7.547   -6.482  1.00   22.91 ? 16   ASP A OD1 1 
ATOM   125  O  OD2 . ASP A 1 29  ? 4.498   7.440   -4.563  1.00   24.98 ? 16   ASP A OD2 1 
ATOM   126  N  N   . SER A 1 30  ? 8.148   6.139   -6.600  1.00   21.41 ? 17   SER A N   1 
ATOM   127  C  CA  . SER A 1 30  ? 9.446   6.792   -6.349  1.00   23.37 ? 17   SER A CA  1 
ATOM   128  C  C   . SER A 1 30  ? 10.078  7.328   -7.612  1.00   24.50 ? 17   SER A C   1 
ATOM   129  O  O   . SER A 1 30  ? 10.690  8.412   -7.571  1.00   27.17 ? 17   SER A O   1 
ATOM   130  C  CB  . SER A 1 30  ? 10.418  5.832   -5.669  1.00   24.72 ? 17   SER A CB  1 
ATOM   131  O  OG  . SER A 1 30  ? 10.051  5.670   -4.308  1.00   29.41 ? 17   SER A OG  1 
ATOM   132  N  N   . ARG A 1 31  ? 9.978   6.553   -8.704  1.00   24.83 ? 18   ARG A N   1 
ATOM   133  C  CA  . ARG A 1 31  ? 10.546  6.954   -9.998  1.00   25.18 ? 18   ARG A CA  1 
ATOM   134  C  C   . ARG A 1 31  ? 9.950   8.246   -10.504 1.00   26.41 ? 18   ARG A C   1 
ATOM   135  O  O   . ARG A 1 31  ? 10.596  8.951   -11.286 1.00   27.48 ? 18   ARG A O   1 
ATOM   136  C  CB  . ARG A 1 31  ? 10.374  5.846   -11.053 1.00   23.49 ? 18   ARG A CB  1 
ATOM   137  C  CG  . ARG A 1 31  ? 11.249  4.643   -10.773 1.00   25.83 ? 18   ARG A CG  1 
ATOM   138  C  CD  . ARG A 1 31  ? 12.707  4.952   -10.981 1.00   26.45 ? 18   ARG A CD  1 
ATOM   139  N  NE  . ARG A 1 31  ? 13.524  3.737   -10.868 1.00   25.08 ? 18   ARG A NE  1 
ATOM   140  C  CZ  . ARG A 1 31  ? 14.714  3.702   -10.292 1.00   25.39 ? 18   ARG A CZ  1 
ATOM   141  N  NH1 . ARG A 1 31  ? 15.232  4.810   -9.761  1.00   25.04 ? 18   ARG A NH1 1 
ATOM   142  N  NH2 . ARG A 1 31  ? 15.370  2.542   -10.209 1.00   26.12 ? 18   ARG A NH2 1 
ATOM   143  N  N   . VAL A 1 32  ? 8.738   8.558   -10.035 1.00   25.63 ? 19   VAL A N   1 
ATOM   144  C  CA  . VAL A 1 32  ? 8.007   9.763   -10.497 1.00   29.05 ? 19   VAL A CA  1 
ATOM   145  C  C   . VAL A 1 32  ? 7.831   10.854  -9.446  1.00   31.77 ? 19   VAL A C   1 
ATOM   146  O  O   . VAL A 1 32  ? 7.093   11.821  -9.680  1.00   35.11 ? 19   VAL A O   1 
ATOM   147  C  CB  . VAL A 1 32  ? 6.662   9.390   -11.178 1.00   27.04 ? 19   VAL A CB  1 
ATOM   148  C  CG1 . VAL A 1 32  ? 6.891   8.452   -12.340 1.00   29.89 ? 19   VAL A CG1 1 
ATOM   149  C  CG2 . VAL A 1 32  ? 5.668   8.790   -10.200 1.00   29.50 ? 19   VAL A CG2 1 
ATOM   150  N  N   . HIS A 1 33  ? 8.487   10.725  -8.303  1.00   33.71 ? 20   HIS A N   1 
ATOM   151  C  CA  . HIS A 1 33  ? 8.499   11.792  -7.302  1.00   36.20 ? 20   HIS A CA  1 
ATOM   152  C  C   . HIS A 1 33  ? 9.945   12.170  -6.980  1.00   39.12 ? 20   HIS A C   1 
ATOM   153  O  O   . HIS A 1 33  ? 10.861  11.338  -7.086  1.00   39.30 ? 20   HIS A O   1 
ATOM   154  C  CB  . HIS A 1 33  ? 7.719   11.408  -6.025  1.00   35.54 ? 20   HIS A CB  1 
ATOM   155  C  CG  . HIS A 1 33  ? 6.243   11.270  -6.237  1.00   34.15 ? 20   HIS A CG  1 
ATOM   156  N  ND1 . HIS A 1 33  ? 5.341   12.247  -5.873  1.00   35.61 ? 20   HIS A ND1 1 
ATOM   157  C  CD2 . HIS A 1 33  ? 5.510   10.280  -6.798  1.00   27.58 ? 20   HIS A CD2 1 
ATOM   158  C  CE1 . HIS A 1 33  ? 4.120   11.865  -6.207  1.00   32.07 ? 20   HIS A CE1 1 
ATOM   159  N  NE2 . HIS A 1 33  ? 4.194   10.677  -6.776  1.00   33.74 ? 20   HIS A NE2 1 
ATOM   160  N  N   . GLY A 1 34  ? 10.145  13.437  -6.621  1.00   41.03 ? 21   GLY A N   1 
ATOM   161  C  CA  . GLY A 1 34  ? 11.467  13.967  -6.275  1.00   43.52 ? 21   GLY A CA  1 
ATOM   162  C  C   . GLY A 1 34  ? 12.549  13.659  -7.297  1.00   45.21 ? 21   GLY A C   1 
ATOM   163  O  O   . GLY A 1 34  ? 12.369  13.937  -8.492  1.00   46.20 ? 21   GLY A O   1 
ATOM   164  N  N   . ASN A 1 35  ? 13.653  13.062  -6.827  1.00   46.04 ? 22   ASN A N   1 
ATOM   165  C  CA  . ASN A 1 35  ? 14.841  12.775  -7.659  1.00   46.53 ? 22   ASN A CA  1 
ATOM   166  C  C   . ASN A 1 35  ? 14.622  11.623  -8.644  1.00   45.44 ? 22   ASN A C   1 
ATOM   167  O  O   . ASN A 1 35  ? 15.447  11.407  -9.545  1.00   45.00 ? 22   ASN A O   1 
ATOM   168  C  CB  . ASN A 1 35  ? 16.083  12.424  -6.801  1.00   47.90 ? 22   ASN A CB  1 
ATOM   169  C  CG  . ASN A 1 35  ? 16.102  13.112  -5.432  1.00   50.30 ? 22   ASN A CG  1 
ATOM   170  O  OD1 . ASN A 1 35  ? 16.391  12.468  -4.421  1.00   52.93 ? 22   ASN A OD1 1 
ATOM   171  N  ND2 . ASN A 1 35  ? 15.818  14.415  -5.397  1.00   52.65 ? 22   ASN A ND2 1 
ATOM   172  N  N   . GLY A 1 36  ? 13.532  10.875  -8.443  1.00   43.04 ? 23   GLY A N   1 
ATOM   173  C  CA  . GLY A 1 36  ? 13.276  9.624   -9.167  1.00   41.25 ? 23   GLY A CA  1 
ATOM   174  C  C   . GLY A 1 36  ? 14.189  8.487   -8.722  1.00   39.59 ? 23   GLY A C   1 
ATOM   175  O  O   . GLY A 1 36  ? 14.255  7.435   -9.373  1.00   40.31 ? 23   GLY A O   1 
ATOM   176  N  N   . THR A 1 37  ? 14.887  8.709   -7.609  1.00   37.48 ? 24   THR A N   1 
ATOM   177  C  CA  . THR A 1 37  ? 15.870  7.781   -7.075  1.00   35.97 ? 24   THR A CA  1 
ATOM   178  C  C   . THR A 1 37  ? 15.159  6.829   -6.122  1.00   33.27 ? 24   THR A C   1 
ATOM   179  O  O   . THR A 1 37  ? 14.112  7.175   -5.542  1.00   33.14 ? 24   THR A O   1 
ATOM   180  C  CB  . THR A 1 37  ? 17.014  8.547   -6.361  1.00   36.15 ? 24   THR A CB  1 
ATOM   181  O  OG1 . THR A 1 37  ? 17.647  9.418   -7.304  1.00   39.44 ? 24   THR A OG1 1 
ATOM   182  C  CG2 . THR A 1 37  ? 18.055  7.610   -5.798  1.00   38.89 ? 24   THR A CG2 1 
ATOM   183  N  N   . LEU A 1 38  ? 15.720  5.624   -5.983  1.00   29.72 ? 25   LEU A N   1 
ATOM   184  C  CA  . LEU A 1 38  ? 15.132  4.619   -5.107  1.00   26.82 ? 25   LEU A CA  1 
ATOM   185  C  C   . LEU A 1 38  ? 15.811  4.551   -3.755  1.00   24.81 ? 25   LEU A C   1 
ATOM   186  O  O   . LEU A 1 38  ? 17.029  4.394   -3.629  1.00   24.02 ? 25   LEU A O   1 
ATOM   187  C  CB  . LEU A 1 38  ? 15.180  3.213   -5.735  1.00   28.27 ? 25   LEU A CB  1 
ATOM   188  C  CG  . LEU A 1 38  ? 14.349  2.860   -6.969  1.00   27.30 ? 25   LEU A CG  1 
ATOM   189  C  CD1 . LEU A 1 38  ? 14.297  1.333   -7.011  1.00   31.17 ? 25   LEU A CD1 1 
ATOM   190  C  CD2 . LEU A 1 38  ? 12.926  3.472   -6.934  1.00   27.30 ? 25   LEU A CD2 1 
ATOM   191  N  N   . HIS A 1 39  ? 15.000  4.603   -2.709  1.00   23.41 ? 26   HIS A N   1 
ATOM   192  C  CA  . HIS A 1 39  ? 15.531  4.404   -1.394  1.00   21.93 ? 26   HIS A CA  1 
ATOM   193  C  C   . HIS A 1 39  ? 16.186  3.015   -1.311  1.00   21.21 ? 26   HIS A C   1 
ATOM   194  O  O   . HIS A 1 39  ? 15.647  2.057   -1.850  1.00   20.79 ? 26   HIS A O   1 
ATOM   195  C  CB  . HIS A 1 39  ? 14.361  4.533   -0.374  1.00   21.61 ? 26   HIS A CB  1 
ATOM   196  C  CG  . HIS A 1 39  ? 14.823  4.549   1.044   1.00   21.61 ? 26   HIS A CG  1 
ATOM   197  N  ND1 . HIS A 1 39  ? 14.881  5.705   1.801   1.00   27.57 ? 26   HIS A ND1 1 
ATOM   198  C  CD2 . HIS A 1 39  ? 15.302  3.558   1.821   1.00   21.23 ? 26   HIS A CD2 1 
ATOM   199  C  CE1 . HIS A 1 39  ? 15.389  5.410   2.985   1.00   19.56 ? 26   HIS A CE1 1 
ATOM   200  N  NE2 . HIS A 1 39  ? 15.631  4.117   3.033   1.00   26.48 ? 26   HIS A NE2 1 
ATOM   201  N  N   . PRO A 1 40  ? 17.333  2.897   -0.601  1.00   22.31 ? 27   PRO A N   1 
ATOM   202  C  CA  . PRO A 1 40  ? 17.978  1.574   -0.422  1.00   21.55 ? 27   PRO A CA  1 
ATOM   203  C  C   . PRO A 1 40  ? 17.041  0.461   0.030   1.00   19.60 ? 27   PRO A C   1 
ATOM   204  O  O   . PRO A 1 40  ? 17.193  -0.692  -0.300  1.00   21.12 ? 27   PRO A O   1 
ATOM   205  C  CB  . PRO A 1 40  ? 19.060  1.824   0.660   1.00   22.32 ? 27   PRO A CB  1 
ATOM   206  C  CG  . PRO A 1 40  ? 19.197  3.259   0.768   1.00   26.30 ? 27   PRO A CG  1 
ATOM   207  C  CD  . PRO A 1 40  ? 18.135  3.986   -0.010  1.00   23.21 ? 27   PRO A CD  1 
ATOM   208  N  N   . VAL A 1 41  ? 16.025  0.831   0.809   1.00   20.08 ? 28   VAL A N   1 
ATOM   209  C  CA  . VAL A 1 41  ? 15.089  -0.143  1.257   1.00   20.45 ? 28   VAL A CA  1 
ATOM   210  C  C   . VAL A 1 41  ? 14.240  -0.793  0.102   1.00   20.25 ? 28   VAL A C   1 
ATOM   211  O  O   . VAL A 1 41  ? 13.884  -1.977  0.132   1.00   19.23 ? 28   VAL A O   1 
ATOM   212  C  CB  . VAL A 1 41  ? 14.156  0.585   2.266   1.00   21.21 ? 28   VAL A CB  1 
ATOM   213  C  CG1 . VAL A 1 41  ? 12.924  -0.204  2.478   1.00   22.55 ? 28   VAL A CG1 1 
ATOM   214  C  CG2 . VAL A 1 41  ? 14.907  0.840   3.585   1.00   23.15 ? 28   VAL A CG2 1 
ATOM   215  N  N   . LEU A 1 42  ? 13.932  0.021   -0.898  1.00   19.79 ? 29   LEU A N   1 
ATOM   216  C  CA  . LEU A 1 42  ? 13.162  -0.497  -2.021  1.00   19.09 ? 29   LEU A CA  1 
ATOM   217  C  C   . LEU A 1 42  ? 14.049  -1.389  -2.915  1.00   17.46 ? 29   LEU A C   1 
ATOM   218  O  O   . LEU A 1 42  ? 13.569  -2.366  -3.468  1.00   18.30 ? 29   LEU A O   1 
ATOM   219  C  CB  . LEU A 1 42  ? 12.542  0.641   -2.834  1.00   19.87 ? 29   LEU A CB  1 
ATOM   220  C  CG  . LEU A 1 42  ? 11.459  1.431   -2.100  1.00   21.24 ? 29   LEU A CG  1 
ATOM   221  C  CD1 . LEU A 1 42  ? 11.075  2.604   -2.969  1.00   23.25 ? 29   LEU A CD1 1 
ATOM   222  C  CD2 . LEU A 1 42  ? 10.273  0.500   -1.868  1.00   20.49 ? 29   LEU A CD2 1 
ATOM   223  N  N   . GLU A 1 43  ? 15.318  -1.010  -3.035  1.00   17.60 ? 30   GLU A N   1 
ATOM   224  C  CA  . GLU A 1 43  ? 16.310  -1.888  -3.697  1.00   17.75 ? 30   GLU A CA  1 
ATOM   225  C  C   . GLU A 1 43  ? 16.383  -3.240  -2.995  1.00   18.38 ? 30   GLU A C   1 
ATOM   226  O  O   . GLU A 1 43  ? 16.334  -4.307  -3.640  1.00   17.53 ? 30   GLU A O   1 
ATOM   227  C  CB  . GLU A 1 43  ? 17.687  -1.247  -3.706  1.00   17.95 ? 30   GLU A CB  1 
ATOM   228  C  CG  . GLU A 1 43  ? 17.796  0.138   -4.294  1.00   19.24 ? 30   GLU A CG  1 
ATOM   229  C  CD  . GLU A 1 43  ? 17.860  0.209   -5.826  1.00   19.00 ? 30   GLU A CD  1 
ATOM   230  O  OE1 . GLU A 1 43  ? 17.655  -0.830  -6.499  1.00   21.78 ? 30   GLU A OE1 1 
ATOM   231  O  OE2 . GLU A 1 43  ? 18.082  1.342   -6.310  1.00   19.84 ? 30   GLU A OE2 1 
ATOM   232  N  N   . LEU A 1 44  ? 16.483  -3.206  -1.651  1.00   18.88 ? 31   LEU A N   1 
ATOM   233  C  CA  . LEU A 1 44  ? 16.583  -4.431  -0.845  1.00   19.93 ? 31   LEU A CA  1 
ATOM   234  C  C   . LEU A 1 44  ? 15.335  -5.295  -1.019  1.00   17.16 ? 31   LEU A C   1 
ATOM   235  O  O   . LEU A 1 44  ? 15.406  -6.492  -1.209  1.00   17.86 ? 31   LEU A O   1 
ATOM   236  C  CB  . LEU A 1 44  ? 16.802  -4.066  0.664   1.00   21.94 ? 31   LEU A CB  1 
ATOM   237  C  CG  . LEU A 1 44  ? 16.870  -5.254  1.651   1.00   24.71 ? 31   LEU A CG  1 
ATOM   238  C  CD1 . LEU A 1 44  ? 17.517  -4.770  2.947   1.00   28.27 ? 31   LEU A CD1 1 
ATOM   239  C  CD2 . LEU A 1 44  ? 15.494  -5.861  1.963   1.00   24.99 ? 31   LEU A CD2 1 
ATOM   240  N  N   . ALA A 1 45  ? 14.171  -4.651  -0.934  1.00   17.97 ? 32   ALA A N   1 
ATOM   241  C  CA  . ALA A 1 45  ? 12.941  -5.406  -1.022  1.00   19.30 ? 32   ALA A CA  1 
ATOM   242  C  C   . ALA A 1 45  ? 12.813  -6.077  -2.391  1.00   18.81 ? 32   ALA A C   1 
ATOM   243  O  O   . ALA A 1 45  ? 12.315  -7.177  -2.505  1.00   19.38 ? 32   ALA A O   1 
ATOM   244  C  CB  . ALA A 1 45  ? 11.740  -4.492  -0.760  1.00   19.78 ? 32   ALA A CB  1 
ATOM   245  N  N   . ALA A 1 46  ? 13.252  -5.366  -3.445  1.00   18.94 ? 33   ALA A N   1 
ATOM   246  C  CA  . ALA A 1 46  ? 13.238  -5.971  -4.795  1.00   18.43 ? 33   ALA A CA  1 
ATOM   247  C  C   . ALA A 1 46  ? 14.118  -7.212  -4.863  1.00   18.71 ? 33   ALA A C   1 
ATOM   248  O  O   . ALA A 1 46  ? 13.750  -8.227  -5.466  1.00   19.38 ? 33   ALA A O   1 
ATOM   249  C  CB  . ALA A 1 46  ? 13.731  -4.928  -5.829  1.00   19.41 ? 33   ALA A CB  1 
ATOM   250  N  N   . ARG A 1 47  ? 15.303  -7.129  -4.244  1.00   17.32 ? 34   ARG A N   1 
ATOM   251  C  CA  . ARG A 1 47  ? 16.229  -8.256  -4.252  1.00   19.76 ? 34   ARG A CA  1 
ATOM   252  C  C   . ARG A 1 47  ? 15.638  -9.454  -3.511  1.00   20.39 ? 34   ARG A C   1 
ATOM   253  O  O   . ARG A 1 47  ? 15.740  -10.591 -3.968  1.00   21.70 ? 34   ARG A O   1 
ATOM   254  C  CB  . ARG A 1 47  ? 17.551  -7.840  -3.633  1.00   20.26 ? 34   ARG A CB  1 
ATOM   255  C  CG  . ARG A 1 47  ? 18.600  -8.896  -3.763  1.00   24.45 ? 34   ARG A CG  1 
ATOM   256  C  CD  . ARG A 1 47  ? 19.898  -8.454  -3.139  1.00   25.28 ? 34   ARG A CD  1 
ATOM   257  N  NE  . ARG A 1 47  ? 19.811  -8.620  -1.683  1.00   36.77 ? 34   ARG A NE  1 
ATOM   258  C  CZ  . ARG A 1 47  ? 19.922  -7.610  -0.825  1.00   38.84 ? 34   ARG A CZ  1 
ATOM   259  N  NH1 . ARG A 1 47  ? 20.155  -6.405  -1.290  1.00   36.93 ? 34   ARG A NH1 1 
ATOM   260  N  NH2 . ARG A 1 47  ? 19.820  -7.792  0.490   1.00   38.79 ? 34   ARG A NH2 1 
ATOM   261  N  N   . GLU A 1 48  ? 15.032  -9.182  -2.359  1.00   19.87 ? 35   GLU A N   1 
ATOM   262  C  CA  . GLU A 1 48  ? 14.618  -10.246 -1.407  1.00   21.67 ? 35   GLU A CA  1 
ATOM   263  C  C   . GLU A 1 48  ? 13.249  -10.851 -1.652  1.00   24.39 ? 35   GLU A C   1 
ATOM   264  O  O   . GLU A 1 48  ? 12.970  -11.953 -1.176  1.00   26.34 ? 35   GLU A O   1 
ATOM   265  C  CB  . GLU A 1 48  ? 14.694  -9.699  0.021   1.00   21.83 ? 35   GLU A CB  1 
ATOM   266  C  CG  . GLU A 1 48  ? 16.119  -9.440  0.499   1.00   22.05 ? 35   GLU A CG  1 
ATOM   267  C  CD  . GLU A 1 48  ? 16.943  -10.719 0.588   1.00   24.69 ? 35   GLU A CD  1 
ATOM   268  O  OE1 . GLU A 1 48  ? 18.182  -10.640 0.559   1.00   26.24 ? 35   GLU A OE1 1 
ATOM   269  O  OE2 . GLU A 1 48  ? 16.373  -11.829 0.625   1.00   27.34 ? 35   GLU A OE2 1 
ATOM   270  N  N   . THR A 1 49  ? 12.394  -10.155 -2.379  1.00   24.55 ? 36   THR A N   1 
ATOM   271  C  CA  . THR A 1 49  ? 11.007  -10.654 -2.544  1.00   25.44 ? 36   THR A CA  1 
ATOM   272  C  C   . THR A 1 49  ? 11.141  -12.028 -3.232  1.00   29.01 ? 36   THR A C   1 
ATOM   273  O  O   . THR A 1 49  ? 10.588  -12.977 -2.692  1.00   30.24 ? 36   THR A O   1 
ATOM   274  C  CB  . THR A 1 49  ? 10.092  -9.560  -3.137  1.00   25.52 ? 36   THR A CB  1 
ATOM   275  O  OG1 . THR A 1 49  ? 10.004  -8.497  -2.175  1.00   24.88 ? 36   THR A OG1 1 
ATOM   276  C  CG2 . THR A 1 49  ? 8.705   -10.085 -3.424  1.00   30.21 ? 36   THR A CG2 1 
ATOM   277  N  N   . PRO A 1 50  ? 11.427  -12.060 -4.532  1.00   28.46 ? 37   PRO A N   1 
ATOM   278  C  CA  . PRO A 1 50  ? 12.270  -11.193 -5.327  1.00   27.89 ? 37   PRO A CA  1 
ATOM   279  C  C   . PRO A 1 50  ? 11.202  -10.614 -6.242  1.00   28.48 ? 37   PRO A C   1 
ATOM   280  O  O   . PRO A 1 50  ? 10.158  -11.277 -6.490  1.00   29.35 ? 37   PRO A O   1 
ATOM   281  C  CB  . PRO A 1 50  ? 13.164  -12.140 -6.116  1.00   26.90 ? 37   PRO A CB  1 
ATOM   282  C  CG  . PRO A 1 50  ? 12.405  -13.484 -6.170  1.00   30.06 ? 37   PRO A CG  1 
ATOM   283  C  CD  . PRO A 1 50  ? 11.288  -13.413 -5.138  1.00   28.89 ? 37   PRO A CD  1 
ATOM   284  N  N   . LEU A 1 51  ? 11.396  -9.395  -6.718  1.00   26.48 ? 38   LEU A N   1 
ATOM   285  C  CA  . LEU A 1 51  ? 10.403  -8.765  -7.599  1.00   26.58 ? 38   LEU A CA  1 
ATOM   286  C  C   . LEU A 1 51  ? 10.570  -9.223  -9.056  1.00   28.53 ? 38   LEU A C   1 
ATOM   287  O  O   . LEU A 1 51  ? 11.644  -9.010  -9.633  1.00   29.89 ? 38   LEU A O   1 
ATOM   288  C  CB  . LEU A 1 51  ? 10.572  -7.258  -7.522  1.00   27.66 ? 38   LEU A CB  1 
ATOM   289  C  CG  . LEU A 1 51  ? 9.676   -6.428  -8.444  1.00   25.86 ? 38   LEU A CG  1 
ATOM   290  C  CD1 . LEU A 1 51  ? 8.199   -6.539  -8.072  1.00   25.46 ? 38   LEU A CD1 1 
ATOM   291  C  CD2 . LEU A 1 51  ? 10.136  -4.998  -8.374  1.00   25.39 ? 38   LEU A CD2 1 
ATOM   292  N  N   . ARG A 1 52  ? 9.528   -9.797  -9.661  1.00   28.14 ? 39   ARG A N   1 
ATOM   293  C  CA  . ARG A 1 52  ? 9.643   -10.243 -11.067 1.00   29.61 ? 39   ARG A CA  1 
ATOM   294  C  C   . ARG A 1 52  ? 8.777   -9.396  -11.989 1.00   29.23 ? 39   ARG A C   1 
ATOM   295  O  O   . ARG A 1 52  ? 8.697   -9.652  -13.183 1.00   31.24 ? 39   ARG A O   1 
ATOM   296  C  CB  . ARG A 1 52  ? 9.343   -11.746 -11.237 1.00   31.64 ? 39   ARG A CB  1 
ATOM   297  C  CG  . ARG A 1 52  ? 9.995   -12.607 -10.168 1.00   32.70 ? 39   ARG A CG  1 
ATOM   298  C  CD  . ARG A 1 52  ? 10.238  -14.050 -10.545 1.00   45.43 ? 39   ARG A CD  1 
ATOM   299  N  NE  . ARG A 1 52  ? 11.382  -14.551 -9.772  1.00   53.21 ? 39   ARG A NE  1 
ATOM   300  C  CZ  . ARG A 1 52  ? 11.606  -15.822 -9.447  1.00   55.99 ? 39   ARG A CZ  1 
ATOM   301  N  NH1 . ARG A 1 52  ? 10.762  -16.778 -9.827  1.00   57.67 ? 39   ARG A NH1 1 
ATOM   302  N  NH2 . ARG A 1 52  ? 12.681  -16.137 -8.734  1.00   57.21 ? 39   ARG A NH2 1 
ATOM   303  N  N   . LEU A 1 53  ? 8.159   -8.360  -11.421 1.00   27.53 ? 40   LEU A N   1 
ATOM   304  C  CA  . LEU A 1 53  ? 7.295   -7.449  -12.165 1.00   26.37 ? 40   LEU A CA  1 
ATOM   305  C  C   . LEU A 1 53  ? 8.001   -6.112  -12.394 1.00   25.21 ? 40   LEU A C   1 
ATOM   306  O  O   . LEU A 1 53  ? 8.536   -5.524  -11.435 1.00   28.07 ? 40   LEU A O   1 
ATOM   307  C  CB  . LEU A 1 53  ? 6.008   -7.238  -11.344 1.00   24.54 ? 40   LEU A CB  1 
ATOM   308  C  CG  . LEU A 1 53  ? 4.911   -6.307  -11.849 1.00   26.99 ? 40   LEU A CG  1 
ATOM   309  C  CD1 . LEU A 1 53  ? 4.323   -6.649  -13.215 1.00   25.49 ? 40   LEU A CD1 1 
ATOM   310  C  CD2 . LEU A 1 53  ? 3.812   -6.307  -10.807 1.00   26.16 ? 40   LEU A CD2 1 
ATOM   311  N  N   . SER A 1 54  ? 7.967   -5.598  -13.627 1.00   23.31 ? 41   SER A N   1 
ATOM   312  C  CA  . SER A 1 54  ? 8.534   -4.291  -13.925 1.00   21.81 ? 41   SER A CA  1 
ATOM   313  C  C   . SER A 1 54  ? 7.652   -3.141  -13.375 1.00   22.54 ? 41   SER A C   1 
ATOM   314  O  O   . SER A 1 54  ? 6.453   -3.107  -13.622 1.00   22.89 ? 41   SER A O   1 
ATOM   315  C  CB  . SER A 1 54  ? 8.681   -4.102  -15.442 1.00   20.49 ? 41   SER A CB  1 
ATOM   316  O  OG  . SER A 1 54  ? 9.028   -2.778  -15.781 1.00   25.74 ? 41   SER A OG  1 
ATOM   317  N  N   . PRO A 1 55  ? 8.274   -2.134  -12.739 1.00   24.95 ? 42   PRO A N   1 
ATOM   318  C  CA  . PRO A 1 55  ? 7.530   -0.926  -12.355 1.00   25.67 ? 42   PRO A CA  1 
ATOM   319  C  C   . PRO A 1 55  ? 6.974   -0.110  -13.541 1.00   26.43 ? 42   PRO A C   1 
ATOM   320  O  O   . PRO A 1 55  ? 6.072   0.745   -13.357 1.00   27.43 ? 42   PRO A O   1 
ATOM   321  C  CB  . PRO A 1 55  ? 8.536   -0.098  -11.560 1.00   25.61 ? 42   PRO A CB  1 
ATOM   322  C  CG  . PRO A 1 55  ? 9.872   -0.666  -11.865 1.00   31.18 ? 42   PRO A CG  1 
ATOM   323  C  CD  . PRO A 1 55  ? 9.701   -2.083  -12.380 1.00   26.04 ? 42   PRO A CD  1 
ATOM   324  N  N   . GLU A 1 56  ? 7.522   -0.371  -14.741 1.00   27.43 ? 43   GLU A N   1 
ATOM   325  C  CA  . GLU A 1 56  ? 7.025   0.267   -15.953 1.00   29.22 ? 43   GLU A CA  1 
ATOM   326  C  C   . GLU A 1 56  ? 6.046   -0.608  -16.724 1.00   27.88 ? 43   GLU A C   1 
ATOM   327  O  O   . GLU A 1 56  ? 5.584   -0.223  -17.793 1.00   28.40 ? 43   GLU A O   1 
ATOM   328  C  CB  . GLU A 1 56  ? 8.159   0.772   -16.859 1.00   30.61 ? 43   GLU A CB  1 
ATOM   329  C  CG  . GLU A 1 56  ? 8.582   2.185   -16.512 1.00   39.40 ? 43   GLU A CG  1 
ATOM   330  C  CD  . GLU A 1 56  ? 9.004   3.005   -17.735 1.00   47.68 ? 43   GLU A CD  1 
ATOM   331  O  OE1 . GLU A 1 56  ? 9.640   2.429   -18.659 1.00   50.40 ? 43   GLU A OE1 1 
ATOM   332  O  OE2 . GLU A 1 56  ? 8.700   4.228   -17.768 1.00   48.81 ? 43   GLU A OE2 1 
ATOM   333  N  N   . ASP A 1 57  ? 5.710   -1.768  -16.169 1.00   26.38 ? 44   ASP A N   1 
ATOM   334  C  CA  . ASP A 1 57  ? 4.692   -2.637  -16.770 1.00   25.73 ? 44   ASP A CA  1 
ATOM   335  C  C   . ASP A 1 57  ? 3.370   -1.919  -16.820 1.00   26.08 ? 44   ASP A C   1 
ATOM   336  O  O   . ASP A 1 57  ? 3.014   -1.209  -15.869 1.00   25.13 ? 44   ASP A O   1 
ATOM   337  C  CB  . ASP A 1 57  ? 4.548   -3.896  -15.944 1.00   25.12 ? 44   ASP A CB  1 
ATOM   338  C  CG  . ASP A 1 57  ? 3.761   -4.968  -16.648 1.00   30.47 ? 44   ASP A CG  1 
ATOM   339  O  OD1 . ASP A 1 57  ? 2.526   -4.836  -16.777 1.00   31.44 ? 44   ASP A OD1 1 
ATOM   340  O  OD2 . ASP A 1 57  ? 4.383   -5.972  -17.076 1.00   34.29 ? 44   ASP A OD2 1 
ATOM   341  N  N   . THR A 1 58  ? 2.620   -2.077  -17.913 1.00   25.60 ? 45   THR A N   1 
ATOM   342  C  CA  . THR A 1 58  ? 1.344   -1.357  -18.040 1.00   25.48 ? 45   THR A CA  1 
ATOM   343  C  C   . THR A 1 58  ? 0.392   -1.604  -16.871 1.00   25.03 ? 45   THR A C   1 
ATOM   344  O  O   . THR A 1 58  ? -0.310  -0.682  -16.468 1.00   25.46 ? 45   THR A O   1 
ATOM   345  C  CB  . THR A 1 58  ? 0.601   -1.608  -19.394 1.00   26.91 ? 45   THR A CB  1 
ATOM   346  O  OG1 . THR A 1 58  ? 0.395   -3.011  -19.591 1.00   28.98 ? 45   THR A OG1 1 
ATOM   347  C  CG2 . THR A 1 58  ? 1.392   -1.041  -20.559 1.00   30.94 ? 45   THR A CG2 1 
ATOM   348  N  N   . VAL A 1 59  ? 0.382   -2.827  -16.325 1.00   24.56 ? 46   VAL A N   1 
ATOM   349  C  CA  . VAL A 1 59  ? -0.518  -3.134  -15.193 1.00   25.28 ? 46   VAL A CA  1 
ATOM   350  C  C   . VAL A 1 59  ? -0.148  -2.261  -13.994 1.00   23.74 ? 46   VAL A C   1 
ATOM   351  O  O   . VAL A 1 59  ? -1.024  -1.739  -13.313 1.00   22.03 ? 46   VAL A O   1 
ATOM   352  C  CB  . VAL A 1 59  ? -0.555  -4.643  -14.794 1.00   24.92 ? 46   VAL A CB  1 
ATOM   353  C  CG1 . VAL A 1 59  ? 0.785   -5.114  -14.224 1.00   30.40 ? 46   VAL A CG1 1 
ATOM   354  C  CG2 . VAL A 1 59  ? -1.641  -4.913  -13.761 1.00   28.00 ? 46   VAL A CG2 1 
ATOM   355  N  N   . VAL A 1 60  ? 1.143   -2.053  -13.789 1.00   21.98 ? 47   VAL A N   1 
ATOM   356  C  CA  . VAL A 1 60  ? 1.597   -1.190  -12.696 1.00   21.25 ? 47   VAL A CA  1 
ATOM   357  C  C   . VAL A 1 60  ? 1.250   0.268   -12.973 1.00   21.53 ? 47   VAL A C   1 
ATOM   358  O  O   . VAL A 1 60  ? 0.784   0.972   -12.082 1.00   19.17 ? 47   VAL A O   1 
ATOM   359  C  CB  . VAL A 1 60  ? 3.106   -1.360  -12.417 1.00   20.45 ? 47   VAL A CB  1 
ATOM   360  C  CG1 . VAL A 1 60  ? 3.641   -0.344  -11.337 1.00   18.59 ? 47   VAL A CG1 1 
ATOM   361  C  CG2 . VAL A 1 60  ? 3.427   -2.852  -12.066 1.00   21.51 ? 47   VAL A CG2 1 
ATOM   362  N  N   . LEU A 1 61  ? 1.440   0.748   -14.206 1.00   21.52 ? 48   LEU A N   1 
ATOM   363  C  CA  . LEU A 1 61  ? 1.077   2.158   -14.497 1.00   21.81 ? 48   LEU A CA  1 
ATOM   364  C  C   . LEU A 1 61  ? -0.411  2.387   -14.296 1.00   21.96 ? 48   LEU A C   1 
ATOM   365  O  O   . LEU A 1 61  ? -0.824  3.438   -13.780 1.00   21.13 ? 48   LEU A O   1 
ATOM   366  C  CB  . LEU A 1 61  ? 1.495   2.605   -15.901 1.00   23.02 ? 48   LEU A CB  1 
ATOM   367  C  CG  . LEU A 1 61  ? 2.970   2.332   -16.200 1.00   26.03 ? 48   LEU A CG  1 
ATOM   368  C  CD1 . LEU A 1 61  ? 3.265   2.619   -17.673 1.00   29.54 ? 48   LEU A CD1 1 
ATOM   369  C  CD2 . LEU A 1 61  ? 3.858   3.161   -15.288 1.00   31.43 ? 48   LEU A CD2 1 
ATOM   370  N  N   . ARG A 1 62  ? -1.220  1.413   -14.705 1.00   20.00 ? 49   ARG A N   1 
ATOM   371  C  CA  . ARG A 1 62  ? -2.646  1.549   -14.570 1.00   22.06 ? 49   ARG A CA  1 
ATOM   372  C  C   . ARG A 1 62  ? -3.097  1.558   -13.121 1.00   20.71 ? 49   ARG A C   1 
ATOM   373  O  O   . ARG A 1 62  ? -3.874  2.427   -12.731 1.00   21.49 ? 49   ARG A O   1 
ATOM   374  C  CB  . ARG A 1 62  ? -3.360  0.484   -15.405 1.00   23.21 ? 49   ARG A CB  1 
ATOM   375  C  CG  . ARG A 1 62  ? -3.183  0.774   -16.908 1.00   24.56 ? 49   ARG A CG  1 
ATOM   376  C  CD  . ARG A 1 62  ? -3.596  -0.400  -17.770 1.00   28.25 ? 49   ARG A CD  1 
ATOM   377  N  NE  . ARG A 1 62  ? -5.027  -0.599  -17.712 1.00   27.41 ? 49   ARG A NE  1 
ATOM   378  C  CZ  . ARG A 1 62  ? -5.663  -1.540  -18.408 1.00   33.13 ? 49   ARG A CZ  1 
ATOM   379  N  NH1 . ARG A 1 62  ? -4.960  -2.367  -19.179 1.00   34.24 ? 49   ARG A NH1 1 
ATOM   380  N  NH2 . ARG A 1 62  ? -6.990  -1.662  -18.316 1.00   27.43 ? 49   ARG A NH2 1 
ATOM   381  N  N   . TYR A 1 63  ? -2.578  0.625   -12.316 1.00   20.14 ? 50   TYR A N   1 
ATOM   382  C  CA  . TYR A 1 63  ? -2.882  0.696   -10.884 1.00   18.52 ? 50   TYR A CA  1 
ATOM   383  C  C   . TYR A 1 63  ? -2.346  1.940   -10.240 1.00   18.24 ? 50   TYR A C   1 
ATOM   384  O  O   . TYR A 1 63  ? -2.980  2.453   -9.353  1.00   19.09 ? 50   TYR A O   1 
ATOM   385  C  CB  . TYR A 1 63  ? -2.322  -0.510  -10.135 1.00   18.30 ? 50   TYR A CB  1 
ATOM   386  C  CG  . TYR A 1 63  ? -3.256  -1.674  -10.178 1.00   16.90 ? 50   TYR A CG  1 
ATOM   387  C  CD1 . TYR A 1 63  ? -3.001  -2.773  -11.014 1.00   20.59 ? 50   TYR A CD1 1 
ATOM   388  C  CD2 . TYR A 1 63  ? -4.410  -1.675  -9.432  1.00   21.92 ? 50   TYR A CD2 1 
ATOM   389  C  CE1 . TYR A 1 63  ? -3.876  -3.858  -11.060 1.00   22.10 ? 50   TYR A CE1 1 
ATOM   390  C  CE2 . TYR A 1 63  ? -5.301  -2.730  -9.497  1.00   19.11 ? 50   TYR A CE2 1 
ATOM   391  C  CZ  . TYR A 1 63  ? -5.028  -3.813  -10.312 1.00   23.97 ? 50   TYR A CZ  1 
ATOM   392  O  OH  . TYR A 1 63  ? -5.934  -4.846  -10.311 1.00   24.77 ? 50   TYR A OH  1 
ATOM   393  N  N   . HIS A 1 64  ? -1.181  2.394   -10.671 1.00   17.99 ? 51   HIS A N   1 
ATOM   394  C  CA  . HIS A 1 64  ? -0.630  3.597   -10.076 1.00   19.01 ? 51   HIS A CA  1 
ATOM   395  C  C   . HIS A 1 64  ? -1.558  4.799   -10.215 1.00   20.00 ? 51   HIS A C   1 
ATOM   396  O  O   . HIS A 1 64  ? -1.742  5.557   -9.260  1.00   20.70 ? 51   HIS A O   1 
ATOM   397  C  CB  . HIS A 1 64  ? 0.744   3.879   -10.622 1.00   18.29 ? 51   HIS A CB  1 
ATOM   398  C  CG  . HIS A 1 64  ? 1.419   5.037   -9.961  1.00   22.56 ? 51   HIS A CG  1 
ATOM   399  N  ND1 . HIS A 1 64  ? 1.486   6.285   -10.535 1.00   28.20 ? 51   HIS A ND1 1 
ATOM   400  C  CD2 . HIS A 1 64  ? 2.054   5.143   -8.767  1.00   20.36 ? 51   HIS A CD2 1 
ATOM   401  C  CE1 . HIS A 1 64  ? 2.134   7.109   -9.726  1.00   27.59 ? 51   HIS A CE1 1 
ATOM   402  N  NE2 . HIS A 1 64  ? 2.479   6.445   -8.638  1.00   22.42 ? 51   HIS A NE2 1 
ATOM   403  N  N   . VAL A 1 65  ? -2.160  4.957   -11.388 1.00   18.80 ? 52   VAL A N   1 
ATOM   404  C  CA  . VAL A 1 65  ? -3.166  6.024   -11.541 1.00   19.57 ? 52   VAL A CA  1 
ATOM   405  C  C   . VAL A 1 65  ? -4.378  5.819   -10.630 1.00   19.18 ? 52   VAL A C   1 
ATOM   406  O  O   . VAL A 1 65  ? -4.860  6.795   -10.000 1.00   20.51 ? 52   VAL A O   1 
ATOM   407  C  CB  . VAL A 1 65  ? -3.679  6.149   -12.992 1.00   19.85 ? 52   VAL A CB  1 
ATOM   408  C  CG1 . VAL A 1 65  ? -4.736  7.288   -13.055 1.00   21.00 ? 52   VAL A CG1 1 
ATOM   409  C  CG2 . VAL A 1 65  ? -2.519  6.432   -13.960 1.00   27.59 ? 52   VAL A CG2 1 
ATOM   410  N  N   . LEU A 1 66  ? -4.907  4.596   -10.537 1.00   19.35 ? 53   LEU A N   1 
ATOM   411  C  CA  . LEU A 1 66  ? -6.087  4.387   -9.661  1.00   20.00 ? 53   LEU A CA  1 
ATOM   412  C  C   . LEU A 1 66  ? -5.751  4.714   -8.203  1.00   20.47 ? 53   LEU A C   1 
ATOM   413  O  O   . LEU A 1 66  ? -6.520  5.339   -7.486  1.00   19.55 ? 53   LEU A O   1 
ATOM   414  C  CB  . LEU A 1 66  ? -6.593  2.949   -9.692  1.00   22.56 ? 53   LEU A CB  1 
ATOM   415  C  CG  . LEU A 1 66  ? -7.218  2.329   -10.925 1.00   28.78 ? 53   LEU A CG  1 
ATOM   416  C  CD1 . LEU A 1 66  ? -7.655  0.926   -10.562 1.00   33.26 ? 53   LEU A CD1 1 
ATOM   417  C  CD2 . LEU A 1 66  ? -8.417  3.143   -11.379 1.00   33.52 ? 53   LEU A CD2 1 
ATOM   418  N  N   . LEU A 1 67  ? -4.606  4.253   -7.728  1.00   18.75 ? 54   LEU A N   1 
ATOM   419  C  CA  . LEU A 1 67  ? -4.225  4.545   -6.344  1.00   17.77 ? 54   LEU A CA  1 
ATOM   420  C  C   . LEU A 1 67  ? -3.941  6.032   -6.124  1.00   18.86 ? 54   LEU A C   1 
ATOM   421  O  O   . LEU A 1 67  ? -4.266  6.539   -5.056  1.00   19.22 ? 54   LEU A O   1 
ATOM   422  C  CB  . LEU A 1 67  ? -2.978  3.722   -5.971  1.00   19.33 ? 54   LEU A CB  1 
ATOM   423  C  CG  . LEU A 1 67  ? -3.141  2.207   -6.080  1.00   20.68 ? 54   LEU A CG  1 
ATOM   424  C  CD1 . LEU A 1 67  ? -1.973  1.523   -5.373  1.00   20.90 ? 54   LEU A CD1 1 
ATOM   425  C  CD2 . LEU A 1 67  ? -4.406  1.722   -5.473  1.00   19.49 ? 54   LEU A CD2 1 
ATOM   426  N  N   . GLU A 1 68  ? -3.329  6.720   -7.099  1.00   19.20 ? 55   GLU A N   1 
ATOM   427  C  CA  A GLU A 1 68  ? -3.120  8.159   -6.927  0.50   18.95 ? 55   GLU A CA  1 
ATOM   428  C  CA  B GLU A 1 68  ? -3.099  8.175   -6.977  0.50   20.36 ? 55   GLU A CA  1 
ATOM   429  C  C   . GLU A 1 68  ? -4.459  8.889   -6.852  1.00   20.18 ? 55   GLU A C   1 
ATOM   430  O  O   . GLU A 1 68  ? -4.599  9.810   -6.062  1.00   21.24 ? 55   GLU A O   1 
ATOM   431  C  CB  A GLU A 1 68  ? -2.231  8.746   -8.015  0.50   20.33 ? 55   GLU A CB  1 
ATOM   432  C  CB  B GLU A 1 68  ? -2.241  8.766   -8.133  0.50   21.37 ? 55   GLU A CB  1 
ATOM   433  C  CG  A GLU A 1 68  ? -2.065  10.265  -8.000  0.50   16.50 ? 55   GLU A CG  1 
ATOM   434  C  CG  B GLU A 1 68  ? -0.653  8.668   -7.952  0.50   23.73 ? 55   GLU A CG  1 
ATOM   435  C  CD  A GLU A 1 68  ? -1.418  10.867  -6.740  0.50   24.01 ? 55   GLU A CD  1 
ATOM   436  C  CD  B GLU A 1 68  ? 0.200   9.373   -9.078  0.50   22.61 ? 55   GLU A CD  1 
ATOM   437  O  OE1 A GLU A 1 68  ? -0.897  10.143  -5.863  0.50   25.81 ? 55   GLU A OE1 1 
ATOM   438  O  OE1 B GLU A 1 68  ? -0.157  9.095   -10.258 0.50   30.48 ? 55   GLU A OE1 1 
ATOM   439  O  OE2 A GLU A 1 68  ? -1.421  12.109  -6.639  0.50   21.84 ? 55   GLU A OE2 1 
ATOM   440  O  OE2 B GLU A 1 68  ? 1.242   10.145  -8.817  0.50   16.92 ? 55   GLU A OE2 1 
ATOM   441  N  N   . GLU A 1 69  ? -5.449  8.429   -7.617  1.00   19.01 ? 56   GLU A N   1 
ATOM   442  C  CA  . GLU A 1 69  ? -6.828  9.006   -7.539  1.00   21.47 ? 56   GLU A CA  1 
ATOM   443  C  C   . GLU A 1 69  ? -7.448  8.826   -6.158  1.00   21.16 ? 56   GLU A C   1 
ATOM   444  O  O   . GLU A 1 69  ? -8.030  9.752   -5.598  1.00   23.78 ? 56   GLU A O   1 
ATOM   445  C  CB  . GLU A 1 69  ? -7.736  8.386   -8.589  1.00   22.01 ? 56   GLU A CB  1 
ATOM   446  C  CG  . GLU A 1 69  ? -7.357  8.808   -9.983  1.00   22.22 ? 56   GLU A CG  1 
ATOM   447  C  CD  . GLU A 1 69  ? -8.036  8.021   -11.050 1.00   28.30 ? 56   GLU A CD  1 
ATOM   448  O  OE1 . GLU A 1 69  ? -8.699  6.996   -10.760 1.00   28.71 ? 56   GLU A OE1 1 
ATOM   449  O  OE2 . GLU A 1 69  ? -7.908  8.451   -12.223 1.00   25.27 ? 56   GLU A OE2 1 
ATOM   450  N  N   . ILE A 1 70  ? -7.296  7.626   -5.586  1.00   19.73 ? 57   ILE A N   1 
ATOM   451  C  CA  . ILE A 1 70  ? -7.758  7.401   -4.240  1.00   19.42 ? 57   ILE A CA  1 
ATOM   452  C  C   . ILE A 1 70  ? -7.018  8.254   -3.208  1.00   20.59 ? 57   ILE A C   1 
ATOM   453  O  O   . ILE A 1 70  ? -7.653  8.787   -2.312  1.00   20.45 ? 57   ILE A O   1 
ATOM   454  C  CB  . ILE A 1 70  ? -7.619  5.867   -3.881  1.00   19.50 ? 57   ILE A CB  1 
ATOM   455  C  CG1 . ILE A 1 70  ? -8.594  5.066   -4.774  1.00   20.69 ? 57   ILE A CG1 1 
ATOM   456  C  CG2 . ILE A 1 70  ? -7.887  5.635   -2.427  1.00   19.90 ? 57   ILE A CG2 1 
ATOM   457  C  CD1 . ILE A 1 70  ? -8.340  3.507   -4.756  1.00   21.33 ? 57   ILE A CD1 1 
ATOM   458  N  N   . ILE A 1 71  ? -5.688  8.366   -3.284  1.00   19.11 ? 58   ILE A N   1 
ATOM   459  C  CA  . ILE A 1 71  ? -4.941  9.240   -2.400  1.00   19.93 ? 58   ILE A CA  1 
ATOM   460  C  C   . ILE A 1 71  ? -5.438  10.669  -2.501  1.00   20.15 ? 58   ILE A C   1 
ATOM   461  O  O   . ILE A 1 71  ? -5.689  11.278  -1.476  1.00   21.10 ? 58   ILE A O   1 
ATOM   462  C  CB  . ILE A 1 71  ? -3.421  9.161   -2.700  1.00   20.81 ? 58   ILE A CB  1 
ATOM   463  C  CG1 . ILE A 1 71  ? -2.892  7.734   -2.387  1.00   19.53 ? 58   ILE A CG1 1 
ATOM   464  C  CG2 . ILE A 1 71  ? -2.642  10.217  -1.912  1.00   21.83 ? 58   ILE A CG2 1 
ATOM   465  C  CD1 . ILE A 1 71  ? -1.480  7.518   -2.916  1.00   19.88 ? 58   ILE A CD1 1 
ATOM   466  N  N   . GLU A 1 72  ? -5.563  11.170  -3.725  1.00   19.45 ? 59   GLU A N   1 
ATOM   467  C  CA  . GLU A 1 72  ? -5.952  12.596  -3.888  1.00   19.35 ? 59   GLU A CA  1 
ATOM   468  C  C   . GLU A 1 72  ? -7.338  12.831  -3.327  1.00   21.22 ? 59   GLU A C   1 
ATOM   469  O  O   . GLU A 1 72  ? -7.552  13.852  -2.625  1.00   22.15 ? 59   GLU A O   1 
ATOM   470  C  CB  . GLU A 1 72  ? -5.810  13.005  -5.346  1.00   20.73 ? 59   GLU A CB  1 
ATOM   471  C  CG  . GLU A 1 72  ? -4.342  13.024  -5.805  1.00   21.18 ? 59   GLU A CG  1 
ATOM   472  C  CD  . GLU A 1 72  ? -4.174  13.614  -7.203  1.00   28.54 ? 59   GLU A CD  1 
ATOM   473  O  OE1 . GLU A 1 72  ? -5.158  14.145  -7.727  1.00   30.90 ? 59   GLU A OE1 1 
ATOM   474  O  OE2 . GLU A 1 72  ? -3.053  13.523  -7.765  1.00   31.66 ? 59   GLU A OE2 1 
ATOM   475  N  N   . ARG A 1 73  ? -8.282  11.933  -3.608  1.00   21.04 ? 60   ARG A N   1 
ATOM   476  C  CA  . ARG A 1 73  ? -9.671  12.098  -3.085  1.00   23.99 ? 60   ARG A CA  1 
ATOM   477  C  C   . ARG A 1 73  ? -9.744  12.082  -1.567  1.00   24.85 ? 60   ARG A C   1 
ATOM   478  O  O   . ARG A 1 73  ? -10.694 12.642  -0.962  1.00   24.14 ? 60   ARG A O   1 
ATOM   479  C  CB  . ARG A 1 73  ? -10.603 11.014  -3.623  1.00   24.81 ? 60   ARG A CB  1 
ATOM   480  C  CG  . ARG A 1 73  ? -11.146 11.260  -4.992  1.00   32.11 ? 60   ARG A CG  1 
ATOM   481  C  CD  . ARG A 1 73  ? -12.077 10.096  -5.403  1.00   35.39 ? 60   ARG A CD  1 
ATOM   482  N  NE  . ARG A 1 73  ? -11.458 9.151   -6.353  1.00   44.27 ? 60   ARG A NE  1 
ATOM   483  C  CZ  . ARG A 1 73  ? -11.505 7.818   -6.253  1.00   43.41 ? 60   ARG A CZ  1 
ATOM   484  N  NH1 . ARG A 1 73  ? -12.172 7.233   -5.269  1.00   43.21 ? 60   ARG A NH1 1 
ATOM   485  N  NH2 . ARG A 1 73  ? -10.915 7.061   -7.155  1.00   44.50 ? 60   ARG A NH2 1 
ATOM   486  N  N   . ASN A 1 74  ? -8.800  11.369  -0.934  1.00   20.99 ? 61   ASN A N   1 
ATOM   487  C  CA  . ASN A 1 74  ? -8.788  11.202  0.500   1.00   21.73 ? 61   ASN A CA  1 
ATOM   488  C  C   . ASN A 1 74  ? -7.520  11.757  1.111   1.00   20.45 ? 61   ASN A C   1 
ATOM   489  O  O   . ASN A 1 74  ? -7.015  11.254  2.119   1.00   21.60 ? 61   ASN A O   1 
ATOM   490  C  CB  . ASN A 1 74  ? -8.941  9.713   0.868   1.00   21.74 ? 61   ASN A CB  1 
ATOM   491  C  CG  . ASN A 1 74  ? -10.148 9.098   0.221   1.00   23.61 ? 61   ASN A CG  1 
ATOM   492  O  OD1 . ASN A 1 74  ? -10.059 8.489   -0.872  1.00   26.92 ? 61   ASN A OD1 1 
ATOM   493  N  ND2 . ASN A 1 74  ? -11.303 9.304   0.835   1.00   23.68 ? 61   ASN A ND2 1 
ATOM   494  N  N   . SER A 1 75  ? -7.028  12.828  0.476   1.00   20.33 ? 62   SER A N   1 
ATOM   495  C  CA  . SER A 1 75  ? -5.718  13.381  0.796   1.00   20.45 ? 62   SER A CA  1 
ATOM   496  C  C   . SER A 1 75  ? -5.485  13.606  2.270   1.00   18.79 ? 62   SER A C   1 
ATOM   497  O  O   . SER A 1 75  ? -4.467  13.172  2.844   1.00   20.98 ? 62   SER A O   1 
ATOM   498  C  CB  . SER A 1 75  ? -5.549  14.707  0.034   1.00   22.68 ? 62   SER A CB  1 
ATOM   499  O  OG  . SER A 1 75  ? -4.265  15.233  0.292   1.00   24.38 ? 62   SER A OG  1 
ATOM   500  N  N   . GLU A 1 76  ? -6.415  14.304  2.913   1.00   17.83 ? 63   GLU A N   1 
ATOM   501  C  CA  . GLU A 1 76  ? -6.197  14.658  4.306   1.00   17.53 ? 63   GLU A CA  1 
ATOM   502  C  C   . GLU A 1 76  ? -6.335  13.450  5.238   1.00   17.88 ? 63   GLU A C   1 
ATOM   503  O  O   . GLU A 1 76  ? -5.576  13.274  6.194   1.00   18.59 ? 63   GLU A O   1 
ATOM   504  C  CB  . GLU A 1 76  ? -7.187  15.763  4.750   1.00   19.46 ? 63   GLU A CB  1 
ATOM   505  C  CG  . GLU A 1 76  ? -7.125  16.083  6.217   1.00   25.64 ? 63   GLU A CG  1 
ATOM   506  C  CD  . GLU A 1 76  ? -5.801  16.653  6.690   1.00   21.45 ? 63   GLU A CD  1 
ATOM   507  O  OE1 . GLU A 1 76  ? -4.973  17.088  5.858   1.00   26.15 ? 63   GLU A OE1 1 
ATOM   508  O  OE2 . GLU A 1 76  ? -5.603  16.655  7.949   1.00   29.46 ? 63   GLU A OE2 1 
ATOM   509  N  N   . THR A 1 77  ? -7.296  12.596  4.944   1.00   18.18 ? 64   THR A N   1 
ATOM   510  C  CA  . THR A 1 77  ? -7.480  11.414  5.756   1.00   17.82 ? 64   THR A CA  1 
ATOM   511  C  C   . THR A 1 77  ? -6.232  10.505  5.655   1.00   17.61 ? 64   THR A C   1 
ATOM   512  O  O   . THR A 1 77  ? -5.806  9.946   6.668   1.00   19.09 ? 64   THR A O   1 
ATOM   513  C  CB  . THR A 1 77  ? -8.739  10.645  5.340   1.00   18.47 ? 64   THR A CB  1 
ATOM   514  O  OG1 . THR A 1 77  ? -9.898  11.498  5.619   1.00   20.34 ? 64   THR A OG1 1 
ATOM   515  C  CG2 . THR A 1 77  ? -8.870  9.316   6.157   1.00   19.31 ? 64   THR A CG2 1 
ATOM   516  N  N   . PHE A 1 78  ? -5.645  10.427  4.459   1.00   18.96 ? 65   PHE A N   1 
ATOM   517  C  CA  . PHE A 1 78  ? -4.386  9.646   4.352   1.00   19.01 ? 65   PHE A CA  1 
ATOM   518  C  C   . PHE A 1 78  ? -3.251  10.293  5.112   1.00   19.07 ? 65   PHE A C   1 
ATOM   519  O  O   . PHE A 1 78  ? -2.452  9.593   5.767   1.00   19.87 ? 65   PHE A O   1 
ATOM   520  C  CB  . PHE A 1 78  ? -4.034  9.458   2.884   1.00   20.08 ? 65   PHE A CB  1 
ATOM   521  C  CG  . PHE A 1 78  ? -4.731  8.296   2.255   1.00   18.50 ? 65   PHE A CG  1 
ATOM   522  C  CD1 . PHE A 1 78  ? -5.971  7.812   2.746   1.00   23.39 ? 65   PHE A CD1 1 
ATOM   523  C  CD2 . PHE A 1 78  ? -4.112  7.601   1.228   1.00   22.53 ? 65   PHE A CD2 1 
ATOM   524  C  CE1 . PHE A 1 78  ? -6.580  6.663   2.154   1.00   23.08 ? 65   PHE A CE1 1 
ATOM   525  C  CE2 . PHE A 1 78  ? -4.708  6.489   0.653   1.00   22.29 ? 65   PHE A CE2 1 
ATOM   526  C  CZ  . PHE A 1 78  ? -5.914  5.996   1.076   1.00   18.54 ? 65   PHE A CZ  1 
ATOM   527  N  N   . THR A 1 79  ? -3.117  11.613  5.014   1.00   19.24 ? 66   THR A N   1 
ATOM   528  C  CA  . THR A 1 79  ? -2.098  12.310  5.801   1.00   18.81 ? 66   THR A CA  1 
ATOM   529  C  C   . THR A 1 79  ? -2.281  12.079  7.302   1.00   20.52 ? 66   THR A C   1 
ATOM   530  O  O   . THR A 1 79  ? -1.337  11.762  8.025   1.00   19.79 ? 66   THR A O   1 
ATOM   531  C  CB  . THR A 1 79  ? -2.098  13.819  5.501   1.00   19.44 ? 66   THR A CB  1 
ATOM   532  O  OG1 . THR A 1 79  ? -1.745  13.963  4.127   1.00   22.87 ? 66   THR A OG1 1 
ATOM   533  C  CG2 . THR A 1 79  ? -1.090  14.537  6.385   1.00   20.33 ? 66   THR A CG2 1 
ATOM   534  N  N   . GLU A 1 80  ? -3.514  12.270  7.793   1.00   18.86 ? 67   GLU A N   1 
ATOM   535  C  CA  . GLU A 1 80  ? -3.786  12.140  9.208   1.00   20.62 ? 67   GLU A CA  1 
ATOM   536  C  C   . GLU A 1 80  ? -3.590  10.728  9.767   1.00   17.91 ? 67   GLU A C   1 
ATOM   537  O  O   . GLU A 1 80  ? -2.984  10.526  10.836  1.00   19.16 ? 67   GLU A O   1 
ATOM   538  C  CB  . GLU A 1 80  ? -5.240  12.583  9.511   1.00   22.93 ? 67   GLU A CB  1 
ATOM   539  C  CG  . GLU A 1 80  ? -5.452  14.025  9.833   1.00   28.67 ? 67   GLU A CG  1 
ATOM   540  C  CD  . GLU A 1 80  ? -6.892  14.274  10.338  1.00   24.46 ? 67   GLU A CD  1 
ATOM   541  O  OE1 . GLU A 1 80  ? -7.160  14.105  11.537  1.00   39.96 ? 67   GLU A OE1 1 
ATOM   542  O  OE2 . GLU A 1 80  ? -7.691  14.652  9.467   1.00   33.68 ? 67   GLU A OE2 1 
ATOM   543  N  N   . THR A 1 81  ? -4.142  9.757   9.031   1.00   18.13 ? 68   THR A N   1 
ATOM   544  C  CA  . THR A 1 81  ? -4.030  8.353   9.481   1.00   18.34 ? 68   THR A CA  1 
ATOM   545  C  C   . THR A 1 81  ? -2.552  7.925   9.504   1.00   18.36 ? 68   THR A C   1 
ATOM   546  O  O   . THR A 1 81  ? -2.110  7.269   10.452  1.00   17.66 ? 68   THR A O   1 
ATOM   547  C  CB  . THR A 1 81  ? -4.878  7.418   8.604   1.00   18.30 ? 68   THR A CB  1 
ATOM   548  O  OG1 . THR A 1 81  ? -4.574  7.635   7.246   1.00   18.77 ? 68   THR A OG1 1 
ATOM   549  C  CG2 . THR A 1 81  ? -6.401  7.625   8.891   1.00   18.26 ? 68   THR A CG2 1 
ATOM   550  N  N   . TRP A 1 82  ? -1.805  8.314   8.461   1.00   18.33 ? 69   TRP A N   1 
ATOM   551  C  CA  . TRP A 1 82  ? -0.380  7.917   8.455   1.00   17.82 ? 69   TRP A CA  1 
ATOM   552  C  C   . TRP A 1 82  ? 0.369   8.635   9.582   1.00   19.57 ? 69   TRP A C   1 
ATOM   553  O  O   . TRP A 1 82  ? 1.107   7.995   10.331  1.00   20.17 ? 69   TRP A O   1 
ATOM   554  C  CB  . TRP A 1 82  ? 0.247   8.195   7.089   1.00   18.32 ? 69   TRP A CB  1 
ATOM   555  C  CG  . TRP A 1 82  ? 1.691   7.889   7.170   1.00   19.82 ? 69   TRP A CG  1 
ATOM   556  C  CD1 . TRP A 1 82  ? 2.709   8.781   7.156   1.00   19.14 ? 69   TRP A CD1 1 
ATOM   557  C  CD2 . TRP A 1 82  ? 2.266   6.600   7.414   1.00   18.75 ? 69   TRP A CD2 1 
ATOM   558  N  NE1 . TRP A 1 82  ? 3.935   8.098   7.305   1.00   21.53 ? 69   TRP A NE1 1 
ATOM   559  C  CE2 . TRP A 1 82  ? 3.667   6.778   7.500   1.00   19.38 ? 69   TRP A CE2 1 
ATOM   560  C  CE3 . TRP A 1 82  ? 1.730   5.299   7.554   1.00   18.43 ? 69   TRP A CE3 1 
ATOM   561  C  CZ2 . TRP A 1 82  ? 4.547   5.684   7.709   1.00   18.51 ? 69   TRP A CZ2 1 
ATOM   562  C  CZ3 . TRP A 1 82  ? 2.585   4.228   7.776   1.00   17.97 ? 69   TRP A CZ3 1 
ATOM   563  C  CH2 . TRP A 1 82  ? 3.985   4.442   7.850   1.00   18.90 ? 69   TRP A CH2 1 
ATOM   564  N  N   . ASN A 1 83  ? 0.155   9.945   9.758   1.00   19.31 ? 70   ASN A N   1 
ATOM   565  C  CA  . ASN A 1 83  ? 0.860   10.627  10.825  1.00   20.90 ? 70   ASN A CA  1 
ATOM   566  C  C   . ASN A 1 83  ? 0.526   10.044  12.194  1.00   20.79 ? 70   ASN A C   1 
ATOM   567  O  O   . ASN A 1 83  ? 1.429   9.839   13.020  1.00   22.70 ? 70   ASN A O   1 
ATOM   568  C  CB  . ASN A 1 83  ? 0.638   12.162  10.774  1.00   21.24 ? 70   ASN A CB  1 
ATOM   569  C  CG  . ASN A 1 83  ? 1.367   12.800  9.572   1.00   27.56 ? 70   ASN A CG  1 
ATOM   570  O  OD1 . ASN A 1 83  ? 2.258   12.185  8.949   1.00   32.21 ? 70   ASN A OD1 1 
ATOM   571  N  ND2 . ASN A 1 83  ? 0.987   14.018  9.227   1.00   30.22 ? 70   ASN A ND2 1 
ATOM   572  N  N   . ARG A 1 84  ? -0.740  9.704   12.436  1.00   19.87 ? 71   ARG A N   1 
ATOM   573  C  CA  . ARG A 1 84  ? -1.105  9.129   13.741  1.00   20.61 ? 71   ARG A CA  1 
ATOM   574  C  C   . ARG A 1 84  ? -0.427  7.783   13.949  1.00   22.77 ? 71   ARG A C   1 
ATOM   575  O  O   . ARG A 1 84  ? 0.057   7.469   15.039  1.00   22.73 ? 71   ARG A O   1 
ATOM   576  C  CB  . ARG A 1 84  ? -2.641  9.019   13.890  1.00   21.88 ? 71   ARG A CB  1 
ATOM   577  C  CG  . ARG A 1 84  ? -3.095  8.345   15.181  1.00   29.77 ? 71   ARG A CG  1 
ATOM   578  C  CD  . ARG A 1 84  ? -4.128  9.118   15.973  1.00   37.79 ? 71   ARG A CD  1 
ATOM   579  N  NE  . ARG A 1 84  ? -4.240  8.479   17.291  1.00   36.71 ? 71   ARG A NE  1 
ATOM   580  C  CZ  . ARG A 1 84  ? -5.294  7.782   17.744  1.00   44.91 ? 71   ARG A CZ  1 
ATOM   581  N  NH1 . ARG A 1 84  ? -6.412  7.641   17.022  1.00   41.64 ? 71   ARG A NH1 1 
ATOM   582  N  NH2 . ARG A 1 84  ? -5.233  7.234   18.956  1.00   41.52 ? 71   ARG A NH2 1 
ATOM   583  N  N   . PHE A 1 85  ? -0.395  7.006   12.882  1.00   21.00 ? 72   PHE A N   1 
ATOM   584  C  CA  . PHE A 1 85  ? 0.176   5.650   12.936  1.00   18.90 ? 72   PHE A CA  1 
ATOM   585  C  C   . PHE A 1 85  ? 1.669   5.719   13.293  1.00   22.29 ? 72   PHE A C   1 
ATOM   586  O  O   . PHE A 1 85  ? 2.141   5.055   14.228  1.00   20.98 ? 72   PHE A O   1 
ATOM   587  C  CB  . PHE A 1 85  ? 0.041   4.986   11.552  1.00   20.53 ? 72   PHE A CB  1 
ATOM   588  C  CG  . PHE A 1 85  ? 0.640   3.572   11.479  1.00   20.24 ? 72   PHE A CG  1 
ATOM   589  C  CD1 . PHE A 1 85  ? 1.903   3.384   10.971  1.00   22.75 ? 72   PHE A CD1 1 
ATOM   590  C  CD2 . PHE A 1 85  ? -0.094  2.484   11.920  1.00   24.91 ? 72   PHE A CD2 1 
ATOM   591  C  CE1 . PHE A 1 85  ? 2.434   2.112   10.895  1.00   23.36 ? 72   PHE A CE1 1 
ATOM   592  C  CE2 . PHE A 1 85  ? 0.431   1.186   11.829  1.00   23.89 ? 72   PHE A CE2 1 
ATOM   593  C  CZ  . PHE A 1 85  ? 1.672   1.028   11.322  1.00   24.62 ? 72   PHE A CZ  1 
ATOM   594  N  N   . ILE A 1 86  ? 2.408   6.499   12.522  1.00   21.97 ? 73   ILE A N   1 
ATOM   595  C  CA  . ILE A 1 86  ? 3.863   6.474   12.596  1.00   24.07 ? 73   ILE A CA  1 
ATOM   596  C  C   . ILE A 1 86  ? 4.368   7.168   13.867  1.00   25.12 ? 73   ILE A C   1 
ATOM   597  O  O   . ILE A 1 86  ? 5.431   6.834   14.362  1.00   26.31 ? 73   ILE A O   1 
ATOM   598  C  CB  . ILE A 1 86  ? 4.534   6.997   11.270  1.00   23.71 ? 73   ILE A CB  1 
ATOM   599  C  CG1 . ILE A 1 86  ? 5.951   6.420   11.083  1.00   26.45 ? 73   ILE A CG1 1 
ATOM   600  C  CG2 . ILE A 1 86  ? 4.518   8.520   11.206  1.00   23.36 ? 73   ILE A CG2 1 
ATOM   601  C  CD1 . ILE A 1 86  ? 5.988   4.922   11.022  1.00   26.25 ? 73   ILE A CD1 1 
ATOM   602  N  N   . THR A 1 87  ? 3.585   8.090   14.422  1.00   23.56 ? 74   THR A N   1 
ATOM   603  C  CA  . THR A 1 87  ? 3.989   8.772   15.662  1.00   25.31 ? 74   THR A CA  1 
ATOM   604  C  C   . THR A 1 87  ? 3.547   8.025   16.911  1.00   26.64 ? 74   THR A C   1 
ATOM   605  O  O   . THR A 1 87  ? 3.942   8.400   18.015  1.00   28.67 ? 74   THR A O   1 
ATOM   606  C  CB  . THR A 1 87  ? 3.536   10.251  15.712  1.00   27.01 ? 74   THR A CB  1 
ATOM   607  O  OG1 . THR A 1 87  ? 2.106   10.331  15.731  1.00   26.42 ? 74   THR A OG1 1 
ATOM   608  C  CG2 . THR A 1 87  ? 4.086   11.017  14.532  1.00   29.46 ? 74   THR A CG2 1 
ATOM   609  N  N   . HIS A 1 88  ? 2.704   7.011   16.759  1.00   25.36 ? 75   HIS A N   1 
ATOM   610  C  CA  . HIS A 1 88  ? 2.277   6.209   17.899  1.00   26.24 ? 75   HIS A CA  1 
ATOM   611  C  C   . HIS A 1 88  ? 2.880   4.796   17.982  1.00   28.00 ? 75   HIS A C   1 
ATOM   612  O  O   . HIS A 1 88  ? 2.891   4.178   19.049  1.00   29.89 ? 75   HIS A O   1 
ATOM   613  C  CB  . HIS A 1 88  ? 0.759   6.152   17.972  1.00   27.93 ? 75   HIS A CB  1 
ATOM   614  C  CG  . HIS A 1 88  ? 0.132   7.447   18.397  1.00   28.64 ? 75   HIS A CG  1 
ATOM   615  N  ND1 . HIS A 1 88  ? 0.100   8.568   17.592  1.00   32.38 ? 75   HIS A ND1 1 
ATOM   616  C  CD2 . HIS A 1 88  ? -0.493  7.801   19.552  1.00   34.64 ? 75   HIS A CD2 1 
ATOM   617  C  CE1 . HIS A 1 88  ? -0.501  9.556   18.231  1.00   34.78 ? 75   HIS A CE1 1 
ATOM   618  N  NE2 . HIS A 1 88  ? -0.880  9.112   19.415  1.00   32.81 ? 75   HIS A NE2 1 
ATOM   619  N  N   . THR A 1 89  ? 3.431   4.295   16.881  1.00   26.30 ? 76   THR A N   1 
ATOM   620  C  CA  . THR A 1 89  ? 3.919   2.916   16.847  1.00   27.13 ? 76   THR A CA  1 
ATOM   621  C  C   . THR A 1 89  ? 5.242   2.770   17.584  1.00   26.90 ? 76   THR A C   1 
ATOM   622  O  O   . THR A 1 89  ? 6.114   3.633   17.464  1.00   28.14 ? 76   THR A O   1 
ATOM   623  C  CB  . THR A 1 89  ? 4.114   2.425   15.383  1.00   28.49 ? 76   THR A CB  1 
ATOM   624  O  OG1 . THR A 1 89  ? 4.475   1.029   15.402  1.00   28.96 ? 76   THR A OG1 1 
ATOM   625  C  CG2 . THR A 1 89  ? 5.220   3.223   14.697  1.00   27.72 ? 76   THR A CG2 1 
ATOM   626  N  N   . GLU A 1 90  ? 5.396   1.644   18.279  1.00   26.93 ? 77   GLU A N   1 
ATOM   627  C  CA  . GLU A 1 90  ? 6.660   1.237   18.920  1.00   28.20 ? 77   GLU A CA  1 
ATOM   628  C  C   . GLU A 1 90  ? 7.316   0.033   18.232  1.00   27.29 ? 77   GLU A C   1 
ATOM   629  O  O   . GLU A 1 90  ? 8.408   -0.435  18.630  1.00   28.41 ? 77   GLU A O   1 
ATOM   630  C  CB  . GLU A 1 90  ? 6.412   0.939   20.402  1.00   29.57 ? 77   GLU A CB  1 
ATOM   631  C  CG  . GLU A 1 90  ? 5.897   2.179   21.141  1.00   37.38 ? 77   GLU A CG  1 
ATOM   632  C  CD  . GLU A 1 90  ? 5.849   1.991   22.637  1.00   46.46 ? 77   GLU A CD  1 
ATOM   633  O  OE1 . GLU A 1 90  ? 6.915   1.724   23.234  1.00   51.91 ? 77   GLU A OE1 1 
ATOM   634  O  OE2 . GLU A 1 90  ? 4.749   2.120   23.214  1.00   52.73 ? 77   GLU A OE2 1 
ATOM   635  N  N   . HIS A 1 91  ? 6.629   -0.493  17.218  1.00   25.87 ? 78   HIS A N   1 
ATOM   636  C  CA  . HIS A 1 91  ? 7.127   -1.616  16.407  1.00   25.44 ? 78   HIS A CA  1 
ATOM   637  C  C   . HIS A 1 91  ? 6.388   -1.589  15.088  1.00   23.25 ? 78   HIS A C   1 
ATOM   638  O  O   . HIS A 1 91  ? 5.350   -2.210  14.896  1.00   21.14 ? 78   HIS A O   1 
ATOM   639  C  CB  . HIS A 1 91  ? 6.976   -2.954  17.098  1.00   28.01 ? 78   HIS A CB  1 
ATOM   640  C  CG  . HIS A 1 91  ? 5.846   -3.014  18.063  1.00   33.91 ? 78   HIS A CG  1 
ATOM   641  N  ND1 . HIS A 1 91  ? 4.532   -2.820  17.689  1.00   38.94 ? 78   HIS A ND1 1 
ATOM   642  C  CD2 . HIS A 1 91  ? 5.827   -3.239  19.400  1.00   36.21 ? 78   HIS A CD2 1 
ATOM   643  C  CE1 . HIS A 1 91  ? 3.752   -2.930  18.753  1.00   37.58 ? 78   HIS A CE1 1 
ATOM   644  N  NE2 . HIS A 1 91  ? 4.515   -3.183  19.803  1.00   36.50 ? 78   HIS A NE2 1 
ATOM   645  N  N   . VAL A 1 92  ? 6.997   -0.857  14.178  1.00   22.42 ? 79   VAL A N   1 
ATOM   646  C  CA  . VAL A 1 92  ? 6.339   -0.419  12.970  1.00   22.78 ? 79   VAL A CA  1 
ATOM   647  C  C   . VAL A 1 92  ? 5.869   -1.608  12.141  1.00   22.39 ? 79   VAL A C   1 
ATOM   648  O  O   . VAL A 1 92  ? 4.759   -1.618  11.616  1.00   22.77 ? 79   VAL A O   1 
ATOM   649  C  CB  . VAL A 1 92  ? 7.321   0.404   12.104  1.00   25.18 ? 79   VAL A CB  1 
ATOM   650  C  CG1 . VAL A 1 92  ? 6.688   0.737   10.804  1.00   30.94 ? 79   VAL A CG1 1 
ATOM   651  C  CG2 . VAL A 1 92  ? 7.753   1.705   12.830  1.00   27.39 ? 79   VAL A CG2 1 
ATOM   652  N  N   . ASP A 1 93  ? 6.738   -2.608  11.953  1.00   19.25 ? 80   ASP A N   1 
ATOM   653  C  CA  . ASP A 1 93  ? 6.319   -3.666  11.056  1.00   18.68 ? 80   ASP A CA  1 
ATOM   654  C  C   . ASP A 1 93  ? 5.160   -4.469  11.585  1.00   20.50 ? 80   ASP A C   1 
ATOM   655  O  O   . ASP A 1 93  ? 4.204   -4.729  10.828  1.00   21.67 ? 80   ASP A O   1 
ATOM   656  C  CB  . ASP A 1 93  ? 7.498   -4.568  10.615  1.00   17.39 ? 80   ASP A CB  1 
ATOM   657  C  CG  . ASP A 1 93  ? 8.398   -5.045  11.751  1.00   19.01 ? 80   ASP A CG  1 
ATOM   658  O  OD1 . ASP A 1 93  ? 8.208   -4.724  12.932  1.00   18.48 ? 80   ASP A OD1 1 
ATOM   659  O  OD2 . ASP A 1 93  ? 9.334   -5.808  11.411  1.00   18.17 ? 80   ASP A OD2 1 
ATOM   660  N  N   . LEU A 1 94  ? 5.216   -4.808  12.872  1.00   21.19 ? 81   LEU A N   1 
ATOM   661  C  CA  . LEU A 1 94  ? 4.096   -5.536  13.493  1.00   22.09 ? 81   LEU A CA  1 
ATOM   662  C  C   . LEU A 1 94  ? 2.765   -4.794  13.360  1.00   22.98 ? 81   LEU A C   1 
ATOM   663  O  O   . LEU A 1 94  ? 1.694   -5.379  13.104  1.00   25.59 ? 81   LEU A O   1 
ATOM   664  C  CB  . LEU A 1 94  ? 4.373   -5.721  14.993  1.00   22.67 ? 81   LEU A CB  1 
ATOM   665  C  CG  . LEU A 1 94  ? 5.616   -6.527  15.349  1.00   27.31 ? 81   LEU A CG  1 
ATOM   666  C  CD1 . LEU A 1 94  ? 5.608   -6.852  16.852  1.00   29.28 ? 81   LEU A CD1 1 
ATOM   667  C  CD2 . LEU A 1 94  ? 5.651   -7.810  14.571  1.00   30.22 ? 81   LEU A CD2 1 
ATOM   668  N  N   . ASP A 1 95  ? 2.846   -3.496  13.525  1.00   21.47 ? 82   ASP A N   1 
ATOM   669  C  CA  . ASP A 1 95  ? 1.607   -2.677  13.604  1.00   23.64 ? 82   ASP A CA  1 
ATOM   670  C  C   . ASP A 1 95  ? 0.867   -2.631  12.262  1.00   24.33 ? 82   ASP A C   1 
ATOM   671  O  O   . ASP A 1 95  ? -0.366  -2.449  12.248  1.00   24.94 ? 82   ASP A O   1 
ATOM   672  C  CB  . ASP A 1 95  ? 1.934   -1.313  14.179  1.00   23.12 ? 82   ASP A CB  1 
ATOM   673  C  CG  . ASP A 1 95  ? 2.250   -1.386  15.699  1.00   27.93 ? 82   ASP A CG  1 
ATOM   674  O  OD1 . ASP A 1 95  ? 2.041   -2.461  16.312  1.00   30.30 ? 82   ASP A OD1 1 
ATOM   675  O  OD2 . ASP A 1 95  ? 2.730   -0.367  16.242  1.00   35.23 ? 82   ASP A OD2 1 
ATOM   676  N  N   . PHE A 1 96  ? 1.580   -2.823  11.145  1.00   24.05 ? 83   PHE A N   1 
ATOM   677  C  CA  . PHE A 1 96  ? 0.950   -2.853  9.815   1.00   23.70 ? 83   PHE A CA  1 
ATOM   678  C  C   . PHE A 1 96  ? -0.019  -4.007  9.729   1.00   26.52 ? 83   PHE A C   1 
ATOM   679  O  O   . PHE A 1 96  ? -1.104  -3.887  9.154   1.00   26.80 ? 83   PHE A O   1 
ATOM   680  C  CB  . PHE A 1 96  ? 1.996   -2.962  8.685   1.00   22.90 ? 83   PHE A CB  1 
ATOM   681  C  CG  . PHE A 1 96  ? 2.427   -1.645  8.106   1.00   21.92 ? 83   PHE A CG  1 
ATOM   682  C  CD1 . PHE A 1 96  ? 3.571   -0.948  8.568   1.00   25.94 ? 83   PHE A CD1 1 
ATOM   683  C  CD2 . PHE A 1 96  ? 1.691   -1.039  7.052   1.00   22.52 ? 83   PHE A CD2 1 
ATOM   684  C  CE1 . PHE A 1 96  ? 3.929   0.269   8.043   1.00   23.13 ? 83   PHE A CE1 1 
ATOM   685  C  CE2 . PHE A 1 96  ? 2.121   0.182   6.489   1.00   20.61 ? 83   PHE A CE2 1 
ATOM   686  C  CZ  . PHE A 1 96  ? 3.222   0.854   6.990   1.00   26.27 ? 83   PHE A CZ  1 
ATOM   687  N  N   . ASN A 1 97  ? 0.383   -5.140  10.315  1.00   27.02 ? 84   ASN A N   1 
ATOM   688  C  CA  . ASN A 1 97  ? -0.437  -6.307  10.348  1.00   31.03 ? 84   ASN A CA  1 
ATOM   689  C  C   . ASN A 1 97  ? -1.806  -6.099  11.047  1.00   29.04 ? 84   ASN A C   1 
ATOM   690  O  O   . ASN A 1 97  ? -2.848  -6.609  10.621  1.00   31.72 ? 84   ASN A O   1 
ATOM   691  C  CB  . ASN A 1 97  ? 0.401   -7.345  11.086  1.00   33.52 ? 84   ASN A CB  1 
ATOM   692  C  CG  . ASN A 1 97  ? 0.408   -8.666  10.426  1.00   35.67 ? 84   ASN A CG  1 
ATOM   693  O  OD1 . ASN A 1 97  ? 0.617   -8.798  9.223   1.00   38.85 ? 84   ASN A OD1 1 
ATOM   694  N  ND2 . ASN A 1 97  ? 0.209   -9.686  11.221  1.00   41.28 ? 84   ASN A ND2 1 
ATOM   695  N  N   . SER A 1 98  ? -1.820  -5.328  12.137  1.00   31.75 ? 85   SER A N   1 
ATOM   696  C  CA  . SER A 1 98  ? -3.051  -5.038  12.863  1.00   32.01 ? 85   SER A CA  1 
ATOM   697  C  C   . SER A 1 98  ? -4.082  -4.222  12.035  1.00   29.80 ? 85   SER A C   1 
ATOM   698  O  O   . SER A 1 98  ? -5.287  -4.511  12.004  1.00   33.02 ? 85   SER A O   1 
ATOM   699  C  CB  . SER A 1 98  ? -2.708  -4.302  14.160  1.00   33.41 ? 85   SER A CB  1 
ATOM   700  O  OG  . SER A 1 98  ? -1.585  -4.917  14.803  1.00   37.87 ? 85   SER A OG  1 
ATOM   701  N  N   . VAL A 1 99  ? -3.578  -3.211  11.316  1.00   28.49 ? 86   VAL A N   1 
ATOM   702  C  CA  . VAL A 1 99  ? -4.413  -2.431  10.420  1.00   26.24 ? 86   VAL A CA  1 
ATOM   703  C  C   . VAL A 1 99  ? -5.015  -3.317  9.331   1.00   23.23 ? 86   VAL A C   1 
ATOM   704  O  O   . VAL A 1 99  ? -6.227  -3.304  9.097   1.00   24.28 ? 86   VAL A O   1 
ATOM   705  C  CB  . VAL A 1 99  ? -3.584  -1.307  9.779   1.00   25.16 ? 86   VAL A CB  1 
ATOM   706  C  CG1 . VAL A 1 99  ? -4.455  -0.529  8.801   1.00   24.50 ? 86   VAL A CG1 1 
ATOM   707  C  CG2 . VAL A 1 99  ? -3.055  -0.361  10.869  1.00   26.22 ? 86   VAL A CG2 1 
ATOM   708  N  N   . PHE A 1 100 ? -4.133  -4.140  8.723   1.00   23.79 ? 87   PHE A N   1 
ATOM   709  C  CA  . PHE A 1 100 ? -4.549  -5.042  7.686   1.00   23.18 ? 87   PHE A CA  1 
ATOM   710  C  C   . PHE A 1 100 ? -5.741  -5.957  8.125   1.00   21.04 ? 87   PHE A C   1 
ATOM   711  O  O   . PHE A 1 100 ? -6.796  -6.029  7.468   1.00   24.08 ? 87   PHE A O   1 
ATOM   712  C  CB  . PHE A 1 100 ? -3.367  -5.857  7.140   1.00   20.80 ? 87   PHE A CB  1 
ATOM   713  C  CG  . PHE A 1 100 ? -3.771  -6.775  6.044   1.00   23.20 ? 87   PHE A CG  1 
ATOM   714  C  CD1 . PHE A 1 100 ? -3.682  -6.363  4.726   1.00   24.02 ? 87   PHE A CD1 1 
ATOM   715  C  CD2 . PHE A 1 100 ? -4.267  -8.045  6.325   1.00   22.37 ? 87   PHE A CD2 1 
ATOM   716  C  CE1 . PHE A 1 100 ? -4.087  -7.206  3.700   1.00   22.52 ? 87   PHE A CE1 1 
ATOM   717  C  CE2 . PHE A 1 100 ? -4.682  -8.895  5.310   1.00   22.66 ? 87   PHE A CE2 1 
ATOM   718  C  CZ  . PHE A 1 100 ? -4.600  -8.458  3.976   1.00   22.39 ? 87   PHE A CZ  1 
ATOM   719  N  N   . LEU A 1 101 ? -5.543  -6.668  9.240   1.00   23.69 ? 88   LEU A N   1 
ATOM   720  C  CA  . LEU A 1 101 ? -6.591  -7.606  9.671   1.00   24.28 ? 88   LEU A CA  1 
ATOM   721  C  C   . LEU A 1 101 ? -7.942  -6.976  9.999   1.00   24.14 ? 88   LEU A C   1 
ATOM   722  O  O   . LEU A 1 101 ? -9.000  -7.524  9.654   1.00   25.07 ? 88   LEU A O   1 
ATOM   723  C  CB  . LEU A 1 101 ? -6.101  -8.437  10.855  1.00   24.69 ? 88   LEU A CB  1 
ATOM   724  C  CG  . LEU A 1 101 ? -4.922  -9.369  10.581  1.00   24.13 ? 88   LEU A CG  1 
ATOM   725  C  CD1 . LEU A 1 101 ? -4.354  -9.885  11.864  1.00   26.43 ? 88   LEU A CD1 1 
ATOM   726  C  CD2 . LEU A 1 101 ? -5.309  -10.518 9.678   1.00   29.46 ? 88   LEU A CD2 1 
ATOM   727  N  N   . GLU A 1 102 ? -7.888  -5.790  10.587  1.00   26.43 ? 89   GLU A N   1 
ATOM   728  C  CA  . GLU A 1 102 ? -9.096  -5.027  10.862  1.00   27.67 ? 89   GLU A CA  1 
ATOM   729  C  C   . GLU A 1 102 ? -9.853  -4.514  9.623   1.00   26.27 ? 89   GLU A C   1 
ATOM   730  O  O   . GLU A 1 102 ? -11.016 -4.205  9.696   1.00   25.95 ? 89   GLU A O   1 
ATOM   731  C  CB  . GLU A 1 102 ? -8.801  -3.859  11.819  1.00   30.34 ? 89   GLU A CB  1 
ATOM   732  C  CG  . GLU A 1 102 ? -8.550  -4.297  13.260  1.00   30.95 ? 89   GLU A CG  1 
ATOM   733  C  CD  . GLU A 1 102 ? -9.782  -4.889  13.977  1.00   29.97 ? 89   GLU A CD  1 
ATOM   734  O  OE1 . GLU A 1 102 ? -10.897 -4.942  13.390  1.00   30.37 ? 89   GLU A OE1 1 
ATOM   735  O  OE2 . GLU A 1 102 ? -9.620  -5.314  15.148  1.00   28.95 ? 89   GLU A OE2 1 
ATOM   736  N  N   . ILE A 1 103 ? -9.180  -4.411  8.473   1.00   25.39 ? 90   ILE A N   1 
ATOM   737  C  CA  . ILE A 1 103 ? -9.855  -4.029  7.246   1.00   25.91 ? 90   ILE A CA  1 
ATOM   738  C  C   . ILE A 1 103 ? -10.466 -5.287  6.621   1.00   27.17 ? 90   ILE A C   1 
ATOM   739  O  O   . ILE A 1 103 ? -11.630 -5.263  6.219   1.00   30.92 ? 90   ILE A O   1 
ATOM   740  C  CB  . ILE A 1 103 ? -8.835  -3.346  6.242   1.00   25.62 ? 90   ILE A CB  1 
ATOM   741  C  CG1 . ILE A 1 103 ? -8.179  -2.091  6.842   1.00   24.35 ? 90   ILE A CG1 1 
ATOM   742  C  CG2 . ILE A 1 103 ? -9.457  -3.080  4.881   1.00   25.18 ? 90   ILE A CG2 1 
ATOM   743  C  CD1 . ILE A 1 103 ? -6.980  -1.527  5.977   1.00   27.44 ? 90   ILE A CD1 1 
ATOM   744  N  N   . PHE A 1 104 ? -9.690  -6.376  6.528   1.00   27.09 ? 91   PHE A N   1 
ATOM   745  C  CA  . PHE A 1 104 ? -10.046 -7.524  5.666   1.00   27.63 ? 91   PHE A CA  1 
ATOM   746  C  C   . PHE A 1 104 ? -10.713 -8.727  6.287   1.00   29.60 ? 91   PHE A C   1 
ATOM   747  O  O   . PHE A 1 104 ? -11.311 -9.548  5.562   1.00   30.75 ? 91   PHE A O   1 
ATOM   748  C  CB  . PHE A 1 104 ? -8.856  -7.987  4.842   1.00   27.70 ? 91   PHE A CB  1 
ATOM   749  C  CG  . PHE A 1 104 ? -8.422  -6.955  3.877   1.00   24.90 ? 91   PHE A CG  1 
ATOM   750  C  CD1 . PHE A 1 104 ? -9.215  -6.663  2.761   1.00   26.33 ? 91   PHE A CD1 1 
ATOM   751  C  CD2 . PHE A 1 104 ? -7.279  -6.202  4.125   1.00   23.51 ? 91   PHE A CD2 1 
ATOM   752  C  CE1 . PHE A 1 104 ? -8.841  -5.661  1.897   1.00   25.98 ? 91   PHE A CE1 1 
ATOM   753  C  CE2 . PHE A 1 104 ? -6.897  -5.178  3.256   1.00   25.03 ? 91   PHE A CE2 1 
ATOM   754  C  CZ  . PHE A 1 104 ? -7.669  -4.915  2.147   1.00   27.21 ? 91   PHE A CZ  1 
ATOM   755  N  N   . HIS A 1 105 ? -10.606 -8.854  7.599   1.00   30.71 ? 92   HIS A N   1 
ATOM   756  C  CA  . HIS A 1 105 ? -11.381 -9.889  8.284   1.00   32.25 ? 92   HIS A CA  1 
ATOM   757  C  C   . HIS A 1 105 ? -12.614 -9.343  9.043   1.00   33.87 ? 92   HIS A C   1 
ATOM   758  O  O   . HIS A 1 105 ? -13.198 -10.019 9.900   1.00   34.77 ? 92   HIS A O   1 
ATOM   759  C  CB  . HIS A 1 105 ? -10.478 -10.721 9.176   1.00   33.22 ? 92   HIS A CB  1 
ATOM   760  C  CG  . HIS A 1 105 ? -9.498  -11.567 8.415   1.00   33.61 ? 92   HIS A CG  1 
ATOM   761  N  ND1 . HIS A 1 105 ? -10.133 -12.798 7.820   0.0000 37.90 ? 92   HIS A ND1 1 
ATOM   762  C  CD2 . HIS A 1 105 ? -8.739  -11.300 7.322   1.00   38.92 ? 92   HIS A CD2 1 
ATOM   763  C  CE1 . HIS A 1 105 ? -9.188  -13.301 7.044   0.0000 34.42 ? 92   HIS A CE1 1 
ATOM   764  N  NE2 . HIS A 1 105 ? -8.204  -12.426 6.965   0.0000 28.42 ? 92   HIS A NE2 1 
ATOM   765  N  N   . ARG A 1 106 ? -13.028 -8.138  8.680   1.00   35.27 ? 93   ARG A N   1 
ATOM   766  C  CA  . ARG A 1 106 ? -14.207 -7.497  9.260   1.00   37.27 ? 93   ARG A CA  1 
ATOM   767  C  C   . ARG A 1 106 ? -15.297 -7.373  8.185   1.00   39.84 ? 93   ARG A C   1 
ATOM   768  O  O   . ARG A 1 106 ? -15.668 -6.265  7.773   1.00   40.52 ? 93   ARG A O   1 
ATOM   769  C  CB  . ARG A 1 106 ? -13.832 -6.126  9.850   1.00   36.24 ? 93   ARG A CB  1 
ATOM   770  C  CG  . ARG A 1 106 ? -12.907 -6.212  11.075  1.00   31.47 ? 93   ARG A CG  1 
ATOM   771  C  CD  . ARG A 1 106 ? -13.686 -6.654  12.330  1.00   32.17 ? 93   ARG A CD  1 
ATOM   772  N  NE  . ARG A 1 106 ? -14.851 -5.789  12.577  1.00   34.99 ? 93   ARG A NE  1 
ATOM   773  C  CZ  . ARG A 1 106 ? -14.826 -4.645  13.269  1.00   34.25 ? 93   ARG A CZ  1 
ATOM   774  N  NH1 . ARG A 1 106 ? -13.687 -4.208  13.825  1.00   31.72 ? 93   ARG A NH1 1 
ATOM   775  N  NH2 . ARG A 1 106 ? -15.954 -3.940  13.415  1.00   32.10 ? 93   ARG A NH2 1 
ATOM   776  N  N   . GLY A 1 107 ? -15.823 -8.526  7.766   1.00   42.24 ? 94   GLY A N   1 
ATOM   777  C  CA  . GLY A 1 107 ? -16.613 -8.624  6.533   1.00   45.34 ? 94   GLY A CA  1 
ATOM   778  C  C   . GLY A 1 107 ? -15.754 -9.169  5.396   1.00   47.45 ? 94   GLY A C   1 
ATOM   779  O  O   . GLY A 1 107 ? -14.520 -9.203  5.503   1.00   48.89 ? 94   GLY A O   1 
ATOM   780  N  N   . ASP A 1 108 ? -16.382 -9.607  4.306   1.00   48.73 ? 95   ASP A N   1 
ATOM   781  C  CA  . ASP A 1 108 ? -15.625 -10.125 3.155   1.00   48.81 ? 95   ASP A CA  1 
ATOM   782  C  C   . ASP A 1 108 ? -14.697 -9.036  2.547   1.00   48.36 ? 95   ASP A C   1 
ATOM   783  O  O   . ASP A 1 108 ? -15.003 -7.837  2.631   1.00   49.23 ? 95   ASP A O   1 
ATOM   784  C  CB  . ASP A 1 108 ? -16.593 -10.680 2.101   1.00   49.13 ? 95   ASP A CB  1 
ATOM   785  C  CG  . ASP A 1 108 ? -17.073 -11.679 3.033   0.0000 48.28 ? 95   ASP A CG  1 
ATOM   786  O  OD1 . ASP A 1 108 ? -17.174 -12.180 4.154   0.0000 50.57 ? 95   ASP A OD1 1 
ATOM   787  O  OD2 . ASP A 1 108 ? -17.498 -12.286 2.041   0.0000 49.93 ? 95   ASP A OD2 1 
ATOM   788  N  N   . PRO A 1 109 ? -13.554 -9.440  1.956   1.00   46.54 ? 96   PRO A N   1 
ATOM   789  C  CA  . PRO A 1 109 ? -12.765 -8.426  1.255   1.00   45.26 ? 96   PRO A CA  1 
ATOM   790  C  C   . PRO A 1 109 ? -13.504 -7.962  0.001   1.00   43.30 ? 96   PRO A C   1 
ATOM   791  O  O   . PRO A 1 109 ? -14.317 -8.715  -0.551  1.00   44.33 ? 96   PRO A O   1 
ATOM   792  C  CB  . PRO A 1 109 ? -11.482 -9.174  0.870   1.00   45.19 ? 96   PRO A CB  1 
ATOM   793  C  CG  . PRO A 1 109 ? -11.480 -10.432 1.701   1.00   45.09 ? 96   PRO A CG  1 
ATOM   794  C  CD  . PRO A 1 109 ? -12.921 -10.768 1.892   1.00   46.75 ? 96   PRO A CD  1 
ATOM   795  N  N   . SER A 1 110 ? -13.247 -6.728  -0.421  1.00   39.60 ? 97   SER A N   1 
ATOM   796  C  CA  . SER A 1 110 ? -13.841 -6.171  -1.624  1.00   36.97 ? 97   SER A CA  1 
ATOM   797  C  C   . SER A 1 110 ? -12.762 -5.431  -2.400  1.00   35.17 ? 97   SER A C   1 
ATOM   798  O  O   . SER A 1 110 ? -11.691 -5.127  -1.859  1.00   34.19 ? 97   SER A O   1 
ATOM   799  C  CB  . SER A 1 110 ? -14.985 -5.219  -1.267  1.00   37.25 ? 97   SER A CB  1 
ATOM   800  O  OG  . SER A 1 110 ? -14.504 -4.033  -0.646  1.00   38.53 ? 97   SER A OG  1 
ATOM   801  N  N   . LEU A 1 111 ? -13.037 -5.136  -3.665  1.00   32.88 ? 98   LEU A N   1 
ATOM   802  C  CA  . LEU A 1 111 ? -12.087 -4.426  -4.505  1.00   31.00 ? 98   LEU A CA  1 
ATOM   803  C  C   . LEU A 1 111 ? -11.712 -3.084  -3.898  1.00   28.65 ? 98   LEU A C   1 
ATOM   804  O  O   . LEU A 1 111 ? -10.542 -2.730  -3.845  1.00   27.97 ? 98   LEU A O   1 
ATOM   805  C  CB  . LEU A 1 111 ? -12.651 -4.210  -5.911  1.00   32.77 ? 98   LEU A CB  1 
ATOM   806  C  CG  . LEU A 1 111 ? -11.767 -3.399  -6.865  1.00   32.97 ? 98   LEU A CG  1 
ATOM   807  C  CD1 . LEU A 1 111 ? -10.588 -4.207  -7.413  1.00   38.17 ? 98   LEU A CD1 1 
ATOM   808  C  CD2 . LEU A 1 111 ? -12.625 -2.858  -7.992  1.00   39.11 ? 98   LEU A CD2 1 
ATOM   809  N  N   . GLY A 1 112 ? -12.718 -2.345  -3.455  1.00   27.40 ? 99   GLY A N   1 
ATOM   810  C  CA  . GLY A 1 112 ? -12.526 -1.035  -2.866  1.00   23.33 ? 99   GLY A CA  1 
ATOM   811  C  C   . GLY A 1 112 ? -11.631 -1.082  -1.636  1.00   21.93 ? 99   GLY A C   1 
ATOM   812  O  O   . GLY A 1 112 ? -10.765 -0.217  -1.478  1.00   23.02 ? 99   GLY A O   1 
ATOM   813  N  N   . ARG A 1 113 ? -11.874 -2.040  -0.749  1.00   23.36 ? 100  ARG A N   1 
ATOM   814  C  CA  . ARG A 1 113 ? -11.072 -2.120  0.448   1.00   22.28 ? 100  ARG A CA  1 
ATOM   815  C  C   . ARG A 1 113 ? -9.642  -2.493  0.088   1.00   21.75 ? 100  ARG A C   1 
ATOM   816  O  O   . ARG A 1 113 ? -8.687  -1.944  0.683   1.00   21.92 ? 100  ARG A O   1 
ATOM   817  C  CB  . ARG A 1 113 ? -11.651 -3.099  1.461   1.00   23.93 ? 100  ARG A CB  1 
ATOM   818  C  CG  . ARG A 1 113 ? -12.888 -2.548  2.161   1.00   27.50 ? 100  ARG A CG  1 
ATOM   819  C  CD  . ARG A 1 113 ? -13.368 -3.535  3.198   1.00   29.55 ? 100  ARG A CD  1 
ATOM   820  N  NE  . ARG A 1 113 ? -14.661 -3.113  3.715   1.00   32.62 ? 100  ARG A NE  1 
ATOM   821  C  CZ  . ARG A 1 113 ? -15.279 -3.673  4.748   1.00   29.58 ? 100  ARG A CZ  1 
ATOM   822  N  NH1 . ARG A 1 113 ? -14.731 -4.686  5.400   1.00   32.94 ? 100  ARG A NH1 1 
ATOM   823  N  NH2 . ARG A 1 113 ? -16.458 -3.198  5.115   1.00   32.81 ? 100  ARG A NH2 1 
ATOM   824  N  N   . ALA A 1 114 ? -9.496  -3.401  -0.880  1.00   21.73 ? 101  ALA A N   1 
ATOM   825  C  CA  . ALA A 1 114 ? -8.159  -3.788  -1.329  1.00   21.69 ? 101  ALA A CA  1 
ATOM   826  C  C   . ALA A 1 114 ? -7.403  -2.598  -1.908  1.00   20.81 ? 101  ALA A C   1 
ATOM   827  O  O   . ALA A 1 114 ? -6.259  -2.364  -1.538  1.00   20.85 ? 101  ALA A O   1 
ATOM   828  C  CB  . ALA A 1 114 ? -8.216  -4.916  -2.307  1.00   24.40 ? 101  ALA A CB  1 
ATOM   829  N  N   . LEU A 1 115 ? -8.048  -1.809  -2.760  1.00   21.45 ? 102  LEU A N   1 
ATOM   830  C  CA  . LEU A 1 115 ? -7.403  -0.640  -3.304  1.00   19.78 ? 102  LEU A CA  1 
ATOM   831  C  C   . LEU A 1 115 ? -7.147  0.420   -2.235  1.00   18.37 ? 102  LEU A C   1 
ATOM   832  O  O   . LEU A 1 115 ? -6.132  1.113   -2.308  1.00   19.94 ? 102  LEU A O   1 
ATOM   833  C  CB  . LEU A 1 115 ? -8.229  -0.053  -4.462  1.00   20.22 ? 102  LEU A CB  1 
ATOM   834  C  CG  . LEU A 1 115 ? -8.319  -0.981  -5.670  1.00   22.36 ? 102  LEU A CG  1 
ATOM   835  C  CD1 . LEU A 1 115 ? -9.224  -0.276  -6.700  1.00   29.39 ? 102  LEU A CD1 1 
ATOM   836  C  CD2 . LEU A 1 115 ? -6.985  -1.270  -6.286  1.00   25.96 ? 102  LEU A CD2 1 
ATOM   837  N  N   . ALA A 1 116 ? -8.083  0.596   -1.280  1.00   19.04 ? 103  ALA A N   1 
ATOM   838  C  CA  . ALA A 1 116 ? -7.894  1.584   -0.227  1.00   19.66 ? 103  ALA A CA  1 
ATOM   839  C  C   . ALA A 1 116 ? -6.606  1.230   0.554   1.00   19.02 ? 103  ALA A C   1 
ATOM   840  O  O   . ALA A 1 116 ? -5.798  2.105   0.838   1.00   20.06 ? 103  ALA A O   1 
ATOM   841  C  CB  . ALA A 1 116 ? -9.081  1.602   0.704   1.00   22.22 ? 103  ALA A CB  1 
ATOM   842  N  N   . TRP A 1 117 ? -6.453  -0.046  0.891   1.00   19.25 ? 104  TRP A N   1 
ATOM   843  C  CA  . TRP A 1 117 ? -5.244  -0.496  1.588   1.00   18.82 ? 104  TRP A CA  1 
ATOM   844  C  C   . TRP A 1 117 ? -3.959  -0.250  0.747   1.00   16.70 ? 104  TRP A C   1 
ATOM   845  O  O   . TRP A 1 117 ? -2.939  0.284   1.246   1.00   18.41 ? 104  TRP A O   1 
ATOM   846  C  CB  . TRP A 1 117 ? -5.367  -1.993  1.893   1.00   18.73 ? 104  TRP A CB  1 
ATOM   847  C  CG  . TRP A 1 117 ? -4.069  -2.626  2.290   1.00   16.74 ? 104  TRP A CG  1 
ATOM   848  C  CD1 . TRP A 1 117 ? -3.333  -3.453  1.533   1.00   17.85 ? 104  TRP A CD1 1 
ATOM   849  C  CD2 . TRP A 1 117 ? -3.403  -2.501  3.557   1.00   20.09 ? 104  TRP A CD2 1 
ATOM   850  N  NE1 . TRP A 1 117 ? -2.174  -3.854  2.241   1.00   20.32 ? 104  TRP A NE1 1 
ATOM   851  C  CE2 . TRP A 1 117 ? -2.219  -3.278  3.488   1.00   19.32 ? 104  TRP A CE2 1 
ATOM   852  C  CE3 . TRP A 1 117 ? -3.665  -1.755  4.728   1.00   19.85 ? 104  TRP A CE3 1 
ATOM   853  C  CZ2 . TRP A 1 117 ? -1.320  -3.369  4.600   1.00   20.53 ? 104  TRP A CZ2 1 
ATOM   854  C  CZ3 . TRP A 1 117 ? -2.770  -1.832  5.804   1.00   22.31 ? 104  TRP A CZ3 1 
ATOM   855  C  CH2 . TRP A 1 117 ? -1.631  -2.604  5.712   1.00   20.53 ? 104  TRP A CH2 1 
ATOM   856  N  N   . MET A 1 118 ? -3.997  -0.629  -0.537  1.00   16.67 ? 105  MET A N   1 
ATOM   857  C  CA  . MET A 1 118 ? -2.810  -0.479  -1.369  1.00   16.92 ? 105  MET A CA  1 
ATOM   858  C  C   . MET A 1 118 ? -2.435  1.002   -1.531  1.00   16.57 ? 105  MET A C   1 
ATOM   859  O  O   . MET A 1 118 ? -1.272  1.353   -1.494  1.00   17.27 ? 105  MET A O   1 
ATOM   860  C  CB  . MET A 1 118 ? -3.014  -1.133  -2.734  1.00   18.54 ? 105  MET A CB  1 
ATOM   861  C  CG  . MET A 1 118 ? -3.350  -2.649  -2.649  1.00   19.47 ? 105  MET A CG  1 
ATOM   862  S  SD  . MET A 1 118 ? -1.921  -3.622  -2.349  1.00   22.41 ? 105  MET A SD  1 
ATOM   863  C  CE  . MET A 1 118 ? -1.381  -3.686  -4.049  1.00   20.92 ? 105  MET A CE  1 
ATOM   864  N  N   . ALA A 1 119 ? -3.468  1.842   -1.704  1.00   16.05 ? 106  ALA A N   1 
ATOM   865  C  CA  . ALA A 1 119 ? -3.216  3.276   -1.829  1.00   17.16 ? 106  ALA A CA  1 
ATOM   866  C  C   . ALA A 1 119 ? -2.633  3.852   -0.548  1.00   15.85 ? 106  ALA A C   1 
ATOM   867  O  O   . ALA A 1 119 ? -1.729  4.676   -0.586  1.00   17.73 ? 106  ALA A O   1 
ATOM   868  C  CB  . ALA A 1 119 ? -4.545  3.995   -2.155  1.00   16.08 ? 106  ALA A CB  1 
ATOM   869  N  N   . TRP A 1 120 ? -3.169  3.428   0.611   1.00   16.76 ? 107  TRP A N   1 
ATOM   870  C  CA  . TRP A 1 120 ? -2.618  3.890   1.888   1.00   17.87 ? 107  TRP A CA  1 
ATOM   871  C  C   . TRP A 1 120 ? -1.154  3.476   2.063   1.00   17.09 ? 107  TRP A C   1 
ATOM   872  O  O   . TRP A 1 120 ? -0.312  4.266   2.512   1.00   18.29 ? 107  TRP A O   1 
ATOM   873  C  CB  . TRP A 1 120 ? -3.499  3.380   3.034   1.00   19.05 ? 107  TRP A CB  1 
ATOM   874  C  CG  . TRP A 1 120 ? -3.219  4.012   4.336   1.00   18.83 ? 107  TRP A CG  1 
ATOM   875  C  CD1 . TRP A 1 120 ? -3.648  5.261   4.769   1.00   18.66 ? 107  TRP A CD1 1 
ATOM   876  C  CD2 . TRP A 1 120 ? -2.490  3.440   5.415   1.00   18.09 ? 107  TRP A CD2 1 
ATOM   877  N  NE1 . TRP A 1 120 ? -3.168  5.499   6.030   1.00   18.00 ? 107  TRP A NE1 1 
ATOM   878  C  CE2 . TRP A 1 120 ? -2.477  4.392   6.465   1.00   17.78 ? 107  TRP A CE2 1 
ATOM   879  C  CE3 . TRP A 1 120 ? -1.836  2.205   5.603   1.00   18.44 ? 107  TRP A CE3 1 
ATOM   880  C  CZ2 . TRP A 1 120 ? -1.841  4.157   7.687   1.00   19.49 ? 107  TRP A CZ2 1 
ATOM   881  C  CZ3 . TRP A 1 120 ? -1.186  1.975   6.840   1.00   20.71 ? 107  TRP A CZ3 1 
ATOM   882  C  CH2 . TRP A 1 120 ? -1.213  2.950   7.864   1.00   19.41 ? 107  TRP A CH2 1 
ATOM   883  N  N   . CYS A 1 121 ? -0.858  2.237   1.669   1.00   16.39 ? 108  CYS A N   1 
ATOM   884  C  CA  . CYS A 1 121 ? 0.532   1.785   1.752   1.00   15.56 ? 108  CYS A CA  1 
ATOM   885  C  C   . CYS A 1 121 ? 1.444   2.595   0.809   1.00   14.78 ? 108  CYS A C   1 
ATOM   886  O  O   . CYS A 1 121 ? 2.556   3.007   1.186   1.00   16.29 ? 108  CYS A O   1 
ATOM   887  C  CB  . CYS A 1 121 ? 0.647   0.281   1.424   1.00   16.94 ? 108  CYS A CB  1 
ATOM   888  S  SG  . CYS A 1 121 ? -0.034  -0.737  2.776   1.00   18.08 ? 108  CYS A SG  1 
ATOM   889  N  N   . MET A 1 122 ? 0.960   2.772   -0.438  1.00   15.85 ? 109  MET A N   1 
ATOM   890  C  CA  . MET A 1 122 ? 1.814   3.542   -1.379  1.00   17.01 ? 109  MET A CA  1 
ATOM   891  C  C   . MET A 1 122 ? 2.006   4.975   -0.885  1.00   15.99 ? 109  MET A C   1 
ATOM   892  O  O   . MET A 1 122 ? 3.103   5.540   -0.976  1.00   17.44 ? 109  MET A O   1 
ATOM   893  C  CB  . MET A 1 122 ? 1.196   3.510   -2.772  1.00   18.64 ? 109  MET A CB  1 
ATOM   894  C  CG  . MET A 1 122 ? 2.101   4.111   -3.816  1.00   16.97 ? 109  MET A CG  1 
ATOM   895  S  SD  . MET A 1 122 ? 1.377   4.051   -5.502  1.00   19.36 ? 109  MET A SD  1 
ATOM   896  C  CE  . MET A 1 122 ? 0.255   5.473   -5.428  1.00   19.91 ? 109  MET A CE  1 
ATOM   897  N  N   . HIS A 1 123 ? 0.952   5.580   -0.340  1.00   16.30 ? 110  HIS A N   1 
ATOM   898  C  CA  . HIS A 1 123 ? 1.109   6.920   0.203   1.00   16.97 ? 110  HIS A CA  1 
ATOM   899  C  C   . HIS A 1 123 ? 2.103   6.949   1.389   1.00   16.27 ? 110  HIS A C   1 
ATOM   900  O  O   . HIS A 1 123 ? 2.905   7.875   1.519   1.00   17.74 ? 110  HIS A O   1 
ATOM   901  C  CB  . HIS A 1 123 ? -0.251  7.453   0.675   1.00   16.94 ? 110  HIS A CB  1 
ATOM   902  C  CG  . HIS A 1 123 ? -0.148  8.620   1.602   1.00   19.36 ? 110  HIS A CG  1 
ATOM   903  N  ND1 . HIS A 1 123 ? -0.028  9.930   1.178   1.00   24.54 ? 110  HIS A ND1 1 
ATOM   904  C  CD2 . HIS A 1 123 ? -0.098  8.646   2.949   1.00   17.26 ? 110  HIS A CD2 1 
ATOM   905  C  CE1 . HIS A 1 123 ? 0.043   10.716  2.247   1.00   19.12 ? 110  HIS A CE1 1 
ATOM   906  N  NE2 . HIS A 1 123 ? 0.035   9.958   3.327   1.00   26.26 ? 110  HIS A NE2 1 
ATOM   907  N  N   . ALA A 1 124 ? 2.066   5.914   2.248   1.00   15.86 ? 111  ALA A N   1 
ATOM   908  C  CA  . ALA A 1 124 ? 3.002   5.865   3.374   1.00   16.56 ? 111  ALA A CA  1 
ATOM   909  C  C   . ALA A 1 124 ? 4.429   5.780   2.848   1.00   16.40 ? 111  ALA A C   1 
ATOM   910  O  O   . ALA A 1 124 ? 5.299   6.481   3.322   1.00   16.68 ? 111  ALA A O   1 
ATOM   911  C  CB  . ALA A 1 124 ? 2.677   4.657   4.269   1.00   17.05 ? 111  ALA A CB  1 
ATOM   912  N  N   . CYS A 1 125 ? 4.670   4.873   1.892   1.00   16.50 ? 112  CYS A N   1 
ATOM   913  C  CA  . CYS A 1 125 ? 6.001   4.751   1.341   1.00   17.43 ? 112  CYS A CA  1 
ATOM   914  C  C   . CYS A 1 125 ? 6.481   6.051   0.701   1.00   18.36 ? 112  CYS A C   1 
ATOM   915  O  O   . CYS A 1 125 ? 7.598   6.497   0.953   1.00   17.77 ? 112  CYS A O   1 
ATOM   916  C  CB  . CYS A 1 125 ? 5.955   3.658   0.289   1.00   16.96 ? 112  CYS A CB  1 
ATOM   917  S  SG  . CYS A 1 125 ? 7.634   3.228   -0.320  1.00   19.68 ? 112  CYS A SG  1 
ATOM   918  N  N   . ARG A 1 126 ? 5.599   6.717   -0.040  1.00   17.11 ? 113  ARG A N   1 
ATOM   919  C  CA  . ARG A 1 126 ? 5.962   8.005   -0.649  1.00   17.45 ? 113  ARG A CA  1 
ATOM   920  C  C   . ARG A 1 126 ? 6.345   9.032   0.441   1.00   18.51 ? 113  ARG A C   1 
ATOM   921  O  O   . ARG A 1 126 ? 7.361   9.705   0.313   1.00   18.99 ? 113  ARG A O   1 
ATOM   922  C  CB  . ARG A 1 126 ? 4.716   8.545   -1.362  1.00   17.95 ? 113  ARG A CB  1 
ATOM   923  C  CG  . ARG A 1 126 ? 4.987   9.899   -2.059  1.00   21.86 ? 113  ARG A CG  1 
ATOM   924  C  CD  . ARG A 1 126 ? 3.655   10.530  -2.442  1.00   21.23 ? 113  ARG A CD  1 
ATOM   925  N  NE  . ARG A 1 126 ? 3.076   9.743   -3.533  1.00   21.90 ? 113  ARG A NE  1 
ATOM   926  C  CZ  . ARG A 1 126 ? 1.884   9.923   -4.088  1.00   24.71 ? 113  ARG A CZ  1 
ATOM   927  N  NH1 . ARG A 1 126 ? 1.547   9.153   -5.106  1.00   23.43 ? 113  ARG A NH1 1 
ATOM   928  N  NH2 . ARG A 1 126 ? 1.048   10.864  -3.640  1.00   25.73 ? 113  ARG A NH2 1 
ATOM   929  N  N   . THR A 1 127 ? 5.560   9.114   1.509   1.00   18.32 ? 114  THR A N   1 
ATOM   930  C  CA  . THR A 1 127 ? 5.863   10.078  2.564   1.00   20.81 ? 114  THR A CA  1 
ATOM   931  C  C   . THR A 1 127 ? 7.216   9.809   3.207   1.00   19.91 ? 114  THR A C   1 
ATOM   932  O  O   . THR A 1 127 ? 8.011   10.719  3.457   1.00   21.11 ? 114  THR A O   1 
ATOM   933  C  CB  . THR A 1 127 ? 4.749   10.078  3.607   1.00   21.62 ? 114  THR A CB  1 
ATOM   934  O  OG1 . THR A 1 127 ? 3.516   10.361  2.920   1.00   26.16 ? 114  THR A OG1 1 
ATOM   935  C  CG2 . THR A 1 127 ? 5.020   11.132  4.690   1.00   24.13 ? 114  THR A CG2 1 
ATOM   936  N  N   . LEU A 1 128 ? 7.465   8.544   3.478   1.00   19.37 ? 115  LEU A N   1 
ATOM   937  C  CA  . LEU A 1 128 ? 8.689   8.120   4.155   1.00   20.71 ? 115  LEU A CA  1 
ATOM   938  C  C   . LEU A 1 128 ? 9.884   8.379   3.264   1.00   22.17 ? 115  LEU A C   1 
ATOM   939  O  O   . LEU A 1 128 ? 10.931  8.789   3.736   1.00   24.37 ? 115  LEU A O   1 
ATOM   940  C  CB  . LEU A 1 128 ? 8.633   6.613   4.407   1.00   20.00 ? 115  LEU A CB  1 
ATOM   941  C  CG  . LEU A 1 128 ? 7.667   6.180   5.534   1.00   21.14 ? 115  LEU A CG  1 
ATOM   942  C  CD1 . LEU A 1 128 ? 7.315   4.678   5.389   1.00   20.80 ? 115  LEU A CD1 1 
ATOM   943  C  CD2 . LEU A 1 128 ? 8.274   6.526   6.890   1.00   27.50 ? 115  LEU A CD2 1 
ATOM   944  N  N   . CYS A 1 129 ? 9.742   8.121   1.978   1.00   22.84 ? 116  CYS A N   1 
ATOM   945  C  CA  . CYS A 1 129 ? 10.902  8.251   1.081   1.00   26.15 ? 116  CYS A CA  1 
ATOM   946  C  C   . CYS A 1 129 ? 11.168  9.704   0.664   1.00   29.23 ? 116  CYS A C   1 
ATOM   947  O  O   . CYS A 1 129 ? 12.288  10.027  0.304   1.00   31.09 ? 116  CYS A O   1 
ATOM   948  C  CB  . CYS A 1 129 ? 10.706  7.391   -0.145  1.00   25.33 ? 116  CYS A CB  1 
ATOM   949  S  SG  . CYS A 1 129 ? 10.809  5.648   0.194   1.00   26.75 ? 116  CYS A SG  1 
ATOM   950  N  N   . CYS A 1 130 ? 10.156  10.571  0.713   1.00   31.40 ? 117  CYS A N   1 
ATOM   951  C  CA  A CYS A 1 130 ? 10.367  11.974  0.353   0.50   33.51 ? 117  CYS A CA  1 
ATOM   952  C  CA  B CYS A 1 130 ? 10.283  12.019  0.382   0.50   33.42 ? 117  CYS A CA  1 
ATOM   953  C  C   . CYS A 1 130 ? 10.930  12.812  1.504   1.00   34.72 ? 117  CYS A C   1 
ATOM   954  O  O   . CYS A 1 130 ? 11.506  13.874  1.271   1.00   35.81 ? 117  CYS A O   1 
ATOM   955  C  CB  A CYS A 1 130 ? 9.078   12.579  -0.188  0.50   33.03 ? 117  CYS A CB  1 
ATOM   956  C  CB  B CYS A 1 130 ? 8.904   12.652  0.095   0.50   32.54 ? 117  CYS A CB  1 
ATOM   957  S  SG  A CYS A 1 130 ? 8.615   11.887  -1.792  0.50   35.52 ? 117  CYS A SG  1 
ATOM   958  S  SG  B CYS A 1 130 ? 8.823   14.518  0.017   0.50   35.12 ? 117  CYS A SG  1 
ATOM   959  N  N   . ASN A 1 131 ? 10.780  12.336  2.735   1.00   35.35 ? 118  ASN A N   1 
ATOM   960  C  CA  . ASN A 1 131 ? 11.311  13.062  3.892   1.00   37.27 ? 118  ASN A CA  1 
ATOM   961  C  C   . ASN A 1 131 ? 12.752  12.625  4.151   1.00   38.04 ? 118  ASN A C   1 
ATOM   962  O  O   . ASN A 1 131 ? 13.004  11.537  4.687   1.00   35.96 ? 118  ASN A O   1 
ATOM   963  C  CB  . ASN A 1 131 ? 10.401  12.875  5.117   1.00   37.28 ? 118  ASN A CB  1 
ATOM   964  C  CG  . ASN A 1 131 ? 10.757  13.805  6.272   1.00   41.26 ? 118  ASN A CG  1 
ATOM   965  O  OD1 . ASN A 1 131 ? 11.829  14.413  6.304   1.00   41.25 ? 118  ASN A OD1 1 
ATOM   966  N  ND2 . ASN A 1 131 ? 9.846   13.910  7.232   1.00   43.44 ? 118  ASN A ND2 1 
ATOM   967  N  N   . GLN A 1 132 ? 13.687  13.486  3.742   1.00   38.44 ? 119  GLN A N   1 
ATOM   968  C  CA  . GLN A 1 132 ? 15.127  13.240  3.872   1.00   40.12 ? 119  GLN A CA  1 
ATOM   969  C  C   . GLN A 1 132 ? 15.590  13.015  5.312   1.00   37.81 ? 119  GLN A C   1 
ATOM   970  O  O   . GLN A 1 132 ? 16.630  12.398  5.539   1.00   38.88 ? 119  GLN A O   1 
ATOM   971  C  CB  . GLN A 1 132 ? 15.920  14.391  3.243   1.00   40.35 ? 119  GLN A CB  1 
ATOM   972  C  CG  . GLN A 1 132 ? 15.942  14.356  1.713   1.00   44.21 ? 119  GLN A CG  1 
ATOM   973  C  CD  . GLN A 1 132 ? 16.503  15.627  1.088   1.00   44.45 ? 119  GLN A CD  1 
ATOM   974  O  OE1 . GLN A 1 132 ? 17.323  16.330  1.694   1.00   53.34 ? 119  GLN A OE1 1 
ATOM   975  N  NE2 . GLN A 1 132 ? 16.070  15.924  -0.140  1.00   51.81 ? 119  GLN A NE2 1 
ATOM   976  N  N   . SER A 1 133 ? 14.802  13.491  6.271   1.00   35.88 ? 120  SER A N   1 
ATOM   977  C  CA  . SER A 1 133 ? 15.110  13.333  7.689   1.00   35.00 ? 120  SER A CA  1 
ATOM   978  C  C   . SER A 1 133 ? 14.675  11.981  8.302   1.00   33.46 ? 120  SER A C   1 
ATOM   979  O  O   . SER A 1 133 ? 15.109  11.653  9.422   1.00   33.78 ? 120  SER A O   1 
ATOM   980  C  CB  . SER A 1 133 ? 14.480  14.466  8.494   1.00   36.01 ? 120  SER A CB  1 
ATOM   981  O  OG  . SER A 1 133 ? 13.067  14.343  8.525   1.00   39.60 ? 120  SER A OG  1 
ATOM   982  N  N   . THR A 1 134 ? 13.804  11.236  7.600   1.00   29.95 ? 121  THR A N   1 
ATOM   983  C  CA  . THR A 1 134 ? 13.278  9.970   8.109   1.00   27.17 ? 121  THR A CA  1 
ATOM   984  C  C   . THR A 1 134 ? 14.426  9.002   8.391   1.00   24.04 ? 121  THR A C   1 
ATOM   985  O  O   . THR A 1 134 ? 15.208  8.718   7.503   1.00   24.09 ? 121  THR A O   1 
ATOM   986  C  CB  . THR A 1 134 ? 12.289  9.288   7.111   1.00   27.35 ? 121  THR A CB  1 
ATOM   987  O  OG1 . THR A 1 134 ? 11.324  10.240  6.651   1.00   31.12 ? 121  THR A OG1 1 
ATOM   988  C  CG2 . THR A 1 134 ? 11.552  8.113   7.795   1.00   27.00 ? 121  THR A CG2 1 
ATOM   989  N  N   . PRO A 1 135 ? 14.508  8.474   9.628   1.00   24.20 ? 122  PRO A N   1 
ATOM   990  C  CA  . PRO A 1 135 ? 15.554  7.476   9.866   1.00   22.85 ? 122  PRO A CA  1 
ATOM   991  C  C   . PRO A 1 135 ? 15.375  6.244   8.978   1.00   23.07 ? 122  PRO A C   1 
ATOM   992  O  O   . PRO A 1 135 ? 14.235  5.806   8.723   1.00   20.46 ? 122  PRO A O   1 
ATOM   993  C  CB  . PRO A 1 135 ? 15.372  7.112   11.347  1.00   23.56 ? 122  PRO A CB  1 
ATOM   994  C  CG  . PRO A 1 135 ? 14.540  8.211   11.937  1.00   26.39 ? 122  PRO A CG  1 
ATOM   995  C  CD  . PRO A 1 135 ? 13.664  8.678   10.812  1.00   22.67 ? 122  PRO A CD  1 
ATOM   996  N  N   . TYR A 1 136 ? 16.503  5.712   8.528   1.00   20.55 ? 123  TYR A N   1 
ATOM   997  C  CA  . TYR A 1 136 ? 16.542  4.504   7.693   1.00   19.00 ? 123  TYR A CA  1 
ATOM   998  C  C   . TYR A 1 136 ? 15.635  3.408   8.285   1.00   18.98 ? 123  TYR A C   1 
ATOM   999  O  O   . TYR A 1 136 ? 14.829  2.803   7.577   1.00   18.40 ? 123  TYR A O   1 
ATOM   1000 C  CB  . TYR A 1 136 ? 17.981  3.984   7.578   1.00   20.12 ? 123  TYR A CB  1 
ATOM   1001 C  CG  . TYR A 1 136 ? 18.093  2.663   6.892   1.00   19.20 ? 123  TYR A CG  1 
ATOM   1002 C  CD1 . TYR A 1 136 ? 18.132  2.590   5.494   1.00   19.19 ? 123  TYR A CD1 1 
ATOM   1003 C  CD2 . TYR A 1 136 ? 18.168  1.470   7.613   1.00   20.48 ? 123  TYR A CD2 1 
ATOM   1004 C  CE1 . TYR A 1 136 ? 18.249  1.385   4.831   1.00   19.91 ? 123  TYR A CE1 1 
ATOM   1005 C  CE2 . TYR A 1 136 ? 18.268  0.236   6.953   1.00   18.78 ? 123  TYR A CE2 1 
ATOM   1006 C  CZ  . TYR A 1 136 ? 18.295  0.185   5.567   1.00   16.32 ? 123  TYR A CZ  1 
ATOM   1007 O  OH  . TYR A 1 136 ? 18.420  -0.974  4.879   1.00   19.49 ? 123  TYR A OH  1 
ATOM   1008 N  N   . TYR A 1 137 ? 15.784  3.126   9.570   1.00   18.59 ? 124  TYR A N   1 
ATOM   1009 C  CA  . TYR A 1 137 ? 15.060  1.964   10.112  1.00   17.81 ? 124  TYR A CA  1 
ATOM   1010 C  C   . TYR A 1 137 ? 13.550  2.163   10.011  1.00   18.33 ? 124  TYR A C   1 
ATOM   1011 O  O   . TYR A 1 137 ? 12.804  1.184   9.898   1.00   18.81 ? 124  TYR A O   1 
ATOM   1012 C  CB  . TYR A 1 137 ? 15.458  1.694   11.585  1.00   19.10 ? 124  TYR A CB  1 
ATOM   1013 C  CG  . TYR A 1 137 ? 14.816  2.603   12.609  1.00   19.70 ? 124  TYR A CG  1 
ATOM   1014 C  CD1 . TYR A 1 137 ? 15.510  3.711   13.102  1.00   21.43 ? 124  TYR A CD1 1 
ATOM   1015 C  CD2 . TYR A 1 137 ? 13.555  2.325   13.143  1.00   20.96 ? 124  TYR A CD2 1 
ATOM   1016 C  CE1 . TYR A 1 137 ? 14.921  4.528   14.059  1.00   22.60 ? 124  TYR A CE1 1 
ATOM   1017 C  CE2 . TYR A 1 137 ? 12.954  3.140   14.103  1.00   25.30 ? 124  TYR A CE2 1 
ATOM   1018 C  CZ  . TYR A 1 137 ? 13.628  4.241   14.539  1.00   22.84 ? 124  TYR A CZ  1 
ATOM   1019 O  OH  . TYR A 1 137 ? 13.039  5.032   15.500  1.00   29.08 ? 124  TYR A OH  1 
ATOM   1020 N  N   . VAL A 1 138 ? 13.064  3.407   10.041  1.00   17.14 ? 125  VAL A N   1 
ATOM   1021 C  CA  . VAL A 1 138 ? 11.613  3.635   9.994   1.00   16.31 ? 125  VAL A CA  1 
ATOM   1022 C  C   . VAL A 1 138 ? 11.115  3.350   8.565   1.00   17.22 ? 125  VAL A C   1 
ATOM   1023 O  O   . VAL A 1 138 ? 10.071  2.692   8.351   1.00   17.40 ? 125  VAL A O   1 
ATOM   1024 C  CB  . VAL A 1 138 ? 11.244  5.084   10.380  1.00   18.97 ? 125  VAL A CB  1 
ATOM   1025 C  CG1 . VAL A 1 138 ? 9.770   5.354   10.146  1.00   21.05 ? 125  VAL A CG1 1 
ATOM   1026 C  CG2 . VAL A 1 138 ? 11.566  5.288   11.836  1.00   19.62 ? 125  VAL A CG2 1 
ATOM   1027 N  N   . VAL A 1 139 ? 11.859  3.806   7.571   1.00   17.76 ? 126  VAL A N   1 
ATOM   1028 C  CA  . VAL A 1 139 ? 11.520  3.444   6.177   1.00   16.97 ? 126  VAL A CA  1 
ATOM   1029 C  C   . VAL A 1 139 ? 11.574  1.920   5.970   1.00   15.41 ? 126  VAL A C   1 
ATOM   1030 O  O   . VAL A 1 139 ? 10.669  1.328   5.371   1.00   16.60 ? 126  VAL A O   1 
ATOM   1031 C  CB  . VAL A 1 139 ? 12.481  4.130   5.179   1.00   18.95 ? 126  VAL A CB  1 
ATOM   1032 C  CG1 . VAL A 1 139 ? 12.031  3.859   3.705   1.00   19.56 ? 126  VAL A CG1 1 
ATOM   1033 C  CG2 . VAL A 1 139 ? 12.617  5.635   5.447   1.00   19.40 ? 126  VAL A CG2 1 
ATOM   1034 N  N   . ASP A 1 140 ? 12.636  1.299   6.474   1.00   16.57 ? 127  ASP A N   1 
ATOM   1035 C  CA  . ASP A 1 140 ? 12.890  -0.126  6.256   1.00   15.55 ? 127  ASP A CA  1 
ATOM   1036 C  C   . ASP A 1 140 ? 11.763  -0.939  6.871   1.00   17.39 ? 127  ASP A C   1 
ATOM   1037 O  O   . ASP A 1 140 ? 11.101  -1.714  6.183   1.00   17.53 ? 127  ASP A O   1 
ATOM   1038 C  CB  . ASP A 1 140 ? 14.277  -0.438  6.854   1.00   16.28 ? 127  ASP A CB  1 
ATOM   1039 C  CG  . ASP A 1 140 ? 14.760  -1.815  6.538   1.00   19.42 ? 127  ASP A CG  1 
ATOM   1040 O  OD1 . ASP A 1 140 ? 13.947  -2.731  6.480   1.00   20.31 ? 127  ASP A OD1 1 
ATOM   1041 O  OD2 . ASP A 1 140 ? 15.987  -1.966  6.398   1.00   20.63 ? 127  ASP A OD2 1 
ATOM   1042 N  N   . LEU A 1 141 ? 11.483  -0.730  8.151   1.00   15.66 ? 128  LEU A N   1 
ATOM   1043 C  CA  . LEU A 1 141 ? 10.456  -1.540  8.821   1.00   15.68 ? 128  LEU A CA  1 
ATOM   1044 C  C   . LEU A 1 141 ? 9.065   -1.253  8.257   1.00   16.51 ? 128  LEU A C   1 
ATOM   1045 O  O   . LEU A 1 141 ? 8.228   -2.151  8.236   1.00   17.50 ? 128  LEU A O   1 
ATOM   1046 C  CB  . LEU A 1 141 ? 10.491  -1.364  10.344  1.00   18.12 ? 128  LEU A CB  1 
ATOM   1047 C  CG  . LEU A 1 141 ? 11.794  -1.950  10.932  1.00   20.28 ? 128  LEU A CG  1 
ATOM   1048 C  CD1 . LEU A 1 141 ? 11.768  -1.779  12.432  1.00   27.53 ? 128  LEU A CD1 1 
ATOM   1049 C  CD2 . LEU A 1 141 ? 11.929  -3.431  10.536  1.00   26.01 ? 128  LEU A CD2 1 
ATOM   1050 N  N   . SER A 1 142 ? 8.818   -0.026  7.775   1.00   16.50 ? 129  SER A N   1 
ATOM   1051 C  CA  . SER A 1 142 ? 7.495   0.273   7.217   1.00   16.61 ? 129  SER A CA  1 
ATOM   1052 C  C   . SER A 1 142 ? 7.323   -0.460  5.892   1.00   16.49 ? 129  SER A C   1 
ATOM   1053 O  O   . SER A 1 142 ? 6.234   -1.017  5.623   1.00   17.70 ? 129  SER A O   1 
ATOM   1054 C  CB  . SER A 1 142 ? 7.348   1.763   6.973   1.00   17.02 ? 129  SER A CB  1 
ATOM   1055 O  OG  . SER A 1 142 ? 7.316   2.482   8.186   1.00   17.04 ? 129  SER A OG  1 
ATOM   1056 N  N   . VAL A 1 143 ? 8.329   -0.400  5.015   1.00   15.17 ? 130  VAL A N   1 
ATOM   1057 C  CA  . VAL A 1 143 ? 8.156   -1.072  3.727   1.00   17.08 ? 130  VAL A CA  1 
ATOM   1058 C  C   . VAL A 1 143 ? 8.066   -2.578  3.957   1.00   17.06 ? 130  VAL A C   1 
ATOM   1059 O  O   . VAL A 1 143 ? 7.202   -3.254  3.382   1.00   17.59 ? 130  VAL A O   1 
ATOM   1060 C  CB  . VAL A 1 143 ? 9.292   -0.725  2.778   1.00   18.00 ? 130  VAL A CB  1 
ATOM   1061 C  CG1 . VAL A 1 143 ? 9.330   -1.644  1.561   1.00   20.21 ? 130  VAL A CG1 1 
ATOM   1062 C  CG2 . VAL A 1 143 ? 9.190   0.788   2.366   1.00   19.13 ? 130  VAL A CG2 1 
ATOM   1063 N  N   . ARG A 1 144 ? 8.921   -3.128  4.822   1.00   15.50 ? 131  ARG A N   1 
ATOM   1064 C  CA  . ARG A 1 144 ? 8.778   -4.569  5.088   1.00   15.99 ? 131  ARG A CA  1 
ATOM   1065 C  C   . ARG A 1 144 ? 7.395   -4.873  5.641   1.00   16.25 ? 131  ARG A C   1 
ATOM   1066 O  O   . ARG A 1 144 ? 6.746   -5.899  5.259   1.00   16.78 ? 131  ARG A O   1 
ATOM   1067 C  CB  . ARG A 1 144 ? 9.865   -5.020  6.053   1.00   17.12 ? 131  ARG A CB  1 
ATOM   1068 C  CG  . ARG A 1 144 ? 11.226  -4.914  5.437   1.00   16.86 ? 131  ARG A CG  1 
ATOM   1069 C  CD  . ARG A 1 144 ? 12.234  -5.350  6.485   1.00   17.63 ? 131  ARG A CD  1 
ATOM   1070 N  NE  . ARG A 1 144 ? 13.650  -5.450  6.080   1.00   16.07 ? 131  ARG A NE  1 
ATOM   1071 C  CZ  . ARG A 1 144 ? 14.213  -6.530  5.567   1.00   16.02 ? 131  ARG A CZ  1 
ATOM   1072 N  NH1 . ARG A 1 144 ? 13.477  -7.594  5.282   1.00   17.80 ? 131  ARG A NH1 1 
ATOM   1073 N  NH2 . ARG A 1 144 ? 15.531  -6.535  5.388   1.00   16.70 ? 131  ARG A NH2 1 
ATOM   1074 N  N   . GLY A 1 145 ? 6.926   -4.030  6.574   1.00   16.04 ? 132  GLY A N   1 
ATOM   1075 C  CA  . GLY A 1 145 ? 5.626   -4.263  7.239   1.00   16.45 ? 132  GLY A CA  1 
ATOM   1076 C  C   . GLY A 1 145 ? 4.491   -4.256  6.228   1.00   15.57 ? 132  GLY A C   1 
ATOM   1077 O  O   . GLY A 1 145 ? 3.570   -5.133  6.259   1.00   16.97 ? 132  GLY A O   1 
ATOM   1078 N  N   . MET A 1 146 ? 4.492   -3.275  5.335   1.00   15.80 ? 133  MET A N   1 
ATOM   1079 C  CA  . MET A 1 146 ? 3.356   -3.194  4.378   1.00   15.56 ? 133  MET A CA  1 
ATOM   1080 C  C   . MET A 1 146 ? 3.391   -4.343  3.410   1.00   17.08 ? 133  MET A C   1 
ATOM   1081 O  O   . MET A 1 146 ? 2.346   -4.894  3.036   1.00   18.43 ? 133  MET A O   1 
ATOM   1082 C  CB  . MET A 1 146 ? 3.332   -1.849  3.624   1.00   16.98 ? 133  MET A CB  1 
ATOM   1083 C  CG  . MET A 1 146 ? 4.517   -1.595  2.727   1.00   17.79 ? 133  MET A CG  1 
ATOM   1084 S  SD  . MET A 1 146 ? 4.423   0.068   1.936   1.00   20.24 ? 133  MET A SD  1 
ATOM   1085 C  CE  . MET A 1 146 ? 4.480   1.130   3.382   1.00   21.25 ? 133  MET A CE  1 
ATOM   1086 N  N   . LEU A 1 147 ? 4.604   -4.696  2.981   1.00   15.89 ? 134  LEU A N   1 
ATOM   1087 C  CA  . LEU A 1 147 ? 4.702   -5.797  2.023   1.00   16.38 ? 134  LEU A CA  1 
ATOM   1088 C  C   . LEU A 1 147 ? 4.269   -7.128  2.657   1.00   17.68 ? 134  LEU A C   1 
ATOM   1089 O  O   . LEU A 1 147 ? 3.568   -7.952  2.025   1.00   18.14 ? 134  LEU A O   1 
ATOM   1090 C  CB  . LEU A 1 147 ? 6.137   -5.936  1.478   1.00   17.18 ? 134  LEU A CB  1 
ATOM   1091 C  CG  . LEU A 1 147 ? 6.550   -4.782  0.606   1.00   17.07 ? 134  LEU A CG  1 
ATOM   1092 C  CD1 . LEU A 1 147 ? 8.044   -4.938  0.155   1.00   17.54 ? 134  LEU A CD1 1 
ATOM   1093 C  CD2 . LEU A 1 147 ? 5.664   -4.569  -0.618  1.00   19.78 ? 134  LEU A CD2 1 
ATOM   1094 N  N   . GLU A 1 148 ? 4.735   -7.395  3.874   1.00   16.10 ? 135  GLU A N   1 
ATOM   1095 C  CA  . GLU A 1 148 ? 4.372   -8.648  4.534   1.00   17.29 ? 135  GLU A CA  1 
ATOM   1096 C  C   . GLU A 1 148 ? 2.882   -8.712  4.841   1.00   17.97 ? 135  GLU A C   1 
ATOM   1097 O  O   . GLU A 1 148 ? 2.294   -9.775  4.671   1.00   20.38 ? 135  GLU A O   1 
ATOM   1098 C  CB  . GLU A 1 148 ? 5.247   -8.803  5.806   1.00   17.21 ? 135  GLU A CB  1 
ATOM   1099 C  CG  . GLU A 1 148 ? 6.672   -9.102  5.365   1.00   18.60 ? 135  GLU A CG  1 
ATOM   1100 C  CD  . GLU A 1 148 ? 7.694   -9.088  6.474   1.00   19.10 ? 135  GLU A CD  1 
ATOM   1101 O  OE1 . GLU A 1 148 ? 7.393   -8.743  7.651   1.00   19.69 ? 135  GLU A OE1 1 
ATOM   1102 O  OE2 . GLU A 1 148 ? 8.868   -9.445  6.112   1.00   20.39 ? 135  GLU A OE2 1 
ATOM   1103 N  N   . ALA A 1 149 ? 2.289   -7.622  5.316   1.00   17.48 ? 136  ALA A N   1 
ATOM   1104 C  CA  . ALA A 1 149 ? 0.912   -7.690  5.685   1.00   17.21 ? 136  ALA A CA  1 
ATOM   1105 C  C   . ALA A 1 149 ? 0.101   -7.928  4.409   1.00   18.83 ? 136  ALA A C   1 
ATOM   1106 O  O   . ALA A 1 149 ? -0.895  -8.670  4.438   1.00   19.17 ? 136  ALA A O   1 
ATOM   1107 C  CB  . ALA A 1 149 ? 0.514   -6.386  6.347   1.00   17.47 ? 136  ALA A CB  1 
ATOM   1108 N  N   . SER A 1 150 ? 0.521   -7.312  3.316   1.00   16.96 ? 137  SER A N   1 
ATOM   1109 C  CA  . SER A 1 150 ? -0.257  -7.381  2.054   1.00   17.47 ? 137  SER A CA  1 
ATOM   1110 C  C   . SER A 1 150 ? -0.349  -8.787  1.483   1.00   18.37 ? 137  SER A C   1 
ATOM   1111 O  O   . SER A 1 150 ? -1.232  -9.059  0.636   1.00   19.11 ? 137  SER A O   1 
ATOM   1112 C  CB  . SER A 1 150 ? 0.386   -6.452  1.025   1.00   17.46 ? 137  SER A CB  1 
ATOM   1113 O  OG  . SER A 1 150 ? 0.212   -5.096  1.437   1.00   18.45 ? 137  SER A OG  1 
ATOM   1114 N  N   . GLU A 1 151 ? 0.553   -9.696  1.871   1.00   19.12 ? 138  GLU A N   1 
ATOM   1115 C  CA  . GLU A 1 151 ? 0.455   -11.078 1.426   1.00   19.18 ? 138  GLU A CA  1 
ATOM   1116 C  C   . GLU A 1 151 ? -0.919  -11.656 1.762   1.00   22.71 ? 138  GLU A C   1 
ATOM   1117 O  O   . GLU A 1 151 ? -1.372  -12.588 1.089   1.00   22.88 ? 138  GLU A O   1 
ATOM   1118 C  CB  . GLU A 1 151 ? 1.541   -11.935 2.064   1.00   21.25 ? 138  GLU A CB  1 
ATOM   1119 C  CG  . GLU A 1 151 ? 2.933   -11.459 1.674   1.00   23.44 ? 138  GLU A CG  1 
ATOM   1120 C  CD  . GLU A 1 151 ? 4.031   -12.097 2.480   1.00   29.06 ? 138  GLU A CD  1 
ATOM   1121 O  OE1 . GLU A 1 151 ? 3.719   -12.999 3.240   1.00   30.44 ? 138  GLU A OE1 1 
ATOM   1122 O  OE2 . GLU A 1 151 ? 5.209   -11.685 2.348   1.00   29.34 ? 138  GLU A OE2 1 
ATOM   1123 N  N   . GLY A 1 152 ? -1.586  -11.096 2.774   1.00   19.90 ? 139  GLY A N   1 
ATOM   1124 C  CA  . GLY A 1 152 ? -2.893  -11.595 3.181   1.00   22.11 ? 139  GLY A CA  1 
ATOM   1125 C  C   . GLY A 1 152 ? -3.950  -11.373 2.129   1.00   22.39 ? 139  GLY A C   1 
ATOM   1126 O  O   . GLY A 1 152 ? -5.019  -11.984 2.249   1.00   24.92 ? 139  GLY A O   1 
ATOM   1127 N  N   . LEU A 1 153 ? -3.678  -10.569 1.103   1.00   21.21 ? 140  LEU A N   1 
ATOM   1128 C  CA  . LEU A 1 153 ? -4.675  -10.380 -0.001  1.00   21.00 ? 140  LEU A CA  1 
ATOM   1129 C  C   . LEU A 1 153 ? -4.576  -11.449 -1.078  1.00   22.62 ? 140  LEU A C   1 
ATOM   1130 O  O   . LEU A 1 153 ? -5.467  -11.543 -1.942  1.00   22.75 ? 140  LEU A O   1 
ATOM   1131 C  CB  . LEU A 1 153 ? -4.530  -9.025  -0.669  1.00   22.05 ? 140  LEU A CB  1 
ATOM   1132 C  CG  . LEU A 1 153 ? -5.082  -7.847  0.102   1.00   23.84 ? 140  LEU A CG  1 
ATOM   1133 C  CD1 . LEU A 1 153 ? -4.759  -6.558  -0.586  1.00   27.71 ? 140  LEU A CD1 1 
ATOM   1134 C  CD2 . LEU A 1 153 ? -6.594  -8.030  0.234   1.00   30.35 ? 140  LEU A CD2 1 
ATOM   1135 N  N   . ASP A 1 154 ? -3.532  -12.261 -1.068  1.00   22.34 ? 141  ASP A N   1 
ATOM   1136 C  CA  . ASP A 1 154 ? -3.295  -13.164 -2.200  1.00   23.76 ? 141  ASP A CA  1 
ATOM   1137 C  C   . ASP A 1 154 ? -4.436  -14.144 -2.426  1.00   25.58 ? 141  ASP A C   1 
ATOM   1138 O  O   . ASP A 1 154 ? -4.803  -14.401 -3.578  1.00   24.62 ? 141  ASP A O   1 
ATOM   1139 C  CB  . ASP A 1 154 ? -2.011  -13.930 -1.986  1.00   21.51 ? 141  ASP A CB  1 
ATOM   1140 C  CG  . ASP A 1 154 ? -0.764  -13.098 -2.296  1.00   24.26 ? 141  ASP A CG  1 
ATOM   1141 O  OD1 . ASP A 1 154 ? -0.904  -12.048 -2.940  1.00   26.76 ? 141  ASP A OD1 1 
ATOM   1142 O  OD2 . ASP A 1 154 ? 0.325   -13.539 -1.878  1.00   27.05 ? 141  ASP A OD2 1 
ATOM   1143 N  N   . GLY A 1 155 ? -4.997  -14.689 -1.350  1.00   24.68 ? 142  GLY A N   1 
ATOM   1144 C  CA  . GLY A 1 155 ? -6.073  -15.689 -1.505  1.00   27.28 ? 142  GLY A CA  1 
ATOM   1145 C  C   . GLY A 1 155 ? -7.255  -15.079 -2.216  1.00   28.05 ? 142  GLY A C   1 
ATOM   1146 O  O   . GLY A 1 155 ? -7.763  -15.639 -3.202  1.00   29.97 ? 142  GLY A O   1 
ATOM   1147 N  N   . TRP A 1 156 ? -7.691  -13.908 -1.760  1.00   26.75 ? 143  TRP A N   1 
ATOM   1148 C  CA  . TRP A 1 156 ? -8.873  -13.292 -2.310  1.00   28.09 ? 143  TRP A CA  1 
ATOM   1149 C  C   . TRP A 1 156 ? -8.610  -12.773 -3.718  1.00   28.94 ? 143  TRP A C   1 
ATOM   1150 O  O   . TRP A 1 156 ? -9.478  -12.893 -4.595  1.00   26.79 ? 143  TRP A O   1 
ATOM   1151 C  CB  . TRP A 1 156 ? -9.357  -12.176 -1.404  1.00   30.15 ? 143  TRP A CB  1 
ATOM   1152 C  CG  . TRP A 1 156 ? -10.623 -11.565 -1.864  1.00   32.88 ? 143  TRP A CG  1 
ATOM   1153 C  CD1 . TRP A 1 156 ? -11.888 -11.996 -1.594  1.00   36.15 ? 143  TRP A CD1 1 
ATOM   1154 C  CD2 . TRP A 1 156 ? -10.759 -10.387 -2.662  1.00   34.71 ? 143  TRP A CD2 1 
ATOM   1155 N  NE1 . TRP A 1 156 ? -12.806 -11.160 -2.186  1.00   34.40 ? 143  TRP A NE1 1 
ATOM   1156 C  CE2 . TRP A 1 156 ? -12.138 -10.161 -2.843  1.00   33.13 ? 143  TRP A CE2 1 
ATOM   1157 C  CE3 . TRP A 1 156 ? -9.845  -9.494  -3.237  1.00   32.29 ? 143  TRP A CE3 1 
ATOM   1158 C  CZ2 . TRP A 1 156 ? -12.629 -9.091  -3.585  1.00   33.96 ? 143  TRP A CZ2 1 
ATOM   1159 C  CZ3 . TRP A 1 156 ? -10.335 -8.434  -3.981  1.00   33.46 ? 143  TRP A CZ3 1 
ATOM   1160 C  CH2 . TRP A 1 156 ? -11.717 -8.241  -4.150  1.00   35.82 ? 143  TRP A CH2 1 
ATOM   1161 N  N   . ILE A 1 157 ? -7.428  -12.216 -3.976  1.00   27.52 ? 144  ILE A N   1 
ATOM   1162 C  CA  . ILE A 1 157 ? -7.265  -11.661 -5.301  1.00   29.21 ? 144  ILE A CA  1 
ATOM   1163 C  C   . ILE A 1 157 ? -7.119  -12.760 -6.357  1.00   28.55 ? 144  ILE A C   1 
ATOM   1164 O  O   . ILE A 1 157 ? -7.545  -12.593 -7.498  1.00   27.73 ? 144  ILE A O   1 
ATOM   1165 C  CB  . ILE A 1 157 ? -6.229  -10.507 -5.410  1.00   30.07 ? 144  ILE A CB  1 
ATOM   1166 C  CG1 . ILE A 1 157 ? -4.920  -10.985 -5.974  1.00   35.45 ? 144  ILE A CG1 1 
ATOM   1167 C  CG2 . ILE A 1 157 ? -6.143  -9.662  -4.164  1.00   32.60 ? 144  ILE A CG2 1 
ATOM   1168 C  CD1 . ILE A 1 157 ? -4.802  -10.458 -7.312  1.00   38.44 ? 144  ILE A CD1 1 
ATOM   1169 N  N   . HIS A 1 158 ? -6.549  -13.886 -5.959  1.00   27.75 ? 145  HIS A N   1 
ATOM   1170 C  CA  . HIS A 1 158 ? -6.477  -15.052 -6.817  1.00   29.59 ? 145  HIS A CA  1 
ATOM   1171 C  C   . HIS A 1 158 ? -7.900  -15.473 -7.202  1.00   29.56 ? 145  HIS A C   1 
ATOM   1172 O  O   . HIS A 1 158 ? -8.172  -15.832 -8.376  1.00   29.39 ? 145  HIS A O   1 
ATOM   1173 C  CB  . HIS A 1 158 ? -5.774  -16.192 -6.078  1.00   29.40 ? 145  HIS A CB  1 
ATOM   1174 C  CG  . HIS A 1 158 ? -5.733  -17.471 -6.846  1.00   35.18 ? 145  HIS A CG  1 
ATOM   1175 N  ND1 . HIS A 1 158 ? -4.718  -17.779 -7.726  1.00   40.28 ? 145  HIS A ND1 1 
ATOM   1176 C  CD2 . HIS A 1 158 ? -6.591  -18.519 -6.880  1.00   37.31 ? 145  HIS A CD2 1 
ATOM   1177 C  CE1 . HIS A 1 158 ? -4.946  -18.964 -8.261  1.00   39.17 ? 145  HIS A CE1 1 
ATOM   1178 N  NE2 . HIS A 1 158 ? -6.076  -19.435 -7.763  1.00   37.74 ? 145  HIS A NE2 1 
ATOM   1179 N  N   . GLN A 1 159 ? -8.809  -15.416 -6.226  1.00   29.90 ? 146  GLN A N   1 
ATOM   1180 C  CA  . GLN A 1 159 ? -10.237 -15.743 -6.478  1.00   31.98 ? 146  GLN A CA  1 
ATOM   1181 C  C   . GLN A 1 159 ? -10.868 -14.799 -7.498  1.00   31.35 ? 146  GLN A C   1 
ATOM   1182 O  O   . GLN A 1 159 ? -11.913 -15.122 -8.082  1.00   32.23 ? 146  GLN A O   1 
ATOM   1183 C  CB  . GLN A 1 159 ? -11.061 -15.727 -5.177  1.00   31.64 ? 146  GLN A CB  1 
ATOM   1184 C  CG  . GLN A 1 159 ? -10.890 -16.957 -4.293  1.00   35.43 ? 146  GLN A CG  1 
ATOM   1185 C  CD  . GLN A 1 159 ? -11.284 -16.709 -2.825  1.00   35.50 ? 146  GLN A CD  1 
ATOM   1186 O  OE1 . GLN A 1 159 ? -12.293 -15.696 -2.708  0.0000 43.87 ? 146  GLN A OE1 1 
ATOM   1187 N  NE2 . GLN A 1 159 ? -11.342 -17.598 -1.946  0.0000 42.05 ? 146  GLN A NE2 1 
ATOM   1188 N  N   . GLN A 1 160 ? -10.247 -13.642 -7.724  1.00   30.53 ? 147  GLN A N   1 
ATOM   1189 C  CA  . GLN A 1 160 ? -10.744 -12.678 -8.707  1.00   30.21 ? 147  GLN A CA  1 
ATOM   1190 C  C   . GLN A 1 160 ? -10.034 -12.784 -10.075 1.00   28.35 ? 147  GLN A C   1 
ATOM   1191 O  O   . GLN A 1 160 ? -10.288 -11.980 -10.990 1.00   29.78 ? 147  GLN A O   1 
ATOM   1192 C  CB  . GLN A 1 160 ? -10.721 -11.247 -8.144  1.00   30.56 ? 147  GLN A CB  1 
ATOM   1193 C  CG  . GLN A 1 160 ? -11.137 -11.132 -6.665  1.00   32.68 ? 147  GLN A CG  1 
ATOM   1194 C  CD  . GLN A 1 160 ? -12.451 -11.802 -6.374  1.00   35.69 ? 147  GLN A CD  1 
ATOM   1195 O  OE1 . GLN A 1 160 ? -13.468 -11.494 -7.008  1.00   38.52 ? 147  GLN A OE1 1 
ATOM   1196 N  NE2 . GLN A 1 160 ? -12.445 -12.751 -5.433  1.00   36.96 ? 147  GLN A NE2 1 
ATOM   1197 N  N   . GLY A 1 161 ? -9.183  -13.797 -10.217 1.00   26.28 ? 148  GLY A N   1 
ATOM   1198 C  CA  . GLY A 1 161 ? -8.392  -13.983 -11.422 1.00   26.85 ? 148  GLY A CA  1 
ATOM   1199 C  C   . GLY A 1 161 ? -7.091  -13.222 -11.450 1.00   28.04 ? 148  GLY A C   1 
ATOM   1200 O  O   . GLY A 1 161 ? -6.467  -13.091 -12.495 1.00   27.93 ? 148  GLY A O   1 
ATOM   1201 N  N   . GLY A 1 162 ? -6.671  -12.716 -10.291 1.00   26.96 ? 149  GLY A N   1 
ATOM   1202 C  CA  . GLY A 1 162 ? -5.417  -11.979 -10.203 1.00   26.45 ? 149  GLY A CA  1 
ATOM   1203 C  C   . GLY A 1 162 ? -5.518  -10.486 -10.473 1.00   27.01 ? 149  GLY A C   1 
ATOM   1204 O  O   . GLY A 1 162 ? -6.521  -9.994  -10.994 1.00   25.70 ? 149  GLY A O   1 
ATOM   1205 N  N   . TRP A 1 163 ? -4.457  -9.755  -10.097 1.00   25.37 ? 150  TRP A N   1 
ATOM   1206 C  CA  . TRP A 1 163 ? -4.397  -8.299  -10.244 1.00   25.31 ? 150  TRP A CA  1 
ATOM   1207 C  C   . TRP A 1 163 ? -4.614  -7.834  -11.678 1.00   24.22 ? 150  TRP A C   1 
ATOM   1208 O  O   . TRP A 1 163 ? -5.281  -6.828  -11.909 1.00   24.73 ? 150  TRP A O   1 
ATOM   1209 C  CB  . TRP A 1 163 ? -3.081  -7.726  -9.664  1.00   24.68 ? 150  TRP A CB  1 
ATOM   1210 C  CG  . TRP A 1 163 ? -3.044  -7.800  -8.160  1.00   24.96 ? 150  TRP A CG  1 
ATOM   1211 C  CD1 . TRP A 1 163 ? -2.351  -8.704  -7.379  1.00   24.06 ? 150  TRP A CD1 1 
ATOM   1212 C  CD2 . TRP A 1 163 ? -3.748  -6.934  -7.251  1.00   26.61 ? 150  TRP A CD2 1 
ATOM   1213 N  NE1 . TRP A 1 163 ? -2.590  -8.448  -6.035  1.00   23.56 ? 150  TRP A NE1 1 
ATOM   1214 C  CE2 . TRP A 1 163 ? -3.437  -7.373  -5.934  1.00   23.07 ? 150  TRP A CE2 1 
ATOM   1215 C  CE3 . TRP A 1 163 ? -4.612  -5.829  -7.414  1.00   25.04 ? 150  TRP A CE3 1 
ATOM   1216 C  CZ2 . TRP A 1 163 ? -3.963  -6.734  -4.791  1.00   25.95 ? 150  TRP A CZ2 1 
ATOM   1217 C  CZ3 . TRP A 1 163 ? -5.138  -5.187  -6.258  1.00   25.53 ? 150  TRP A CZ3 1 
ATOM   1218 C  CH2 . TRP A 1 163 ? -4.810  -5.659  -4.969  1.00   25.68 ? 150  TRP A CH2 1 
ATOM   1219 N  N   . SER A 1 164 ? -4.032  -8.565  -12.632 1.00   24.91 ? 151  SER A N   1 
ATOM   1220 C  CA  . SER A 1 164 ? -4.118  -8.165  -14.037 1.00   26.87 ? 151  SER A CA  1 
ATOM   1221 C  C   . SER A 1 164 ? -5.549  -8.248  -14.574 1.00   27.98 ? 151  SER A C   1 
ATOM   1222 O  O   . SER A 1 164 ? -6.022  -7.321  -15.249 1.00   28.00 ? 151  SER A O   1 
ATOM   1223 C  CB  . SER A 1 164 ? -3.124  -8.940  -14.895 1.00   26.35 ? 151  SER A CB  1 
ATOM   1224 O  OG  . SER A 1 164 ? -1.801  -8.548  -14.582 1.00   30.78 ? 151  SER A OG  1 
ATOM   1225 N  N   . THR A 1 165 ? -6.246  -9.340  -14.254 1.00   29.21 ? 152  THR A N   1 
ATOM   1226 C  CA  . THR A 1 165 ? -7.674  -9.468  -14.610 1.00   29.28 ? 152  THR A CA  1 
ATOM   1227 C  C   . THR A 1 165 ? -8.515  -8.331  -14.045 1.00   29.29 ? 152  THR A C   1 
ATOM   1228 O  O   . THR A 1 165 ? -9.299  -7.717  -14.774 1.00   29.14 ? 152  THR A O   1 
ATOM   1229 C  CB  . THR A 1 165 ? -8.259  -10.839 -14.170 1.00   29.62 ? 152  THR A CB  1 
ATOM   1230 O  OG1 . THR A 1 165 ? -7.515  -11.887 -14.790 1.00   33.23 ? 152  THR A OG1 1 
ATOM   1231 C  CG2 . THR A 1 165 ? -9.717  -10.973 -14.574 1.00   31.46 ? 152  THR A CG2 1 
ATOM   1232 N  N   . LEU A 1 166 ? -8.324  -8.007  -12.759 1.00   28.11 ? 153  LEU A N   1 
ATOM   1233 C  CA  . LEU A 1 166 ? -9.118  -6.959  -12.119 1.00   28.17 ? 153  LEU A CA  1 
ATOM   1234 C  C   . LEU A 1 166 ? -9.013  -5.601  -12.826 1.00   28.57 ? 153  LEU A C   1 
ATOM   1235 O  O   . LEU A 1 166 ? -10.036 -4.944  -13.036 1.00   29.24 ? 153  LEU A O   1 
ATOM   1236 C  CB  . LEU A 1 166 ? -8.794  -6.829  -10.614 1.00   28.10 ? 153  LEU A CB  1 
ATOM   1237 C  CG  . LEU A 1 166 ? -9.340  -7.863  -9.598  1.00   30.83 ? 153  LEU A CG  1 
ATOM   1238 C  CD1 . LEU A 1 166 ? -8.551  -7.873  -8.275  1.00   31.61 ? 153  LEU A CD1 1 
ATOM   1239 C  CD2 . LEU A 1 166 ? -10.820 -7.643  -9.287  1.00   30.94 ? 153  LEU A CD2 1 
ATOM   1240 N  N   . ILE A 1 167 ? -7.798  -5.190  -13.213 1.00   27.95 ? 154  ILE A N   1 
ATOM   1241 C  CA  . ILE A 1 167 ? -7.650  -3.890  -13.874 1.00   28.11 ? 154  ILE A CA  1 
ATOM   1242 C  C   . ILE A 1 167 ? -8.172  -3.899  -15.315 1.00   28.54 ? 154  ILE A C   1 
ATOM   1243 O  O   . ILE A 1 167 ? -8.843  -2.953  -15.724 1.00   28.66 ? 154  ILE A O   1 
ATOM   1244 C  CB  . ILE A 1 167 ? -6.209  -3.283  -13.758 1.00   26.61 ? 154  ILE A CB  1 
ATOM   1245 C  CG1 . ILE A 1 167 ? -6.206  -1.798  -14.127 1.00   30.31 ? 154  ILE A CG1 1 
ATOM   1246 C  CG2 . ILE A 1 167 ? -5.215  -4.016  -14.617 1.00   26.02 ? 154  ILE A CG2 1 
ATOM   1247 C  CD1 . ILE A 1 167 ? -7.047  -0.958  -13.256 1.00   31.06 ? 154  ILE A CD1 1 
ATOM   1248 N  N   . GLU A 1 168 ? -7.866  -4.972  -16.054 1.00   29.55 ? 155  GLU A N   1 
ATOM   1249 C  CA  . GLU A 1 168 ? -8.194  -5.076  -17.480 1.00   31.58 ? 155  GLU A CA  1 
ATOM   1250 C  C   . GLU A 1 168 ? -9.686  -5.198  -17.676 1.00   32.89 ? 155  GLU A C   1 
ATOM   1251 O  O   . GLU A 1 168 ? -10.239 -4.672  -18.660 1.00   31.89 ? 155  GLU A O   1 
ATOM   1252 C  CB  . GLU A 1 168 ? -7.475  -6.273  -18.114 1.00   31.61 ? 155  GLU A CB  1 
ATOM   1253 C  CG  . GLU A 1 168 ? -5.999  -6.011  -18.364 1.00   36.60 ? 155  GLU A CG  1 
ATOM   1254 C  CD  . GLU A 1 168 ? -5.150  -7.274  -18.460 1.00   43.01 ? 155  GLU A CD  1 
ATOM   1255 O  OE1 . GLU A 1 168 ? -5.695  -8.363  -18.747 1.00   43.91 ? 155  GLU A OE1 1 
ATOM   1256 O  OE2 . GLU A 1 168 ? -3.919  -7.168  -18.255 1.00   44.02 ? 155  GLU A OE2 1 
ATOM   1257 N  N   . ASP A 1 169 ? -10.348 -5.858  -16.727 1.00   33.53 ? 156  ASP A N   1 
ATOM   1258 C  CA  . ASP A 1 169 ? -11.731 -6.255  -16.940 1.00   35.02 ? 156  ASP A CA  1 
ATOM   1259 C  C   . ASP A 1 169 ? -12.769 -5.734  -15.940 1.00   36.03 ? 156  ASP A C   1 
ATOM   1260 O  O   . ASP A 1 169 ? -13.948 -5.653  -16.285 1.00   36.92 ? 156  ASP A O   1 
ATOM   1261 C  CB  . ASP A 1 169 ? -11.797 -7.778  -17.090 1.00   34.55 ? 156  ASP A CB  1 
ATOM   1262 C  CG  . ASP A 1 169 ? -10.955 -8.284  -18.269 1.00   33.38 ? 156  ASP A CG  1 
ATOM   1263 O  OD1 . ASP A 1 169 ? -10.871 -7.562  -19.289 1.00   36.51 ? 156  ASP A OD1 1 
ATOM   1264 O  OD2 . ASP A 1 169 ? -10.391 -9.395  -18.194 1.00   26.69 ? 156  ASP A OD2 1 
ATOM   1265 N  N   . ASN A 1 170 ? -12.353 -5.342  -14.738 1.00   37.52 ? 157  ASN A N   1 
ATOM   1266 C  CA  . ASN A 1 170 ? -13.310 -4.966  -13.684 1.00   38.71 ? 157  ASN A CA  1 
ATOM   1267 C  C   . ASN A 1 170 ? -13.229 -3.523  -13.190 1.00   39.69 ? 157  ASN A C   1 
ATOM   1268 O  O   . ASN A 1 170 ? -14.183 -3.029  -12.583 1.00   42.34 ? 157  ASN A O   1 
ATOM   1269 C  CB  . ASN A 1 170 ? -13.186 -5.895  -12.456 1.00   39.98 ? 157  ASN A CB  1 
ATOM   1270 C  CG  . ASN A 1 170 ? -13.474 -7.366  -12.776 1.00   41.54 ? 157  ASN A CG  1 
ATOM   1271 O  OD1 . ASN A 1 170 ? -14.130 -7.700  -13.770 1.00   40.82 ? 157  ASN A OD1 1 
ATOM   1272 N  ND2 . ASN A 1 170 ? -12.990 -8.250  -11.911 1.00   43.53 ? 157  ASN A ND2 1 
ATOM   1273 N  N   . ILE A 1 171 ? -12.102 -2.851  -13.406 1.00   38.46 ? 158  ILE A N   1 
ATOM   1274 C  CA  . ILE A 1 171 ? -11.990 -1.458  -12.937 1.00   37.42 ? 158  ILE A CA  1 
ATOM   1275 C  C   . ILE A 1 171 ? -11.785 -0.478  -14.094 1.00   36.02 ? 158  ILE A C   1 
ATOM   1276 O  O   . ILE A 1 171 ? -10.922 -0.673  -14.942 1.00   34.66 ? 158  ILE A O   1 
ATOM   1277 C  CB  . ILE A 1 171 ? -10.885 -1.242  -11.871 1.00   37.02 ? 158  ILE A CB  1 
ATOM   1278 C  CG1 . ILE A 1 171 ? -10.635 -2.507  -11.040 1.00   35.67 ? 158  ILE A CG1 1 
ATOM   1279 C  CG2 . ILE A 1 171 ? -11.272 -0.069  -10.959 1.00   39.18 ? 158  ILE A CG2 1 
ATOM   1280 C  CD1 . ILE A 1 171 ? -9.333  -2.470  -10.266 1.00   37.92 ? 158  ILE A CD1 1 
ATOM   1281 N  N   . ASP B 2 1   ? -3.338  2.689   22.724  1.00   43.62 ? 51   ASP B N   1 
ATOM   1282 C  CA  . ASP B 2 1   ? -2.113  2.026   22.176  1.00   44.15 ? 51   ASP B CA  1 
ATOM   1283 C  C   . ASP B 2 1   ? -2.368  1.366   20.814  1.00   43.04 ? 51   ASP B C   1 
ATOM   1284 O  O   . ASP B 2 1   ? -1.716  1.719   19.819  1.00   43.46 ? 51   ASP B O   1 
ATOM   1285 C  CB  . ASP B 2 1   ? -1.532  1.007   23.162  1.00   44.83 ? 51   ASP B CB  1 
ATOM   1286 C  CG  . ASP B 2 1   ? -0.175  0.467   22.716  1.00   47.59 ? 51   ASP B CG  1 
ATOM   1287 O  OD1 . ASP B 2 1   ? 0.637   1.249   22.167  1.00   51.42 ? 51   ASP B OD1 1 
ATOM   1288 O  OD2 . ASP B 2 1   ? 0.085   -0.743  22.918  1.00   52.77 ? 51   ASP B OD2 1 
ATOM   1289 N  N   . MET B 2 2   ? -3.297  0.407   20.773  1.00   41.15 ? 52   MET B N   1 
ATOM   1290 C  CA  . MET B 2 2   ? -3.795  -0.120  19.497  1.00   39.45 ? 52   MET B CA  1 
ATOM   1291 C  C   . MET B 2 2   ? -4.959  0.716   18.941  1.00   37.05 ? 52   MET B C   1 
ATOM   1292 O  O   . MET B 2 2   ? -5.511  0.418   17.880  1.00   35.05 ? 52   MET B O   1 
ATOM   1293 C  CB  . MET B 2 2   ? -4.155  -1.609  19.604  1.00   40.78 ? 52   MET B CB  1 
ATOM   1294 C  CG  . MET B 2 2   ? -3.239  -2.558  18.802  1.00   46.26 ? 52   MET B CG  1 
ATOM   1295 S  SD  . MET B 2 2   ? -1.460  -2.173  18.761  1.00   51.81 ? 52   MET B SD  1 
ATOM   1296 C  CE  . MET B 2 2   ? -0.861  -3.463  17.664  1.00   47.17 ? 52   MET B CE  1 
ATOM   1297 N  N   . ARG B 2 3   ? -5.318  1.782   19.655  1.00   35.03 ? 53   ARG B N   1 
ATOM   1298 C  CA  . ARG B 2 3   ? -6.399  2.669   19.217  1.00   33.98 ? 53   ARG B CA  1 
ATOM   1299 C  C   . ARG B 2 3   ? -6.164  3.396   17.875  1.00   31.77 ? 53   ARG B C   1 
ATOM   1300 O  O   . ARG B 2 3   ? -7.096  3.480   17.067  1.00   31.90 ? 53   ARG B O   1 
ATOM   1301 C  CB  . ARG B 2 3   ? -6.810  3.633   20.338  1.00   33.78 ? 53   ARG B CB  1 
ATOM   1302 C  CG  . ARG B 2 3   ? -7.412  2.933   21.569  1.00   35.48 ? 53   ARG B CG  1 
ATOM   1303 C  CD  . ARG B 2 3   ? -7.693  3.369   22.728  0.0000 44.97 ? 53   ARG B CD  1 
ATOM   1304 N  NE  . ARG B 2 3   ? -8.738  2.708   23.517  0.0000 48.74 ? 53   ARG B NE  1 
ATOM   1305 C  CZ  . ARG B 2 3   ? -8.720  2.554   24.836  0.0000 49.94 ? 53   ARG B CZ  1 
ATOM   1306 N  NH1 . ARG B 2 3   ? -7.704  3.020   25.554  0.0000 52.04 ? 53   ARG B NH1 1 
ATOM   1307 N  NH2 . ARG B 2 3   ? -9.725  1.930   25.438  0.0000 50.97 ? 53   ARG B NH2 1 
ATOM   1308 N  N   . PRO B 2 4   ? -4.933  3.906   17.601  1.00   31.35 ? 54   PRO B N   1 
ATOM   1309 C  CA  . PRO B 2 4   ? -4.725  4.491   16.270  1.00   29.93 ? 54   PRO B CA  1 
ATOM   1310 C  C   . PRO B 2 4   ? -5.042  3.521   15.150  1.00   28.72 ? 54   PRO B C   1 
ATOM   1311 O  O   . PRO B 2 4   ? -5.708  3.886   14.186  1.00   29.41 ? 54   PRO B O   1 
ATOM   1312 C  CB  . PRO B 2 4   ? -3.227  4.819   16.243  1.00   29.54 ? 54   PRO B CB  1 
ATOM   1313 C  CG  . PRO B 2 4   ? -2.863  4.995   17.661  1.00   31.27 ? 54   PRO B CG  1 
ATOM   1314 C  CD  . PRO B 2 4   ? -3.729  4.029   18.443  1.00   31.06 ? 54   PRO B CD  1 
ATOM   1315 N  N   . GLU B 2 5   ? -4.616  2.267   15.315  1.00   26.29 ? 55   GLU B N   1 
ATOM   1316 C  CA  . GLU B 2 5   ? -4.778  1.274   14.252  1.00   25.71 ? 55   GLU B CA  1 
ATOM   1317 C  C   . GLU B 2 5   ? -6.248  0.907   14.000  1.00   25.29 ? 55   GLU B C   1 
ATOM   1318 O  O   . GLU B 2 5   ? -6.621  0.648   12.854  1.00   25.21 ? 55   GLU B O   1 
ATOM   1319 C  CB  . GLU B 2 5   ? -3.870  0.029   14.455  1.00   25.36 ? 55   GLU B CB  1 
ATOM   1320 C  CG  . GLU B 2 5   ? -3.340  -0.180  15.842  1.00   35.61 ? 55   GLU B CG  1 
ATOM   1321 C  CD  . GLU B 2 5   ? -2.080  0.620   16.182  1.00   34.57 ? 55   GLU B CD  1 
ATOM   1322 O  OE1 . GLU B 2 5   ? -0.990  0.377   15.606  1.00   33.64 ? 55   GLU B OE1 1 
ATOM   1323 O  OE2 . GLU B 2 5   ? -2.175  1.447   17.105  1.00   34.09 ? 55   GLU B OE2 1 
ATOM   1324 N  N   . ILE B 2 6   ? -7.083  0.911   15.047  1.00   25.34 ? 56   ILE B N   1 
ATOM   1325 C  CA  . ILE B 2 6   ? -8.507  0.652   14.816  1.00   27.05 ? 56   ILE B CA  1 
ATOM   1326 C  C   . ILE B 2 6   ? -9.191  1.830   14.097  1.00   27.11 ? 56   ILE B C   1 
ATOM   1327 O  O   . ILE B 2 6   ? -10.035 1.613   13.226  1.00   25.82 ? 56   ILE B O   1 
ATOM   1328 C  CB  . ILE B 2 6   ? -9.315  0.106   16.067  1.00   28.79 ? 56   ILE B CB  1 
ATOM   1329 C  CG1 . ILE B 2 6   ? -10.370 1.077   16.544  1.00   32.25 ? 56   ILE B CG1 1 
ATOM   1330 C  CG2 . ILE B 2 6   ? -8.411  -0.563  17.142  1.00   30.13 ? 56   ILE B CG2 1 
ATOM   1331 C  CD1 . ILE B 2 6   ? -11.716 0.665   16.088  1.00   37.04 ? 56   ILE B CD1 1 
ATOM   1332 N  N   . TRP B 2 7   ? -8.802  3.066   14.418  1.00   26.34 ? 57   TRP B N   1 
ATOM   1333 C  CA  . TRP B 2 7   ? -9.353  4.214   13.694  1.00   26.99 ? 57   TRP B CA  1 
ATOM   1334 C  C   . TRP B 2 7   ? -8.945  4.222   12.231  1.00   27.13 ? 57   TRP B C   1 
ATOM   1335 O  O   . TRP B 2 7   ? -9.750  4.494   11.345  1.00   29.18 ? 57   TRP B O   1 
ATOM   1336 C  CB  . TRP B 2 7   ? -8.933  5.532   14.334  1.00   27.96 ? 57   TRP B CB  1 
ATOM   1337 C  CG  . TRP B 2 7   ? -9.406  6.738   13.529  1.00   30.04 ? 57   TRP B CG  1 
ATOM   1338 C  CD1 . TRP B 2 7   ? -10.706 7.067   13.220  1.00   33.53 ? 57   TRP B CD1 1 
ATOM   1339 C  CD2 . TRP B 2 7   ? -8.587  7.749   12.935  1.00   27.42 ? 57   TRP B CD2 1 
ATOM   1340 N  NE1 . TRP B 2 7   ? -10.735 8.227   12.470  1.00   31.70 ? 57   TRP B NE1 1 
ATOM   1341 C  CE2 . TRP B 2 7   ? -9.455  8.678   12.299  1.00   29.54 ? 57   TRP B CE2 1 
ATOM   1342 C  CE3 . TRP B 2 7   ? -7.206  7.990   12.902  1.00   27.91 ? 57   TRP B CE3 1 
ATOM   1343 C  CZ2 . TRP B 2 7   ? -8.976  9.803   11.607  1.00   27.61 ? 57   TRP B CZ2 1 
ATOM   1344 C  CZ3 . TRP B 2 7   ? -6.730  9.138   12.229  1.00   28.68 ? 57   TRP B CZ3 1 
ATOM   1345 C  CH2 . TRP B 2 7   ? -7.618  10.022  11.589  1.00   26.43 ? 57   TRP B CH2 1 
ATOM   1346 N  N   . ILE B 2 8   ? -7.676  3.928   11.985  1.00   26.26 ? 58   ILE B N   1 
ATOM   1347 C  CA  . ILE B 2 8   ? -7.150  3.857   10.633  1.00   25.98 ? 58   ILE B CA  1 
ATOM   1348 C  C   . ILE B 2 8   ? -7.949  2.830   9.791   1.00   25.70 ? 58   ILE B C   1 
ATOM   1349 O  O   . ILE B 2 8   ? -8.377  3.141   8.686   1.00   25.30 ? 58   ILE B O   1 
ATOM   1350 C  CB  . ILE B 2 8   ? -5.663  3.533   10.664  1.00   27.46 ? 58   ILE B CB  1 
ATOM   1351 C  CG1 . ILE B 2 8   ? -4.882  4.683   11.342  1.00   24.23 ? 58   ILE B CG1 1 
ATOM   1352 C  CG2 . ILE B 2 8   ? -5.164  3.277   9.266   1.00   25.99 ? 58   ILE B CG2 1 
ATOM   1353 C  CD1 . ILE B 2 8   ? -3.422  4.307   11.659  1.00   29.16 ? 58   ILE B CD1 1 
ATOM   1354 N  N   . ALA B 2 9   ? -8.143  1.624   10.339  1.00   25.78 ? 59   ALA B N   1 
ATOM   1355 C  CA  . ALA B 2 9   ? -8.905  0.589   9.670   1.00   25.63 ? 59   ALA B CA  1 
ATOM   1356 C  C   . ALA B 2 9   ? -10.363 1.014   9.445   1.00   27.26 ? 59   ALA B C   1 
ATOM   1357 O  O   . ALA B 2 9   ? -10.925 0.722   8.391   1.00   29.03 ? 59   ALA B O   1 
ATOM   1358 C  CB  . ALA B 2 9   ? -8.838  -0.708  10.463  1.00   25.57 ? 59   ALA B CB  1 
ATOM   1359 N  N   . GLN B 2 10  ? -10.978 1.701   10.419  1.00   27.06 ? 60   GLN B N   1 
ATOM   1360 C  CA  . GLN B 2 10  ? -12.333 2.238   10.229  1.00   28.50 ? 60   GLN B CA  1 
ATOM   1361 C  C   . GLN B 2 10  ? -12.373 3.137   8.992   1.00   28.07 ? 60   GLN B C   1 
ATOM   1362 O  O   . GLN B 2 10  ? -13.244 3.016   8.124   1.00   28.00 ? 60   GLN B O   1 
ATOM   1363 C  CB  . GLN B 2 10  ? -12.806 3.012   11.484  1.00   28.40 ? 60   GLN B CB  1 
ATOM   1364 C  CG  . GLN B 2 10  ? -13.019 2.165   12.744  1.00   33.73 ? 60   GLN B CG  1 
ATOM   1365 C  CD  . GLN B 2 10  ? -13.376 2.954   14.023  1.00   33.17 ? 60   GLN B CD  1 
ATOM   1366 O  OE1 . GLN B 2 10  ? -13.881 2.371   14.991  1.00   37.34 ? 60   GLN B OE1 1 
ATOM   1367 N  NE2 . GLN B 2 10  ? -13.122 4.263   14.035  1.00   36.49 ? 60   GLN B NE2 1 
ATOM   1368 N  N   . GLU B 2 11  ? -11.391 4.019   8.895   1.00   26.58 ? 61   GLU B N   1 
ATOM   1369 C  CA  . GLU B 2 11  ? -11.350 4.944   7.764   1.00   26.97 ? 61   GLU B CA  1 
ATOM   1370 C  C   . GLU B 2 11  ? -11.150 4.234   6.423   1.00   26.05 ? 61   GLU B C   1 
ATOM   1371 O  O   . GLU B 2 11  ? -11.826 4.581   5.427   1.00   27.30 ? 61   GLU B O   1 
ATOM   1372 C  CB  . GLU B 2 11  ? -10.305 6.044   7.966   1.00   28.90 ? 61   GLU B CB  1 
ATOM   1373 C  CG  . GLU B 2 11  ? -10.606 6.968   9.118   1.00   29.62 ? 61   GLU B CG  1 
ATOM   1374 C  CD  . GLU B 2 11  ? -11.818 7.869   8.839   1.00   33.01 ? 61   GLU B CD  1 
ATOM   1375 O  OE1 . GLU B 2 11  ? -12.066 8.207   7.661   1.00   32.72 ? 61   GLU B OE1 1 
ATOM   1376 O  OE2 . GLU B 2 11  ? -12.520 8.232   9.801   1.00   36.59 ? 61   GLU B OE2 1 
ATOM   1377 N  N   . LEU B 2 12  ? -10.244 3.260   6.389   1.00   26.57 ? 62   LEU B N   1 
ATOM   1378 C  CA  . LEU B 2 12  ? -10.007 2.564   5.142   1.00   27.31 ? 62   LEU B CA  1 
ATOM   1379 C  C   . LEU B 2 12  ? -11.142 1.646   4.722   1.00   29.36 ? 62   LEU B C   1 
ATOM   1380 O  O   . LEU B 2 12  ? -11.435 1.542   3.530   1.00   30.08 ? 62   LEU B O   1 
ATOM   1381 C  CB  . LEU B 2 12  ? -8.658  1.843   5.161   1.00   26.86 ? 62   LEU B CB  1 
ATOM   1382 C  CG  . LEU B 2 12  ? -7.451  2.785   5.273   1.00   27.79 ? 62   LEU B CG  1 
ATOM   1383 C  CD1 . LEU B 2 12  ? -6.221  1.936   5.403   1.00   27.95 ? 62   LEU B CD1 1 
ATOM   1384 C  CD2 . LEU B 2 12  ? -7.326  3.685   4.060   1.00   26.63 ? 62   LEU B CD2 1 
ATOM   1385 N  N   . ARG B 2 13  ? -11.805 1.009   5.685   1.00   30.31 ? 63   ARG B N   1 
ATOM   1386 C  CA  . ARG B 2 13  ? -13.031 0.295   5.360   1.00   30.11 ? 63   ARG B CA  1 
ATOM   1387 C  C   . ARG B 2 13  ? -14.052 1.258   4.732   1.00   30.50 ? 63   ARG B C   1 
ATOM   1388 O  O   . ARG B 2 13  ? -14.652 0.932   3.715   1.00   31.46 ? 63   ARG B O   1 
ATOM   1389 C  CB  . ARG B 2 13  ? -13.625 -0.402  6.606   1.00   29.56 ? 63   ARG B CB  1 
ATOM   1390 C  CG  . ARG B 2 13  ? -12.742 -1.570  7.166   1.00   28.68 ? 63   ARG B CG  1 
ATOM   1391 C  CD  . ARG B 2 13  ? -13.561 -2.508  8.105   1.00   29.12 ? 63   ARG B CD  1 
ATOM   1392 N  NE  . ARG B 2 13  ? -14.180 -1.763  9.202   1.00   28.97 ? 63   ARG B NE  1 
ATOM   1393 C  CZ  . ARG B 2 13  ? -13.611 -1.550  10.386  1.00   29.14 ? 63   ARG B CZ  1 
ATOM   1394 N  NH1 . ARG B 2 13  ? -14.258 -0.844  11.322  1.00   26.88 ? 63   ARG B NH1 1 
ATOM   1395 N  NH2 . ARG B 2 13  ? -12.407 -2.055  10.646  1.00   30.02 ? 63   ARG B NH2 1 
ATOM   1396 N  N   . ARG B 2 14  ? -14.238 2.432   5.344   1.00   29.41 ? 64   ARG B N   1 
ATOM   1397 C  CA  . ARG B 2 14  ? -15.180 3.439   4.834   1.00   31.62 ? 64   ARG B CA  1 
ATOM   1398 C  C   . ARG B 2 14  ? -14.799 3.841   3.414   1.00   32.35 ? 64   ARG B C   1 
ATOM   1399 O  O   . ARG B 2 14  ? -15.650 3.871   2.523   1.00   34.35 ? 64   ARG B O   1 
ATOM   1400 C  CB  . ARG B 2 14  ? -15.198 4.692   5.714   1.00   31.20 ? 64   ARG B CB  1 
ATOM   1401 C  CG  . ARG B 2 14  ? -15.807 4.535   7.083   1.00   35.75 ? 64   ARG B CG  1 
ATOM   1402 C  CD  . ARG B 2 14  ? -15.737 5.862   7.824   1.00   35.79 ? 64   ARG B CD  1 
ATOM   1403 N  NE  . ARG B 2 14  ? -15.353 5.723   9.219   1.00   41.10 ? 64   ARG B NE  1 
ATOM   1404 C  CZ  . ARG B 2 14  ? -16.216 5.461   10.201  1.00   42.11 ? 64   ARG B CZ  1 
ATOM   1405 N  NH1 . ARG B 2 14  ? -16.000 5.193   11.433  0.0000 44.80 ? 64   ARG B NH1 1 
ATOM   1406 N  NH2 . ARG B 2 14  ? -17.510 5.316   9.934   1.00   43.36 ? 64   ARG B NH2 1 
ATOM   1407 N  N   . ILE B 2 15  ? -13.526 4.172   3.212   1.00   30.34 ? 65   ILE B N   1 
ATOM   1408 C  CA  . ILE B 2 15  ? -13.051 4.606   1.907   1.00   31.56 ? 65   ILE B CA  1 
ATOM   1409 C  C   . ILE B 2 15  ? -13.261 3.507   0.880   1.00   32.66 ? 65   ILE B C   1 
ATOM   1410 O  O   . ILE B 2 15  ? -13.789 3.768   -0.195  1.00   34.38 ? 65   ILE B O   1 
ATOM   1411 C  CB  . ILE B 2 15  ? -11.582 5.073   1.979   1.00   30.80 ? 65   ILE B CB  1 
ATOM   1412 C  CG1 . ILE B 2 15  ? -11.529 6.393   2.769   1.00   29.00 ? 65   ILE B CG1 1 
ATOM   1413 C  CG2 . ILE B 2 15  ? -10.960 5.215   0.576   1.00   30.93 ? 65   ILE B CG2 1 
ATOM   1414 C  CD1 . ILE B 2 15  ? -10.134 6.879   3.159   1.00   31.07 ? 65   ILE B CD1 1 
ATOM   1415 N  N   . GLY B 2 16  ? -12.916 2.272   1.240   1.00   33.31 ? 66   GLY B N   1 
ATOM   1416 C  CA  . GLY B 2 16  ? -13.127 1.121   0.352   1.00   34.83 ? 66   GLY B CA  1 
ATOM   1417 C  C   . GLY B 2 16  ? -14.593 0.886   -0.011  1.00   36.94 ? 66   GLY B C   1 
ATOM   1418 O  O   . GLY B 2 16  ? -14.910 0.560   -1.157  1.00   37.03 ? 66   GLY B O   1 
ATOM   1419 N  N   . ASP B 2 17  ? -15.487 1.070   0.958   1.00   37.67 ? 67   ASP B N   1 
ATOM   1420 C  CA  . ASP B 2 17  ? -16.917 0.907   0.697   1.00   39.19 ? 67   ASP B CA  1 
ATOM   1421 C  C   . ASP B 2 17  ? -17.451 2.023   -0.207  1.00   39.97 ? 67   ASP B C   1 
ATOM   1422 O  O   . ASP B 2 17  ? -18.285 1.746   -1.075  1.00   40.75 ? 67   ASP B O   1 
ATOM   1423 C  CB  . ASP B 2 17  ? -17.714 0.755   2.010   1.00   39.38 ? 67   ASP B CB  1 
ATOM   1424 C  CG  . ASP B 2 17  ? -17.294 -0.500  2.811   1.00   39.39 ? 67   ASP B CG  1 
ATOM   1425 O  OD1 . ASP B 2 17  ? -16.549 -1.364  2.271   1.00   40.35 ? 67   ASP B OD1 1 
ATOM   1426 O  OD2 . ASP B 2 17  ? -17.680 -0.612  3.993   1.00   41.17 ? 67   ASP B OD2 1 
ATOM   1427 N  N   . GLU B 2 18  ? -16.952 3.260   -0.037  1.00   41.55 ? 68   GLU B N   1 
ATOM   1428 C  CA  . GLU B 2 18  ? -17.332 4.385   -0.932  1.00   43.68 ? 68   GLU B CA  1 
ATOM   1429 C  C   . GLU B 2 18  ? -16.930 4.077   -2.371  1.00   43.92 ? 68   GLU B C   1 
ATOM   1430 O  O   . GLU B 2 18  ? -17.675 4.385   -3.303  1.00   43.67 ? 68   GLU B O   1 
ATOM   1431 C  CB  . GLU B 2 18  ? -16.628 5.701   -0.555  1.00   44.17 ? 68   GLU B CB  1 
ATOM   1432 C  CG  . GLU B 2 18  ? -16.593 6.048   0.914   1.00   49.79 ? 68   GLU B CG  1 
ATOM   1433 C  CD  . GLU B 2 18  ? -17.437 7.243   1.280   1.00   53.36 ? 68   GLU B CD  1 
ATOM   1434 O  OE1 . GLU B 2 18  ? -18.271 7.693   0.450   1.00   58.17 ? 68   GLU B OE1 1 
ATOM   1435 O  OE2 . GLU B 2 18  ? -17.261 7.742   2.417   1.00   56.82 ? 68   GLU B OE2 1 
ATOM   1436 N  N   . PHE B 2 19  ? -15.732 3.505   -2.545  1.00   44.61 ? 69   PHE B N   1 
ATOM   1437 C  CA  . PHE B 2 19  ? -15.196 3.174   -3.867  1.00   45.09 ? 69   PHE B CA  1 
ATOM   1438 C  C   . PHE B 2 19  ? -16.078 2.136   -4.556  1.00   47.51 ? 69   PHE B C   1 
ATOM   1439 O  O   . PHE B 2 19  ? -16.365 2.256   -5.751  1.00   48.80 ? 69   PHE B O   1 
ATOM   1440 C  CB  . PHE B 2 19  ? -13.757 2.661   -3.783  1.00   43.34 ? 69   PHE B CB  1 
ATOM   1441 C  CG  . PHE B 2 19  ? -13.127 2.394   -5.126  1.00   40.65 ? 69   PHE B CG  1 
ATOM   1442 C  CD1 . PHE B 2 19  ? -12.228 3.307   -5.669  1.00   38.91 ? 69   PHE B CD1 1 
ATOM   1443 C  CD2 . PHE B 2 19  ? -13.399 1.207   -5.845  1.00   39.78 ? 69   PHE B CD2 1 
ATOM   1444 C  CE1 . PHE B 2 19  ? -11.645 3.061   -6.920  1.00   39.62 ? 69   PHE B CE1 1 
ATOM   1445 C  CE2 . PHE B 2 19  ? -12.819 0.934   -7.073  1.00   40.69 ? 69   PHE B CE2 1 
ATOM   1446 C  CZ  . PHE B 2 19  ? -11.955 1.889   -7.637  1.00   39.41 ? 69   PHE B CZ  1 
ATOM   1447 N  N   . ASN B 2 20  ? -16.507 1.123   -3.803  1.00   49.46 ? 70   ASN B N   1 
ATOM   1448 C  CA  . ASN B 2 20  ? -17.374 0.060   -4.320  1.00   50.88 ? 70   ASN B CA  1 
ATOM   1449 C  C   . ASN B 2 20  ? -18.632 0.550   -5.050  1.00   52.61 ? 70   ASN B C   1 
ATOM   1450 O  O   . ASN B 2 20  ? -19.366 -0.248  -5.642  1.00   53.27 ? 70   ASN B O   1 
ATOM   1451 C  CB  . ASN B 2 20  ? -17.739 -0.912  -3.196  1.00   50.21 ? 70   ASN B CB  1 
ATOM   1452 C  CG  . ASN B 2 20  ? -16.598 -1.851  -2.854  1.00   49.69 ? 70   ASN B CG  1 
ATOM   1453 O  OD1 . ASN B 2 20  ? -15.823 -2.236  -3.729  1.00   44.31 ? 70   ASN B OD1 1 
ATOM   1454 N  ND2 . ASN B 2 20  ? -16.493 -2.233  -1.579  1.00   50.00 ? 70   ASN B ND2 1 
ATOM   1455 N  N   . ALA B 2 21  ? -18.863 1.864   -4.998  1.00   54.43 ? 71   ALA B N   1 
ATOM   1456 C  CA  . ALA B 2 21  ? -19.935 2.532   -5.745  1.00   55.70 ? 71   ALA B CA  1 
ATOM   1457 C  C   . ALA B 2 21  ? -19.330 3.651   -6.617  1.00   57.15 ? 71   ALA B C   1 
ATOM   1458 O  O   . ALA B 2 21  ? -19.770 4.808   -6.578  1.00   56.97 ? 71   ALA B O   1 
ATOM   1459 C  CB  . ALA B 2 21  ? -20.966 3.083   -4.780  1.00   55.84 ? 71   ALA B CB  1 
ATOM   1460 N  N   . TYR B 2 22  ? -18.317 3.283   -7.408  1.00   59.12 ? 72   TYR B N   1 
ATOM   1461 C  CA  . TYR B 2 22  ? -17.440 4.249   -8.083  1.00   60.74 ? 72   TYR B CA  1 
ATOM   1462 C  C   . TYR B 2 22  ? -16.813 3.634   -9.338  1.00   60.67 ? 72   TYR B C   1 
ATOM   1463 O  O   . TYR B 2 22  ? -15.696 3.110   -9.296  1.00   60.84 ? 72   TYR B O   1 
ATOM   1464 C  CB  . TYR B 2 22  ? -16.324 4.693   -7.117  1.00   61.66 ? 72   TYR B CB  1 
ATOM   1465 C  CG  . TYR B 2 22  ? -16.127 6.188   -6.964  1.00   63.44 ? 72   TYR B CG  1 
ATOM   1466 C  CD1 . TYR B 2 22  ? -14.925 6.791   -7.338  1.00   64.02 ? 72   TYR B CD1 1 
ATOM   1467 C  CD2 . TYR B 2 22  ? -17.136 6.996   -6.426  1.00   64.72 ? 72   TYR B CD2 1 
ATOM   1468 C  CE1 . TYR B 2 22  ? -14.738 8.161   -7.197  1.00   64.64 ? 72   TYR B CE1 1 
ATOM   1469 C  CE2 . TYR B 2 22  ? -16.956 8.368   -6.277  1.00   65.36 ? 72   TYR B CE2 1 
ATOM   1470 C  CZ  . TYR B 2 22  ? -15.753 8.943   -6.664  1.00   64.98 ? 72   TYR B CZ  1 
ATOM   1471 O  OH  . TYR B 2 22  ? -15.567 10.304  -6.524  1.00   64.95 ? 72   TYR B OH  1 
HETATM 1472 BR BR  . BR  C 3 .   ? 10.024  0.647   15.101  1.00   27.54 ? 1159 BR  A BR  1 
HETATM 1473 BR BR  . BR  D 3 .   ? 12.199  -3.583  -15.326 1.00   31.69 ? 1160 BR  A BR  1 
HETATM 1474 BR BR  . BR  E 3 .   ? -2.550  14.114  -2.212  1.00   24.28 ? 1161 BR  A BR  1 
HETATM 1475 BR BR  . BR  F 3 .   ? 6.853   9.663   7.719   0.50   24.90 ? 1162 BR  A BR  1 
HETATM 1476 BR BR  . BR  G 3 .   ? 18.414  3.849   11.220  0.80   43.52 ? 1163 BR  A BR  1 
HETATM 1477 BR BR  . BR  H 3 .   ? -6.925  -3.862  -21.172 0.50   17.55 ? 1164 BR  A BR  1 
HETATM 1478 BR BR  . BR  I 3 .   ? -14.065 -1.085  14.832  0.50   16.65 ? 1165 BR  A BR  1 
HETATM 1479 BR BR  . BR  J 3 .   ? -11.989 6.946   -3.119  0.50   20.36 ? 1166 BR  A BR  1 
HETATM 1480 BR BR  . BR  K 3 .   ? 19.474  5.655   3.651   0.50   38.16 ? 1167 BR  A BR  1 
HETATM 1481 C  C1  . GOL L 4 .   ? 9.337   -9.032  1.599   1.00   30.59 ? 1168 GOL A C1  1 
HETATM 1482 O  O1  . GOL L 4 .   ? 9.443   -8.600  0.313   1.00   20.50 ? 1168 GOL A O1  1 
HETATM 1483 C  C2  . GOL L 4 .   ? 10.746  -8.901  2.137   1.00   23.99 ? 1168 GOL A C2  1 
HETATM 1484 O  O2  . GOL L 4 .   ? 10.989  -10.204 2.573   1.00   20.51 ? 1168 GOL A O2  1 
HETATM 1485 C  C3  . GOL L 4 .   ? 10.357  -7.849  3.156   1.00   15.35 ? 1168 GOL A C3  1 
HETATM 1486 O  O3  . GOL L 4 .   ? 10.535  -8.122  4.475   1.00   10.32 ? 1168 GOL A O3  1 
HETATM 1487 C  C1  . GOL M 4 .   ? -1.725  17.909  2.186   1.00   31.48 ? 1169 GOL A C1  1 
HETATM 1488 O  O1  . GOL M 4 .   ? -1.199  17.054  1.196   1.00   33.85 ? 1169 GOL A O1  1 
HETATM 1489 C  C2  . GOL M 4 .   ? -2.376  17.067  3.271   1.00   31.60 ? 1169 GOL A C2  1 
HETATM 1490 O  O2  . GOL M 4 .   ? -3.235  16.079  2.739   1.00   24.11 ? 1169 GOL A O2  1 
HETATM 1491 C  C3  . GOL M 4 .   ? -3.098  17.947  4.273   1.00   33.81 ? 1169 GOL A C3  1 
HETATM 1492 O  O3  . GOL M 4 .   ? -2.504  17.822  5.553   1.00   42.06 ? 1169 GOL A O3  1 
HETATM 1493 O  O   . HOH N 5 .   ? 2.270   -15.844 -7.581  1.00   44.15 ? 2001 HOH A O   1 
HETATM 1494 O  O   . HOH N 5 .   ? -1.470  -11.125 -12.464 1.00   11.67 ? 2002 HOH A O   1 
HETATM 1495 O  O   . HOH N 5 .   ? 2.429   -14.523 -13.458 1.00   49.91 ? 2003 HOH A O   1 
HETATM 1496 O  O   . HOH N 5 .   ? -2.110  -11.563 -9.485  1.00   29.75 ? 2004 HOH A O   1 
HETATM 1497 O  O   . HOH N 5 .   ? 6.397   -12.722 -4.072  1.00   17.86 ? 2005 HOH A O   1 
HETATM 1498 O  O   . HOH N 5 .   ? 4.813   -13.089 -2.203  1.00   11.56 ? 2006 HOH A O   1 
HETATM 1499 O  O   . HOH N 5 .   ? 10.704  -12.984 0.663   1.00   33.55 ? 2007 HOH A O   1 
HETATM 1500 O  O   . HOH N 5 .   ? 6.919   -14.029 -9.912  1.00   36.78 ? 2008 HOH A O   1 
HETATM 1501 O  O   . HOH N 5 .   ? -13.890 1.575   -18.705 1.00   11.10 ? 2009 HOH A O   1 
HETATM 1502 O  O   . HOH N 5 .   ? 9.570   3.496   -13.607 1.00   10.47 ? 2010 HOH A O   1 
HETATM 1503 O  O   . HOH N 5 .   ? 7.381   7.947   -3.869  1.00   25.23 ? 2011 HOH A O   1 
HETATM 1504 O  O   . HOH N 5 .   ? 5.194   5.267   -2.997  1.00   22.02 ? 2012 HOH A O   1 
HETATM 1505 O  O   . HOH N 5 .   ? 9.457   8.578   12.565  1.00   26.20 ? 2013 HOH A O   1 
HETATM 1506 O  O   . HOH N 5 .   ? -10.845 0.488   -18.473 1.00   21.10 ? 2014 HOH A O   1 
HETATM 1507 O  O   . HOH N 5 .   ? 11.498  13.289  -3.330  1.00   49.88 ? 2015 HOH A O   1 
HETATM 1508 O  O   . HOH N 5 .   ? 13.464  8.034   -12.426 1.00   29.33 ? 2016 HOH A O   1 
HETATM 1509 O  O   . HOH N 5 .   ? 12.472  9.284   -5.693  1.00   28.18 ? 2017 HOH A O   1 
HETATM 1510 O  O   . HOH N 5 .   ? 19.228  3.478   -4.395  1.00   26.08 ? 2018 HOH A O   1 
HETATM 1511 O  O   . HOH N 5 .   ? 19.744  -1.705  -0.748  1.00   9.60  ? 2019 HOH A O   1 
HETATM 1512 O  O   . HOH N 5 .   ? 20.939  -11.189 -2.879  1.00   27.24 ? 2020 HOH A O   1 
HETATM 1513 O  O   . HOH N 5 .   ? 21.793  -5.886  0.569   1.00   48.10 ? 2021 HOH A O   1 
HETATM 1514 O  O   . HOH N 5 .   ? 17.051  -11.512 -6.240  1.00   23.08 ? 2022 HOH A O   1 
HETATM 1515 O  O   . HOH N 5 .   ? 19.648  -12.596 0.571   1.00   9.40  ? 2023 HOH A O   1 
HETATM 1516 O  O   . HOH N 5 .   ? 8.525   -13.331 -6.547  1.00   35.44 ? 2024 HOH A O   1 
HETATM 1517 O  O   . HOH N 5 .   ? 11.135  -15.678 -12.835 1.00   43.99 ? 2025 HOH A O   1 
HETATM 1518 O  O   . HOH N 5 .   ? 7.052   -6.924  -15.974 1.00   30.77 ? 2026 HOH A O   1 
HETATM 1519 O  O   . HOH N 5 .   ? 8.771   9.474   10.577  1.00   29.31 ? 2027 HOH A O   1 
HETATM 1520 O  O   . HOH N 5 .   ? 3.909   -3.262  -20.271 1.00   27.24 ? 2028 HOH A O   1 
HETATM 1521 O  O   . HOH N 5 .   ? -9.448  -1.979  -19.281 1.00   25.82 ? 2029 HOH A O   1 
HETATM 1522 O  O   . HOH N 5 .   ? -6.618  1.480   -16.352 1.00   18.07 ? 2030 HOH A O   1 
HETATM 1523 O  O   . HOH N 5 .   ? -8.285  0.245   -16.702 1.00   19.81 ? 2031 HOH A O   1 
HETATM 1524 O  O   . HOH N 5 .   ? -9.433  -13.462 2.560   1.00   36.78 ? 2032 HOH A O   1 
HETATM 1525 O  O   . HOH N 5 .   ? -5.197  -19.199 -3.477  1.00   42.59 ? 2033 HOH A O   1 
HETATM 1526 O  O   . HOH N 5 .   ? -0.449  7.385   -12.087 1.00   41.21 ? 2034 HOH A O   1 
HETATM 1527 O  O   . HOH N 5 .   ? -0.809  12.513  -4.369  1.00   41.68 ? 2035 HOH A O   1 
HETATM 1528 O  O   . HOH N 5 .   ? -8.738  12.108  -8.106  1.00   30.28 ? 2036 HOH A O   1 
HETATM 1529 O  O   . HOH N 5 .   ? -8.923  6.938   -13.820 1.00   26.03 ? 2037 HOH A O   1 
HETATM 1530 O  O   . HOH N 5 .   ? -11.105 9.797   -9.042  1.00   21.07 ? 2038 HOH A O   1 
HETATM 1531 O  O   . HOH N 5 .   ? -13.383 12.173  -0.366  1.00   20.58 ? 2039 HOH A O   1 
HETATM 1532 O  O   . HOH N 5 .   ? -9.143  5.570   -8.171  1.00   32.09 ? 2040 HOH A O   1 
HETATM 1533 O  O   . HOH N 5 .   ? -12.203 10.234  3.116   1.00   21.58 ? 2041 HOH A O   1 
HETATM 1534 O  O   . HOH N 5 .   ? -13.879 8.485   0.316   1.00   26.80 ? 2042 HOH A O   1 
HETATM 1535 O  O   . HOH N 5 .   ? -2.885  17.142  8.325   1.00   26.82 ? 2043 HOH A O   1 
HETATM 1536 O  O   . HOH N 5 .   ? 0.767   13.390  3.059   1.00   22.17 ? 2044 HOH A O   1 
HETATM 1537 O  O   . HOH N 5 .   ? 1.401   11.723  5.790   1.00   27.45 ? 2045 HOH A O   1 
HETATM 1538 O  O   . HOH N 5 .   ? -9.134  9.221   16.639  1.00   31.28 ? 2046 HOH A O   1 
HETATM 1539 O  O   . HOH N 5 .   ? -7.007  10.638  15.764  1.00   36.13 ? 2047 HOH A O   1 
HETATM 1540 O  O   . HOH N 5 .   ? 0.848   3.182   15.692  1.00   31.36 ? 2048 HOH A O   1 
HETATM 1541 O  O   . HOH N 5 .   ? 3.120   7.837   21.429  1.00   39.29 ? 2049 HOH A O   1 
HETATM 1542 O  O   . HOH N 5 .   ? 2.152   9.750   20.151  1.00   37.14 ? 2050 HOH A O   1 
HETATM 1543 O  O   . HOH N 5 .   ? 0.301   12.801  15.145  1.00   42.72 ? 2051 HOH A O   1 
HETATM 1544 O  O   . HOH N 5 .   ? 6.143   6.129   16.891  1.00   31.42 ? 2052 HOH A O   1 
HETATM 1545 O  O   . HOH N 5 .   ? 9.232   -1.511  20.968  1.00   24.57 ? 2053 HOH A O   1 
HETATM 1546 O  O   . HOH N 5 .   ? 2.522   -6.717  10.347  1.00   30.54 ? 2054 HOH A O   1 
HETATM 1547 O  O   . HOH N 5 .   ? 1.854   -8.610  14.458  1.00   13.26 ? 2055 HOH A O   1 
HETATM 1548 O  O   . HOH N 5 .   ? -1.574  -2.154  14.630  1.00   74.02 ? 2056 HOH A O   1 
HETATM 1549 O  O   . HOH N 5 .   ? 2.452   -9.876  7.981   1.00   22.30 ? 2057 HOH A O   1 
HETATM 1550 O  O   . HOH N 5 .   ? -1.634  -8.568  8.446   1.00   39.51 ? 2058 HOH A O   1 
HETATM 1551 O  O   . HOH N 5 .   ? -11.745 -6.514  16.172  1.00   18.41 ? 2059 HOH A O   1 
HETATM 1552 O  O   . HOH N 5 .   ? -12.911 -11.973 11.631  1.00   19.85 ? 2060 HOH A O   1 
HETATM 1553 O  O   . HOH N 5 .   ? -12.432 -13.783 8.779   1.00   17.03 ? 2061 HOH A O   1 
HETATM 1554 O  O   . HOH N 5 .   ? -7.687  -13.340 8.818   1.00   34.72 ? 2062 HOH A O   1 
HETATM 1555 O  O   . HOH N 5 .   ? -4.400  -13.117 6.553   1.00   29.82 ? 2063 HOH A O   1 
HETATM 1556 O  O   . HOH N 5 .   ? -17.624 -7.045  11.507  1.00   7.89  ? 2064 HOH A O   1 
HETATM 1557 O  O   . HOH N 5 .   ? -17.494 -4.412  7.678   1.00   27.25 ? 2065 HOH A O   1 
HETATM 1558 O  O   . HOH N 5 .   ? -14.602 -11.203 7.058   1.00   30.86 ? 2066 HOH A O   1 
HETATM 1559 O  O   . HOH N 5 .   ? -13.212 -7.516  5.406   1.00   23.60 ? 2067 HOH A O   1 
HETATM 1560 O  O   . HOH N 5 .   ? -15.719 -6.778  -4.819  1.00   16.34 ? 2068 HOH A O   1 
HETATM 1561 O  O   . HOH N 5 .   ? -0.647  6.345   4.278   1.00   13.15 ? 2069 HOH A O   1 
HETATM 1562 O  O   . HOH N 5 .   ? 1.191   12.524  -1.094  1.00   25.46 ? 2070 HOH A O   1 
HETATM 1563 O  O   . HOH N 5 .   ? 3.525   12.293  0.707   1.00   24.03 ? 2071 HOH A O   1 
HETATM 1564 O  O   . HOH N 5 .   ? 7.465   13.504  3.203   1.00   27.55 ? 2072 HOH A O   1 
HETATM 1565 O  O   . HOH N 5 .   ? 13.618  9.142   3.392   1.00   25.21 ? 2073 HOH A O   1 
HETATM 1566 O  O   . HOH N 5 .   ? 14.731  11.622  0.988   1.00   53.15 ? 2074 HOH A O   1 
HETATM 1567 O  O   . HOH N 5 .   ? 13.424  16.555  3.091   1.00   29.64 ? 2075 HOH A O   1 
HETATM 1568 O  O   . HOH N 5 .   ? 17.763  11.175  9.786   1.00   40.80 ? 2076 HOH A O   1 
HETATM 1569 O  O   . HOH N 5 .   ? 16.027  6.940   5.131   1.00   23.88 ? 2077 HOH A O   1 
HETATM 1570 O  O   . HOH N 5 .   ? 10.347  10.912  9.041   1.00   66.11 ? 2078 HOH A O   1 
HETATM 1571 O  O   . HOH N 5 .   ? 19.020  7.182   9.211   1.00   15.20 ? 2079 HOH A O   1 
HETATM 1572 O  O   . HOH N 5 .   ? 3.465   -6.757  8.644   1.00   22.97 ? 2080 HOH A O   1 
HETATM 1573 O  O   . HOH N 5 .   ? 9.198   -11.568 4.538   1.00   15.94 ? 2081 HOH A O   1 
HETATM 1574 O  O   . HOH N 5 .   ? 5.742   -7.435  9.254   1.00   21.55 ? 2082 HOH A O   1 
HETATM 1575 O  O   . HOH N 5 .   ? 0.171   -12.220 6.121   1.00   31.43 ? 2083 HOH A O   1 
HETATM 1576 O  O   . HOH N 5 .   ? -1.745  -10.386 6.495   1.00   21.91 ? 2084 HOH A O   1 
HETATM 1577 O  O   . HOH N 5 .   ? 7.096   -12.933 3.798   1.00   21.11 ? 2085 HOH A O   1 
HETATM 1578 O  O   . HOH N 5 .   ? 3.115   -13.928 5.618   1.00   36.34 ? 2086 HOH A O   1 
HETATM 1579 O  O   . HOH N 5 .   ? -6.941  -13.469 1.058   1.00   22.36 ? 2087 HOH A O   1 
HETATM 1580 O  O   . HOH N 5 .   ? -3.223  -17.550 -3.558  1.00   35.33 ? 2088 HOH A O   1 
HETATM 1581 O  O   . HOH N 5 .   ? 2.162   -11.477 -1.729  1.00   15.16 ? 2089 HOH A O   1 
HETATM 1582 O  O   . HOH N 5 .   ? 0.498   -15.159 0.229   1.00   32.24 ? 2090 HOH A O   1 
HETATM 1583 O  O   . HOH N 5 .   ? -3.673  -14.910 1.425   1.00   23.27 ? 2091 HOH A O   1 
HETATM 1584 O  O   . HOH N 5 .   ? -14.819 -14.271 -8.568  1.00   20.70 ? 2092 HOH A O   1 
HETATM 1585 O  O   . HOH N 5 .   ? -4.371  -11.600 -13.753 1.00   25.39 ? 2093 HOH A O   1 
HETATM 1586 O  O   . HOH N 5 .   ? -2.958  -4.483  -17.979 1.00   33.91 ? 2094 HOH A O   1 
HETATM 1587 O  O   . HOH N 5 .   ? -11.455 -5.153  -20.378 1.00   12.28 ? 2095 HOH A O   1 
HETATM 1588 O  O   . HOH N 5 .   ? -11.934 -2.490  -17.005 1.00   27.42 ? 2096 HOH A O   1 
HETATM 1589 O  O   . HOH N 5 .   ? -10.061 -1.270  -16.677 1.00   10.73 ? 2097 HOH A O   1 
HETATM 1590 O  O   . HOH N 5 .   ? -10.105 2.052   -15.646 1.00   22.03 ? 2098 HOH A O   1 
HETATM 1591 O  O   . HOH N 5 .   ? -13.331 1.348   -13.899 1.00   44.41 ? 2099 HOH A O   1 
HETATM 1592 O  O   . HOH O 5 .   ? -0.297  4.533   20.927  1.00   45.37 ? 2001 HOH B O   1 
HETATM 1593 O  O   . HOH O 5 .   ? -5.239  -2.747  16.557  1.00   65.05 ? 2002 HOH B O   1 
HETATM 1594 O  O   . HOH O 5 .   ? -8.222  5.767   18.706  1.00   56.96 ? 2003 HOH B O   1 
HETATM 1595 O  O   . HOH O 5 .   ? -6.724  -0.089  25.600  1.00   35.54 ? 2004 HOH B O   1 
HETATM 1596 O  O   . HOH O 5 .   ? -6.341  -2.044  13.602  1.00   71.06 ? 2005 HOH B O   1 
HETATM 1597 O  O   . HOH O 5 .   ? -11.253 -1.034  13.165  1.00   16.21 ? 2006 HOH B O   1 
HETATM 1598 O  O   . HOH O 5 .   ? -11.717 4.576   16.378  1.00   30.11 ? 2007 HOH B O   1 
HETATM 1599 O  O   . HOH O 5 .   ? -16.024 1.791   8.699   1.00   26.63 ? 2008 HOH B O   1 
HETATM 1600 O  O   . HOH O 5 .   ? -16.664 0.870   10.522  1.00   30.93 ? 2009 HOH B O   1 
HETATM 1601 O  O   . HOH O 5 .   ? -16.163 2.942   12.367  1.00   61.50 ? 2010 HOH B O   1 
HETATM 1602 O  O   . HOH O 5 .   ? -17.975 0.916   6.236   1.00   42.81 ? 2011 HOH B O   1 
HETATM 1603 O  O   . HOH O 5 .   ? -14.872 8.101   3.766   1.00   27.16 ? 2012 HOH B O   1 
HETATM 1604 O  O   . HOH O 5 .   ? -15.652 7.183   5.324   1.00   39.08 ? 2013 HOH B O   1 
HETATM 1605 O  O   . HOH O 5 .   ? -19.283 -3.731  -2.221  1.00   36.46 ? 2014 HOH B O   1 
HETATM 1606 O  O   . HOH O 5 .   ? -13.425 11.713  -7.219  1.00   32.80 ? 2015 HOH B O   1 
HETATM 1607 O  O   . HOH O 5 .   ? -13.086 3.505   -10.580 1.00   34.34 ? 2016 HOH B O   1 
# 
loop_
_pdbx_poly_seq_scheme.asym_id 
_pdbx_poly_seq_scheme.entity_id 
_pdbx_poly_seq_scheme.seq_id 
_pdbx_poly_seq_scheme.mon_id 
_pdbx_poly_seq_scheme.ndb_seq_num 
_pdbx_poly_seq_scheme.pdb_seq_num 
_pdbx_poly_seq_scheme.auth_seq_num 
_pdbx_poly_seq_scheme.pdb_mon_id 
_pdbx_poly_seq_scheme.auth_mon_id 
_pdbx_poly_seq_scheme.pdb_strand_id 
_pdbx_poly_seq_scheme.pdb_ins_code 
_pdbx_poly_seq_scheme.hetero 
A 1 1   MET 1   -12 ?   ?   ?   A . n 
A 1 2   GLY 2   -11 ?   ?   ?   A . n 
A 1 3   SER 3   -10 ?   ?   ?   A . n 
A 1 4   HIS 4   -9  ?   ?   ?   A . n 
A 1 5   HIS 5   -8  ?   ?   ?   A . n 
A 1 6   HIS 6   -7  ?   ?   ?   A . n 
A 1 7   HIS 7   -6  ?   ?   ?   A . n 
A 1 8   HIS 8   -5  ?   ?   ?   A . n 
A 1 9   HIS 9   -4  ?   ?   ?   A . n 
A 1 10  SER 10  -3  ?   ?   ?   A . n 
A 1 11  GLN 11  -2  ?   ?   ?   A . n 
A 1 12  ASP 12  -1  ?   ?   ?   A . n 
A 1 13  PRO 13  0   ?   ?   ?   A . n 
A 1 14  MET 14  1   ?   ?   ?   A . n 
A 1 15  ALA 15  2   2   ALA ALA A . n 
A 1 16  TYR 16  3   3   TYR TYR A . n 
A 1 17  SER 17  4   4   SER SER A . n 
A 1 18  THR 18  5   5   THR THR A . n 
A 1 19  ARG 19  6   6   ARG ARG A . n 
A 1 20  GLU 20  7   7   GLU GLU A . n 
A 1 21  ILE 21  8   8   ILE ILE A . n 
A 1 22  LEU 22  9   9   LEU LEU A . n 
A 1 23  LEU 23  10  10  LEU LEU A . n 
A 1 24  ALA 24  11  11  ALA ALA A . n 
A 1 25  LEU 25  12  12  LEU LEU A . n 
A 1 26  CYS 26  13  13  CYS CYS A . n 
A 1 27  ILE 27  14  14  ILE ILE A . n 
A 1 28  ARG 28  15  15  ARG ARG A . n 
A 1 29  ASP 29  16  16  ASP ASP A . n 
A 1 30  SER 30  17  17  SER SER A . n 
A 1 31  ARG 31  18  18  ARG ARG A . n 
A 1 32  VAL 32  19  19  VAL VAL A . n 
A 1 33  HIS 33  20  20  HIS HIS A . n 
A 1 34  GLY 34  21  21  GLY GLY A . n 
A 1 35  ASN 35  22  22  ASN ASN A . n 
A 1 36  GLY 36  23  23  GLY GLY A . n 
A 1 37  THR 37  24  24  THR THR A . n 
A 1 38  LEU 38  25  25  LEU LEU A . n 
A 1 39  HIS 39  26  26  HIS HIS A . n 
A 1 40  PRO 40  27  27  PRO PRO A . n 
A 1 41  VAL 41  28  28  VAL VAL A . n 
A 1 42  LEU 42  29  29  LEU LEU A . n 
A 1 43  GLU 43  30  30  GLU GLU A . n 
A 1 44  LEU 44  31  31  LEU LEU A . n 
A 1 45  ALA 45  32  32  ALA ALA A . n 
A 1 46  ALA 46  33  33  ALA ALA A . n 
A 1 47  ARG 47  34  34  ARG ARG A . n 
A 1 48  GLU 48  35  35  GLU GLU A . n 
A 1 49  THR 49  36  36  THR THR A . n 
A 1 50  PRO 50  37  37  PRO PRO A . n 
A 1 51  LEU 51  38  38  LEU LEU A . n 
A 1 52  ARG 52  39  39  ARG ARG A . n 
A 1 53  LEU 53  40  40  LEU LEU A . n 
A 1 54  SER 54  41  41  SER SER A . n 
A 1 55  PRO 55  42  42  PRO PRO A . n 
A 1 56  GLU 56  43  43  GLU GLU A . n 
A 1 57  ASP 57  44  44  ASP ASP A . n 
A 1 58  THR 58  45  45  THR THR A . n 
A 1 59  VAL 59  46  46  VAL VAL A . n 
A 1 60  VAL 60  47  47  VAL VAL A . n 
A 1 61  LEU 61  48  48  LEU LEU A . n 
A 1 62  ARG 62  49  49  ARG ARG A . n 
A 1 63  TYR 63  50  50  TYR TYR A . n 
A 1 64  HIS 64  51  51  HIS HIS A . n 
A 1 65  VAL 65  52  52  VAL VAL A . n 
A 1 66  LEU 66  53  53  LEU LEU A . n 
A 1 67  LEU 67  54  54  LEU LEU A . n 
A 1 68  GLU 68  55  55  GLU GLU A . n 
A 1 69  GLU 69  56  56  GLU GLU A . n 
A 1 70  ILE 70  57  57  ILE ILE A . n 
A 1 71  ILE 71  58  58  ILE ILE A . n 
A 1 72  GLU 72  59  59  GLU GLU A . n 
A 1 73  ARG 73  60  60  ARG ARG A . n 
A 1 74  ASN 74  61  61  ASN ASN A . n 
A 1 75  SER 75  62  62  SER SER A . n 
A 1 76  GLU 76  63  63  GLU GLU A . n 
A 1 77  THR 77  64  64  THR THR A . n 
A 1 78  PHE 78  65  65  PHE PHE A . n 
A 1 79  THR 79  66  66  THR THR A . n 
A 1 80  GLU 80  67  67  GLU GLU A . n 
A 1 81  THR 81  68  68  THR THR A . n 
A 1 82  TRP 82  69  69  TRP TRP A . n 
A 1 83  ASN 83  70  70  ASN ASN A . n 
A 1 84  ARG 84  71  71  ARG ARG A . n 
A 1 85  PHE 85  72  72  PHE PHE A . n 
A 1 86  ILE 86  73  73  ILE ILE A . n 
A 1 87  THR 87  74  74  THR THR A . n 
A 1 88  HIS 88  75  75  HIS HIS A . n 
A 1 89  THR 89  76  76  THR THR A . n 
A 1 90  GLU 90  77  77  GLU GLU A . n 
A 1 91  HIS 91  78  78  HIS HIS A . n 
A 1 92  VAL 92  79  79  VAL VAL A . n 
A 1 93  ASP 93  80  80  ASP ASP A . n 
A 1 94  LEU 94  81  81  LEU LEU A . n 
A 1 95  ASP 95  82  82  ASP ASP A . n 
A 1 96  PHE 96  83  83  PHE PHE A . n 
A 1 97  ASN 97  84  84  ASN ASN A . n 
A 1 98  SER 98  85  85  SER SER A . n 
A 1 99  VAL 99  86  86  VAL VAL A . n 
A 1 100 PHE 100 87  87  PHE PHE A . n 
A 1 101 LEU 101 88  88  LEU LEU A . n 
A 1 102 GLU 102 89  89  GLU GLU A . n 
A 1 103 ILE 103 90  90  ILE ILE A . n 
A 1 104 PHE 104 91  91  PHE PHE A . n 
A 1 105 HIS 105 92  92  HIS HIS A . n 
A 1 106 ARG 106 93  93  ARG ARG A . n 
A 1 107 GLY 107 94  94  GLY GLY A . n 
A 1 108 ASP 108 95  95  ASP ASP A . n 
A 1 109 PRO 109 96  96  PRO PRO A . n 
A 1 110 SER 110 97  97  SER SER A . n 
A 1 111 LEU 111 98  98  LEU LEU A . n 
A 1 112 GLY 112 99  99  GLY GLY A . n 
A 1 113 ARG 113 100 100 ARG ARG A . n 
A 1 114 ALA 114 101 101 ALA ALA A . n 
A 1 115 LEU 115 102 102 LEU LEU A . n 
A 1 116 ALA 116 103 103 ALA ALA A . n 
A 1 117 TRP 117 104 104 TRP TRP A . n 
A 1 118 MET 118 105 105 MET MET A . n 
A 1 119 ALA 119 106 106 ALA ALA A . n 
A 1 120 TRP 120 107 107 TRP TRP A . n 
A 1 121 CYS 121 108 108 CYS CYS A . n 
A 1 122 MET 122 109 109 MET MET A . n 
A 1 123 HIS 123 110 110 HIS HIS A . n 
A 1 124 ALA 124 111 111 ALA ALA A . n 
A 1 125 CYS 125 112 112 CYS CYS A . n 
A 1 126 ARG 126 113 113 ARG ARG A . n 
A 1 127 THR 127 114 114 THR THR A . n 
A 1 128 LEU 128 115 115 LEU LEU A . n 
A 1 129 CYS 129 116 116 CYS CYS A . n 
A 1 130 CYS 130 117 117 CYS CYS A . n 
A 1 131 ASN 131 118 118 ASN ASN A . n 
A 1 132 GLN 132 119 119 GLN GLN A . n 
A 1 133 SER 133 120 120 SER SER A . n 
A 1 134 THR 134 121 121 THR THR A . n 
A 1 135 PRO 135 122 122 PRO PRO A . n 
A 1 136 TYR 136 123 123 TYR TYR A . n 
A 1 137 TYR 137 124 124 TYR TYR A . n 
A 1 138 VAL 138 125 125 VAL VAL A . n 
A 1 139 VAL 139 126 126 VAL VAL A . n 
A 1 140 ASP 140 127 127 ASP ASP A . n 
A 1 141 LEU 141 128 128 LEU LEU A . n 
A 1 142 SER 142 129 129 SER SER A . n 
A 1 143 VAL 143 130 130 VAL VAL A . n 
A 1 144 ARG 144 131 131 ARG ARG A . n 
A 1 145 GLY 145 132 132 GLY GLY A . n 
A 1 146 MET 146 133 133 MET MET A . n 
A 1 147 LEU 147 134 134 LEU LEU A . n 
A 1 148 GLU 148 135 135 GLU GLU A . n 
A 1 149 ALA 149 136 136 ALA ALA A . n 
A 1 150 SER 150 137 137 SER SER A . n 
A 1 151 GLU 151 138 138 GLU GLU A . n 
A 1 152 GLY 152 139 139 GLY GLY A . n 
A 1 153 LEU 153 140 140 LEU LEU A . n 
A 1 154 ASP 154 141 141 ASP ASP A . n 
A 1 155 GLY 155 142 142 GLY GLY A . n 
A 1 156 TRP 156 143 143 TRP TRP A . n 
A 1 157 ILE 157 144 144 ILE ILE A . n 
A 1 158 HIS 158 145 145 HIS HIS A . n 
A 1 159 GLN 159 146 146 GLN GLN A . n 
A 1 160 GLN 160 147 147 GLN GLN A . n 
A 1 161 GLY 161 148 148 GLY GLY A . n 
A 1 162 GLY 162 149 149 GLY GLY A . n 
A 1 163 TRP 163 150 150 TRP TRP A . n 
A 1 164 SER 164 151 151 SER SER A . n 
A 1 165 THR 165 152 152 THR THR A . n 
A 1 166 LEU 166 153 153 LEU LEU A . n 
A 1 167 ILE 167 154 154 ILE ILE A . n 
A 1 168 GLU 168 155 155 GLU GLU A . n 
A 1 169 ASP 169 156 156 ASP ASP A . n 
A 1 170 ASN 170 157 157 ASN ASN A . n 
A 1 171 ILE 171 158 158 ILE ILE A . n 
A 1 172 PRO 172 159 ?   ?   ?   A . n 
A 1 173 GLY 173 160 ?   ?   ?   A . n 
B 2 1   ASP 1   51  51  ASP ASP B . n 
B 2 2   MET 2   52  52  MET MET B . n 
B 2 3   ARG 3   53  53  ARG ARG B . n 
B 2 4   PRO 4   54  54  PRO PRO B . n 
B 2 5   GLU 5   55  55  GLU GLU B . n 
B 2 6   ILE 6   56  56  ILE ILE B . n 
B 2 7   TRP 7   57  57  TRP TRP B . n 
B 2 8   ILE 8   58  58  ILE ILE B . n 
B 2 9   ALA 9   59  59  ALA ALA B . n 
B 2 10  GLN 10  60  60  GLN GLN B . n 
B 2 11  GLU 11  61  61  GLU GLU B . n 
B 2 12  LEU 12  62  62  LEU LEU B . n 
B 2 13  ARG 13  63  63  ARG ARG B . n 
B 2 14  ARG 14  64  64  ARG ARG B . n 
B 2 15  ILE 15  65  65  ILE ILE B . n 
B 2 16  GLY 16  66  66  GLY GLY B . n 
B 2 17  ASP 17  67  67  ASP ASP B . n 
B 2 18  GLU 18  68  68  GLU GLU B . n 
B 2 19  PHE 19  69  69  PHE PHE B . n 
B 2 20  ASN 20  70  70  ASN ASN B . n 
B 2 21  ALA 21  71  71  ALA ALA B . n 
B 2 22  TYR 22  72  72  TYR TYR B . n 
B 2 23  TYR 23  73  ?   ?   ?   B . n 
B 2 24  ALA 24  74  ?   ?   ?   B . n 
B 2 25  ARG 25  75  ?   ?   ?   B . n 
B 2 26  ARG 26  76  ?   ?   ?   B . n 
# 
loop_
_pdbx_nonpoly_scheme.asym_id 
_pdbx_nonpoly_scheme.entity_id 
_pdbx_nonpoly_scheme.mon_id 
_pdbx_nonpoly_scheme.ndb_seq_num 
_pdbx_nonpoly_scheme.pdb_seq_num 
_pdbx_nonpoly_scheme.auth_seq_num 
_pdbx_nonpoly_scheme.pdb_mon_id 
_pdbx_nonpoly_scheme.auth_mon_id 
_pdbx_nonpoly_scheme.pdb_strand_id 
_pdbx_nonpoly_scheme.pdb_ins_code 
C 3 BR  1  1159 1159 BR  BR  A . 
D 3 BR  1  1160 1160 BR  BR  A . 
E 3 BR  1  1161 1161 BR  BR  A . 
F 3 BR  1  1162 1162 BR  BR  A . 
G 3 BR  1  1163 1163 BR  BR  A . 
H 3 BR  1  1164 1164 BR  BR  A . 
I 3 BR  1  1165 1165 BR  BR  A . 
J 3 BR  1  1166 1166 BR  BR  A . 
K 3 BR  1  1167 1167 BR  BR  A . 
L 4 GOL 1  1168 1168 GOL GOL A . 
M 4 GOL 1  1169 1169 GOL GOL A . 
N 5 HOH 1  2001 2001 HOH HOH A . 
N 5 HOH 2  2002 2002 HOH HOH A . 
N 5 HOH 3  2003 2003 HOH HOH A . 
N 5 HOH 4  2004 2004 HOH HOH A . 
N 5 HOH 5  2005 2005 HOH HOH A . 
N 5 HOH 6  2006 2006 HOH HOH A . 
N 5 HOH 7  2007 2007 HOH HOH A . 
N 5 HOH 8  2008 2008 HOH HOH A . 
N 5 HOH 9  2009 2009 HOH HOH A . 
N 5 HOH 10 2010 2010 HOH HOH A . 
N 5 HOH 11 2011 2011 HOH HOH A . 
N 5 HOH 12 2012 2012 HOH HOH A . 
N 5 HOH 13 2013 2013 HOH HOH A . 
N 5 HOH 14 2014 2014 HOH HOH A . 
N 5 HOH 15 2015 2015 HOH HOH A . 
N 5 HOH 16 2016 2016 HOH HOH A . 
N 5 HOH 17 2017 2017 HOH HOH A . 
N 5 HOH 18 2018 2018 HOH HOH A . 
N 5 HOH 19 2019 2019 HOH HOH A . 
N 5 HOH 20 2020 2020 HOH HOH A . 
N 5 HOH 21 2021 2021 HOH HOH A . 
N 5 HOH 22 2022 2022 HOH HOH A . 
N 5 HOH 23 2023 2023 HOH HOH A . 
N 5 HOH 24 2024 2024 HOH HOH A . 
N 5 HOH 25 2025 2025 HOH HOH A . 
N 5 HOH 26 2026 2026 HOH HOH A . 
N 5 HOH 27 2027 2027 HOH HOH A . 
N 5 HOH 28 2028 2028 HOH HOH A . 
N 5 HOH 29 2029 2029 HOH HOH A . 
N 5 HOH 30 2030 2030 HOH HOH A . 
N 5 HOH 31 2031 2031 HOH HOH A . 
N 5 HOH 32 2032 2032 HOH HOH A . 
N 5 HOH 33 2033 2033 HOH HOH A . 
N 5 HOH 34 2034 2034 HOH HOH A . 
N 5 HOH 35 2035 2035 HOH HOH A . 
N 5 HOH 36 2036 2036 HOH HOH A . 
N 5 HOH 37 2037 2037 HOH HOH A . 
N 5 HOH 38 2038 2038 HOH HOH A . 
N 5 HOH 39 2039 2039 HOH HOH A . 
N 5 HOH 40 2040 2040 HOH HOH A . 
N 5 HOH 41 2041 2041 HOH HOH A . 
N 5 HOH 42 2042 2042 HOH HOH A . 
N 5 HOH 43 2043 2043 HOH HOH A . 
N 5 HOH 44 2044 2044 HOH HOH A . 
N 5 HOH 45 2045 2045 HOH HOH A . 
N 5 HOH 46 2046 2046 HOH HOH A . 
N 5 HOH 47 2047 2047 HOH HOH A . 
N 5 HOH 48 2048 2048 HOH HOH A . 
N 5 HOH 49 2049 2049 HOH HOH A . 
N 5 HOH 50 2050 2050 HOH HOH A . 
N 5 HOH 51 2051 2051 HOH HOH A . 
N 5 HOH 52 2052 2052 HOH HOH A . 
N 5 HOH 53 2053 2053 HOH HOH A . 
N 5 HOH 54 2054 2054 HOH HOH A . 
N 5 HOH 55 2055 2055 HOH HOH A . 
N 5 HOH 56 2056 2056 HOH HOH A . 
N 5 HOH 57 2057 2057 HOH HOH A . 
N 5 HOH 58 2058 2058 HOH HOH A . 
N 5 HOH 59 2059 2059 HOH HOH A . 
N 5 HOH 60 2060 2060 HOH HOH A . 
N 5 HOH 61 2061 2061 HOH HOH A . 
N 5 HOH 62 2062 2062 HOH HOH A . 
N 5 HOH 63 2063 2063 HOH HOH A . 
N 5 HOH 64 2064 2064 HOH HOH A . 
N 5 HOH 65 2065 2065 HOH HOH A . 
N 5 HOH 66 2066 2066 HOH HOH A . 
N 5 HOH 67 2067 2067 HOH HOH A . 
N 5 HOH 68 2068 2068 HOH HOH A . 
N 5 HOH 69 2069 2069 HOH HOH A . 
N 5 HOH 70 2070 2070 HOH HOH A . 
N 5 HOH 71 2071 2071 HOH HOH A . 
N 5 HOH 72 2072 2072 HOH HOH A . 
N 5 HOH 73 2073 2073 HOH HOH A . 
N 5 HOH 74 2074 2074 HOH HOH A . 
N 5 HOH 75 2075 2075 HOH HOH A . 
N 5 HOH 76 2076 2076 HOH HOH A . 
N 5 HOH 77 2077 2077 HOH HOH A . 
N 5 HOH 78 2078 2078 HOH HOH A . 
N 5 HOH 79 2079 2079 HOH HOH A . 
N 5 HOH 80 2080 2080 HOH HOH A . 
N 5 HOH 81 2081 2081 HOH HOH A . 
N 5 HOH 82 2082 2082 HOH HOH A . 
N 5 HOH 83 2083 2083 HOH HOH A . 
N 5 HOH 84 2084 2084 HOH HOH A . 
N 5 HOH 85 2085 2085 HOH HOH A . 
N 5 HOH 86 2086 2086 HOH HOH A . 
N 5 HOH 87 2087 2087 HOH HOH A . 
N 5 HOH 88 2088 2088 HOH HOH A . 
N 5 HOH 89 2089 2089 HOH HOH A . 
N 5 HOH 90 2090 2090 HOH HOH A . 
N 5 HOH 91 2091 2091 HOH HOH A . 
N 5 HOH 92 2092 2092 HOH HOH A . 
N 5 HOH 93 2093 2093 HOH HOH A . 
N 5 HOH 94 2094 2094 HOH HOH A . 
N 5 HOH 95 2095 2095 HOH HOH A . 
N 5 HOH 96 2096 2096 HOH HOH A . 
N 5 HOH 97 2097 2097 HOH HOH A . 
N 5 HOH 98 2098 2098 HOH HOH A . 
N 5 HOH 99 2099 2099 HOH HOH A . 
O 5 HOH 1  2001 2001 HOH HOH B . 
O 5 HOH 2  2002 2002 HOH HOH B . 
O 5 HOH 3  2003 2003 HOH HOH B . 
O 5 HOH 4  2004 2004 HOH HOH B . 
O 5 HOH 5  2005 2005 HOH HOH B . 
O 5 HOH 6  2006 2006 HOH HOH B . 
O 5 HOH 7  2007 2007 HOH HOH B . 
O 5 HOH 8  2008 2008 HOH HOH B . 
O 5 HOH 9  2009 2009 HOH HOH B . 
O 5 HOH 10 2010 2010 HOH HOH B . 
O 5 HOH 11 2011 2011 HOH HOH B . 
O 5 HOH 12 2012 2012 HOH HOH B . 
O 5 HOH 13 2013 2013 HOH HOH B . 
O 5 HOH 14 2014 2014 HOH HOH B . 
O 5 HOH 15 2015 2015 HOH HOH B . 
O 5 HOH 16 2016 2016 HOH HOH B . 
# 
_pdbx_struct_assembly.id                   1 
_pdbx_struct_assembly.details              author_and_software_defined_assembly 
_pdbx_struct_assembly.method_details       PISA 
_pdbx_struct_assembly.oligomeric_details   dimeric 
_pdbx_struct_assembly.oligomeric_count     2 
# 
_pdbx_struct_assembly_gen.assembly_id       1 
_pdbx_struct_assembly_gen.oper_expression   1 
_pdbx_struct_assembly_gen.asym_id_list      A,B,C,D,E,F,G,H,I,J,K,L,M,N,O 
# 
loop_
_pdbx_struct_assembly_prop.biol_id 
_pdbx_struct_assembly_prop.type 
_pdbx_struct_assembly_prop.value 
_pdbx_struct_assembly_prop.details 
1 'ABSA (A^2)' 3410  ? 
1 MORE         -17.5 ? 
1 'SSA (A^2)'  8880  ? 
# 
_pdbx_struct_oper_list.id                   1 
_pdbx_struct_oper_list.type                 'identity operation' 
_pdbx_struct_oper_list.name                 1_555 
_pdbx_struct_oper_list.symmetry_operation   x,y,z 
_pdbx_struct_oper_list.matrix[1][1]         1.0000000000 
_pdbx_struct_oper_list.matrix[1][2]         0.0000000000 
_pdbx_struct_oper_list.matrix[1][3]         0.0000000000 
_pdbx_struct_oper_list.vector[1]            0.0000000000 
_pdbx_struct_oper_list.matrix[2][1]         0.0000000000 
_pdbx_struct_oper_list.matrix[2][2]         1.0000000000 
_pdbx_struct_oper_list.matrix[2][3]         0.0000000000 
_pdbx_struct_oper_list.vector[2]            0.0000000000 
_pdbx_struct_oper_list.matrix[3][1]         0.0000000000 
_pdbx_struct_oper_list.matrix[3][2]         0.0000000000 
_pdbx_struct_oper_list.matrix[3][3]         1.0000000000 
_pdbx_struct_oper_list.vector[3]            0.0000000000 
# 
loop_
_pdbx_audit_revision_history.ordinal 
_pdbx_audit_revision_history.data_content_type 
_pdbx_audit_revision_history.major_revision 
_pdbx_audit_revision_history.minor_revision 
_pdbx_audit_revision_history.revision_date 
1 'Structure model' 1 0 2010-05-26 
2 'Structure model' 1 1 2011-07-13 
3 'Structure model' 1 2 2018-03-28 
4 'Structure model' 1 3 2023-12-13 
# 
_pdbx_audit_revision_details.ordinal             1 
_pdbx_audit_revision_details.revision_ordinal    1 
_pdbx_audit_revision_details.data_content_type   'Structure model' 
_pdbx_audit_revision_details.provider            repository 
_pdbx_audit_revision_details.type                'Initial release' 
_pdbx_audit_revision_details.description         ? 
_pdbx_audit_revision_details.details             ? 
# 
loop_
_pdbx_audit_revision_group.ordinal 
_pdbx_audit_revision_group.revision_ordinal 
_pdbx_audit_revision_group.data_content_type 
_pdbx_audit_revision_group.group 
1  2 'Structure model' Advisory                    
2  2 'Structure model' 'Refinement description'    
3  2 'Structure model' 'Version format compliance' 
4  3 'Structure model' Advisory                    
5  3 'Structure model' 'Database references'       
6  3 'Structure model' 'Source and taxonomy'       
7  4 'Structure model' Advisory                    
8  4 'Structure model' 'Data collection'           
9  4 'Structure model' 'Database references'       
10 4 'Structure model' 'Derived calculations'      
11 4 'Structure model' Other                       
12 4 'Structure model' 'Refinement description'    
# 
loop_
_pdbx_audit_revision_category.ordinal 
_pdbx_audit_revision_category.revision_ordinal 
_pdbx_audit_revision_category.data_content_type 
_pdbx_audit_revision_category.category 
1  3 'Structure model' citation                      
2  3 'Structure model' citation_author               
3  3 'Structure model' entity_src_gen                
4  3 'Structure model' pdbx_unobs_or_zero_occ_atoms  
5  4 'Structure model' chem_comp_atom                
6  4 'Structure model' chem_comp_bond                
7  4 'Structure model' database_2                    
8  4 'Structure model' pdbx_database_status          
9  4 'Structure model' pdbx_initial_refinement_model 
10 4 'Structure model' pdbx_unobs_or_zero_occ_atoms  
11 4 'Structure model' struct_site                   
# 
loop_
_pdbx_audit_revision_item.ordinal 
_pdbx_audit_revision_item.revision_ordinal 
_pdbx_audit_revision_item.data_content_type 
_pdbx_audit_revision_item.item 
1  3 'Structure model' '_citation.journal_abbrev'                       
2  3 'Structure model' '_citation.journal_id_ISSN'                      
3  3 'Structure model' '_citation.page_first'                           
4  3 'Structure model' '_citation.page_last'                            
5  3 'Structure model' '_citation.pdbx_database_id_DOI'                 
6  3 'Structure model' '_citation.title'                                
7  3 'Structure model' '_citation.year'                                 
8  3 'Structure model' '_citation_author.name'                          
9  3 'Structure model' '_entity_src_gen.gene_src_strain'                
10 3 'Structure model' '_entity_src_gen.pdbx_gene_src_ncbi_taxonomy_id' 
11 3 'Structure model' '_entity_src_gen.pdbx_gene_src_scientific_name'  
12 3 'Structure model' '_entity_src_gen.pdbx_host_org_ncbi_taxonomy_id' 
13 3 'Structure model' '_entity_src_gen.pdbx_host_org_scientific_name'  
14 3 'Structure model' '_entity_src_gen.pdbx_host_org_strain'           
15 3 'Structure model' '_entity_src_gen.pdbx_host_org_variant'          
16 4 'Structure model' '_database_2.pdbx_DOI'                           
17 4 'Structure model' '_database_2.pdbx_database_accession'            
18 4 'Structure model' '_pdbx_database_status.status_code_sf'           
19 4 'Structure model' '_struct_site.pdbx_auth_asym_id'                 
20 4 'Structure model' '_struct_site.pdbx_auth_comp_id'                 
21 4 'Structure model' '_struct_site.pdbx_auth_seq_id'                  
# 
loop_
_pdbx_refine_tls.pdbx_refine_id 
_pdbx_refine_tls.id 
_pdbx_refine_tls.details 
_pdbx_refine_tls.method 
_pdbx_refine_tls.origin_x 
_pdbx_refine_tls.origin_y 
_pdbx_refine_tls.origin_z 
_pdbx_refine_tls.T[1][1] 
_pdbx_refine_tls.T[2][2] 
_pdbx_refine_tls.T[3][3] 
_pdbx_refine_tls.T[1][2] 
_pdbx_refine_tls.T[1][3] 
_pdbx_refine_tls.T[2][3] 
_pdbx_refine_tls.L[1][1] 
_pdbx_refine_tls.L[2][2] 
_pdbx_refine_tls.L[3][3] 
_pdbx_refine_tls.L[1][2] 
_pdbx_refine_tls.L[1][3] 
_pdbx_refine_tls.L[2][3] 
_pdbx_refine_tls.S[1][1] 
_pdbx_refine_tls.S[1][2] 
_pdbx_refine_tls.S[1][3] 
_pdbx_refine_tls.S[2][1] 
_pdbx_refine_tls.S[2][2] 
_pdbx_refine_tls.S[2][3] 
_pdbx_refine_tls.S[3][1] 
_pdbx_refine_tls.S[3][2] 
_pdbx_refine_tls.S[3][3] 
'X-RAY DIFFRACTION' 1 ? refined 1.5886   -0.3710 -0.6869 -0.0418 -0.0337 -0.0516 0.0443 0.0091 0.0039  0.8327 1.2781 0.7409 -0.6827 0.1246  -0.6033 0.0887 0.0510  -0.0400 -0.0710 0.0234  0.0292 -0.0418 -0.0747 -0.1119 
'X-RAY DIFFRACTION' 2 ? refined -11.1709 2.8894  7.0958  -0.1034 -0.0367 0.1049  0.1112 0.1200 0.1209  3.2181 3.4436 7.5420 0.7117  -0.2770 2.8174  0.3895 0.2249  0.3255  0.4477  -0.2277 0.5937 -0.2634 -0.3200 -0.1618 
'X-RAY DIFFRACTION' 3 ? refined 0.0448   0.3199  0.1760  0.0374  0.0431  0.0507  0.0155 0.0109 -0.0152 1.1030 2.4057 1.7133 -0.4758 0.3037  -0.5195 0.0416 -0.0903 0.0074  0.0288  0.0625  0.0954 0.0041  -0.0790 -0.1041 
# 
loop_
_pdbx_refine_tls_group.pdbx_refine_id 
_pdbx_refine_tls_group.id 
_pdbx_refine_tls_group.refine_tls_id 
_pdbx_refine_tls_group.beg_auth_asym_id 
_pdbx_refine_tls_group.beg_auth_seq_id 
_pdbx_refine_tls_group.beg_label_asym_id 
_pdbx_refine_tls_group.beg_label_seq_id 
_pdbx_refine_tls_group.end_auth_asym_id 
_pdbx_refine_tls_group.end_auth_seq_id 
_pdbx_refine_tls_group.end_label_asym_id 
_pdbx_refine_tls_group.end_label_seq_id 
_pdbx_refine_tls_group.selection 
_pdbx_refine_tls_group.selection_details 
'X-RAY DIFFRACTION' 1 1 A 1    ? ? A 159  ? ? ? ? 
'X-RAY DIFFRACTION' 2 2 B 51   ? ? B 76   ? ? ? ? 
'X-RAY DIFFRACTION' 3 3 A 2001 ? ? A 2099 ? ? ? ? 
'X-RAY DIFFRACTION' 4 3 B 2001 ? ? B 2016 ? ? ? ? 
'X-RAY DIFFRACTION' 5 3 A 1159 ? ? A 1167 ? ? ? ? 
'X-RAY DIFFRACTION' 6 3 A 1168 ? ? A 1169 ? ? ? ? 
# 
loop_
_software.name 
_software.classification 
_software.version 
_software.citation_id 
_software.pdbx_ordinal 
_software.date 
_software.type 
_software.location 
_software.language 
REFMAC   refinement       5.2.0019 ? 1 ? ? ? ? 
HKL-2000 'data reduction' .        ? 2 ? ? ? ? 
HKL-2000 'data scaling'   .        ? 3 ? ? ? ? 
PHASER   phasing          .        ? 4 ? ? ? ? 
# 
loop_
_pdbx_validate_close_contact.id 
_pdbx_validate_close_contact.PDB_model_num 
_pdbx_validate_close_contact.auth_atom_id_1 
_pdbx_validate_close_contact.auth_asym_id_1 
_pdbx_validate_close_contact.auth_comp_id_1 
_pdbx_validate_close_contact.auth_seq_id_1 
_pdbx_validate_close_contact.PDB_ins_code_1 
_pdbx_validate_close_contact.label_alt_id_1 
_pdbx_validate_close_contact.auth_atom_id_2 
_pdbx_validate_close_contact.auth_asym_id_2 
_pdbx_validate_close_contact.auth_comp_id_2 
_pdbx_validate_close_contact.auth_seq_id_2 
_pdbx_validate_close_contact.PDB_ins_code_2 
_pdbx_validate_close_contact.label_alt_id_2 
_pdbx_validate_close_contact.dist 
1 1 O   A HOH 2054 ? ? O  A HOH 2080 ? ? 1.95 
2 1 O   B HOH 2012 ? ? O  B HOH 2013 ? ? 1.97 
3 1 O   A ILE 158  ? ? O  A HOH 2097 ? ? 2.03 
4 1 O   A HOH 2030 ? ? O  A HOH 2031 ? ? 2.10 
5 1 NE2 A HIS 92   ? ? O  A HOH 2062 ? ? 2.13 
6 1 O   A GLY 94   ? ? O  A HOH 2067 ? ? 2.14 
7 1 O   B HOH 2008 ? ? O  B HOH 2009 ? ? 2.14 
8 1 O   A GLU 155  ? ? O  A HOH 2095 ? ? 2.16 
9 1 NH1 A ARG 60   ? ? BR A BR  1166 ? ? 2.18 
# 
loop_
_pdbx_validate_symm_contact.id 
_pdbx_validate_symm_contact.PDB_model_num 
_pdbx_validate_symm_contact.auth_atom_id_1 
_pdbx_validate_symm_contact.auth_asym_id_1 
_pdbx_validate_symm_contact.auth_comp_id_1 
_pdbx_validate_symm_contact.auth_seq_id_1 
_pdbx_validate_symm_contact.PDB_ins_code_1 
_pdbx_validate_symm_contact.label_alt_id_1 
_pdbx_validate_symm_contact.site_symmetry_1 
_pdbx_validate_symm_contact.auth_atom_id_2 
_pdbx_validate_symm_contact.auth_asym_id_2 
_pdbx_validate_symm_contact.auth_comp_id_2 
_pdbx_validate_symm_contact.auth_seq_id_2 
_pdbx_validate_symm_contact.PDB_ins_code_2 
_pdbx_validate_symm_contact.label_alt_id_2 
_pdbx_validate_symm_contact.site_symmetry_2 
_pdbx_validate_symm_contact.dist 
1 1 O   A HOH 2021 ? ? 1_555 O   A HOH 2055 ? ? 5_555 2.07 
2 1 OE1 A GLU 59   ? ? 1_555 ND2 A ASN 84   ? ? 2_564 2.08 
# 
loop_
_pdbx_validate_rmsd_bond.id 
_pdbx_validate_rmsd_bond.PDB_model_num 
_pdbx_validate_rmsd_bond.auth_atom_id_1 
_pdbx_validate_rmsd_bond.auth_asym_id_1 
_pdbx_validate_rmsd_bond.auth_comp_id_1 
_pdbx_validate_rmsd_bond.auth_seq_id_1 
_pdbx_validate_rmsd_bond.PDB_ins_code_1 
_pdbx_validate_rmsd_bond.label_alt_id_1 
_pdbx_validate_rmsd_bond.auth_atom_id_2 
_pdbx_validate_rmsd_bond.auth_asym_id_2 
_pdbx_validate_rmsd_bond.auth_comp_id_2 
_pdbx_validate_rmsd_bond.auth_seq_id_2 
_pdbx_validate_rmsd_bond.PDB_ins_code_2 
_pdbx_validate_rmsd_bond.label_alt_id_2 
_pdbx_validate_rmsd_bond.bond_value 
_pdbx_validate_rmsd_bond.bond_target_value 
_pdbx_validate_rmsd_bond.bond_deviation 
_pdbx_validate_rmsd_bond.bond_standard_deviation 
_pdbx_validate_rmsd_bond.linker_flag 
1 1 CD  A GLU 55  ? B OE2 A GLU 55  ? B 1.323 1.252 0.071  0.011 N 
2 1 NE2 A HIS 92  ? ? CD2 A HIS 92  ? ? 1.297 1.373 -0.076 0.011 N 
3 1 CD  A GLN 146 ? ? OE1 A GLN 146 ? ? 1.435 1.235 0.200  0.022 N 
4 1 CG  B ARG 53  ? ? CD  B ARG 53  ? ? 1.270 1.515 -0.245 0.025 N 
# 
loop_
_pdbx_validate_rmsd_angle.id 
_pdbx_validate_rmsd_angle.PDB_model_num 
_pdbx_validate_rmsd_angle.auth_atom_id_1 
_pdbx_validate_rmsd_angle.auth_asym_id_1 
_pdbx_validate_rmsd_angle.auth_comp_id_1 
_pdbx_validate_rmsd_angle.auth_seq_id_1 
_pdbx_validate_rmsd_angle.PDB_ins_code_1 
_pdbx_validate_rmsd_angle.label_alt_id_1 
_pdbx_validate_rmsd_angle.auth_atom_id_2 
_pdbx_validate_rmsd_angle.auth_asym_id_2 
_pdbx_validate_rmsd_angle.auth_comp_id_2 
_pdbx_validate_rmsd_angle.auth_seq_id_2 
_pdbx_validate_rmsd_angle.PDB_ins_code_2 
_pdbx_validate_rmsd_angle.label_alt_id_2 
_pdbx_validate_rmsd_angle.auth_atom_id_3 
_pdbx_validate_rmsd_angle.auth_asym_id_3 
_pdbx_validate_rmsd_angle.auth_comp_id_3 
_pdbx_validate_rmsd_angle.auth_seq_id_3 
_pdbx_validate_rmsd_angle.PDB_ins_code_3 
_pdbx_validate_rmsd_angle.label_alt_id_3 
_pdbx_validate_rmsd_angle.angle_value 
_pdbx_validate_rmsd_angle.angle_target_value 
_pdbx_validate_rmsd_angle.angle_deviation 
_pdbx_validate_rmsd_angle.angle_standard_deviation 
_pdbx_validate_rmsd_angle.linker_flag 
1 1 ND1 A HIS 92 ? ? CG A HIS 92 ? ? CD2 A HIS 92 ? ? 94.50  106.00 -11.50 1.40 N 
2 1 CB  A HIS 92 ? ? CG A HIS 92 ? ? ND1 A HIS 92 ? ? 112.64 121.40 -8.76  1.30 N 
3 1 CA  A ASP 95 ? ? CB A ASP 95 ? ? CG  A ASP 95 ? ? 90.98  113.40 -22.42 2.20 N 
4 1 CB  A ASP 95 ? ? CG A ASP 95 ? ? OD1 A ASP 95 ? ? 153.31 118.30 35.01  0.90 N 
5 1 CB  A ASP 95 ? ? CG A ASP 95 ? ? OD2 A ASP 95 ? ? 86.39  118.30 -31.91 0.90 N 
6 1 CB  B ARG 53 ? ? CG B ARG 53 ? ? CD  B ARG 53 ? ? 131.33 111.60 19.73  2.60 N 
7 1 NH1 B ARG 64 ? ? CZ B ARG 64 ? ? NH2 B ARG 64 ? ? 109.61 119.40 -9.79  1.10 N 
8 1 NE  B ARG 64 ? ? CZ B ARG 64 ? ? NH1 B ARG 64 ? ? 129.82 120.30 9.52   0.50 N 
# 
loop_
_pdbx_validate_torsion.id 
_pdbx_validate_torsion.PDB_model_num 
_pdbx_validate_torsion.auth_comp_id 
_pdbx_validate_torsion.auth_asym_id 
_pdbx_validate_torsion.auth_seq_id 
_pdbx_validate_torsion.PDB_ins_code 
_pdbx_validate_torsion.label_alt_id 
_pdbx_validate_torsion.phi 
_pdbx_validate_torsion.psi 
1 1 THR A 36 ? ? -60.70  -75.52 
2 1 HIS A 78 ? ? -158.60 89.76  
3 1 ARG A 93 ? ? -112.78 67.48  
4 1 ASN B 70 ? ? -51.38  -7.16  
# 
_pdbx_validate_peptide_omega.id               1 
_pdbx_validate_peptide_omega.PDB_model_num    1 
_pdbx_validate_peptide_omega.auth_comp_id_1   THR 
_pdbx_validate_peptide_omega.auth_asym_id_1   A 
_pdbx_validate_peptide_omega.auth_seq_id_1    36 
_pdbx_validate_peptide_omega.PDB_ins_code_1   ? 
_pdbx_validate_peptide_omega.label_alt_id_1   ? 
_pdbx_validate_peptide_omega.auth_comp_id_2   PRO 
_pdbx_validate_peptide_omega.auth_asym_id_2   A 
_pdbx_validate_peptide_omega.auth_seq_id_2    37 
_pdbx_validate_peptide_omega.PDB_ins_code_2   ? 
_pdbx_validate_peptide_omega.label_alt_id_2   ? 
_pdbx_validate_peptide_omega.omega            35.54 
# 
_pdbx_validate_main_chain_plane.id                       1 
_pdbx_validate_main_chain_plane.PDB_model_num            1 
_pdbx_validate_main_chain_plane.auth_comp_id             THR 
_pdbx_validate_main_chain_plane.auth_asym_id             A 
_pdbx_validate_main_chain_plane.auth_seq_id              36 
_pdbx_validate_main_chain_plane.PDB_ins_code             ? 
_pdbx_validate_main_chain_plane.label_alt_id             ? 
_pdbx_validate_main_chain_plane.improper_torsion_angle   12.36 
# 
loop_
_pdbx_validate_planes.id 
_pdbx_validate_planes.PDB_model_num 
_pdbx_validate_planes.auth_comp_id 
_pdbx_validate_planes.auth_asym_id 
_pdbx_validate_planes.auth_seq_id 
_pdbx_validate_planes.PDB_ins_code 
_pdbx_validate_planes.label_alt_id 
_pdbx_validate_planes.rmsd 
_pdbx_validate_planes.type 
1 1 HIS A 92  ? ? 0.167 'SIDE CHAIN' 
2 1 GLN A 146 ? ? 0.107 'SIDE CHAIN' 
# 
loop_
_pdbx_unobs_or_zero_occ_atoms.id 
_pdbx_unobs_or_zero_occ_atoms.PDB_model_num 
_pdbx_unobs_or_zero_occ_atoms.polymer_flag 
_pdbx_unobs_or_zero_occ_atoms.occupancy_flag 
_pdbx_unobs_or_zero_occ_atoms.auth_asym_id 
_pdbx_unobs_or_zero_occ_atoms.auth_comp_id 
_pdbx_unobs_or_zero_occ_atoms.auth_seq_id 
_pdbx_unobs_or_zero_occ_atoms.PDB_ins_code 
_pdbx_unobs_or_zero_occ_atoms.auth_atom_id 
_pdbx_unobs_or_zero_occ_atoms.label_alt_id 
_pdbx_unobs_or_zero_occ_atoms.label_asym_id 
_pdbx_unobs_or_zero_occ_atoms.label_comp_id 
_pdbx_unobs_or_zero_occ_atoms.label_seq_id 
_pdbx_unobs_or_zero_occ_atoms.label_atom_id 
1  1 Y 0 A HIS 92  ? ND1 ? A HIS 105 ND1 
2  1 Y 0 A HIS 92  ? CE1 ? A HIS 105 CE1 
3  1 Y 0 A HIS 92  ? NE2 ? A HIS 105 NE2 
4  1 Y 0 A ASP 95  ? CG  ? A ASP 108 CG  
5  1 Y 0 A ASP 95  ? OD1 ? A ASP 108 OD1 
6  1 Y 0 A ASP 95  ? OD2 ? A ASP 108 OD2 
7  1 Y 0 A GLN 146 ? OE1 ? A GLN 159 OE1 
8  1 Y 0 A GLN 146 ? NE2 ? A GLN 159 NE2 
9  1 Y 0 B ARG 53  ? CD  ? B ARG 3   CD  
10 1 Y 0 B ARG 53  ? NE  ? B ARG 3   NE  
11 1 Y 0 B ARG 53  ? CZ  ? B ARG 3   CZ  
12 1 Y 0 B ARG 53  ? NH1 ? B ARG 3   NH1 
13 1 Y 0 B ARG 53  ? NH2 ? B ARG 3   NH2 
14 1 Y 0 B ARG 64  ? NH1 ? B ARG 14  NH1 
# 
loop_
_pdbx_unobs_or_zero_occ_residues.id 
_pdbx_unobs_or_zero_occ_residues.PDB_model_num 
_pdbx_unobs_or_zero_occ_residues.polymer_flag 
_pdbx_unobs_or_zero_occ_residues.occupancy_flag 
_pdbx_unobs_or_zero_occ_residues.auth_asym_id 
_pdbx_unobs_or_zero_occ_residues.auth_comp_id 
_pdbx_unobs_or_zero_occ_residues.auth_seq_id 
_pdbx_unobs_or_zero_occ_residues.PDB_ins_code 
_pdbx_unobs_or_zero_occ_residues.label_asym_id 
_pdbx_unobs_or_zero_occ_residues.label_comp_id 
_pdbx_unobs_or_zero_occ_residues.label_seq_id 
1  1 Y 1 A MET -12 ? A MET 1   
2  1 Y 1 A GLY -11 ? A GLY 2   
3  1 Y 1 A SER -10 ? A SER 3   
4  1 Y 1 A HIS -9  ? A HIS 4   
5  1 Y 1 A HIS -8  ? A HIS 5   
6  1 Y 1 A HIS -7  ? A HIS 6   
7  1 Y 1 A HIS -6  ? A HIS 7   
8  1 Y 1 A HIS -5  ? A HIS 8   
9  1 Y 1 A HIS -4  ? A HIS 9   
10 1 Y 1 A SER -3  ? A SER 10  
11 1 Y 1 A GLN -2  ? A GLN 11  
12 1 Y 1 A ASP -1  ? A ASP 12  
13 1 Y 1 A PRO 0   ? A PRO 13  
14 1 Y 1 A MET 1   ? A MET 14  
15 1 Y 1 A PRO 159 ? A PRO 172 
16 1 Y 1 A GLY 160 ? A GLY 173 
17 1 Y 1 B TYR 73  ? B TYR 23  
18 1 Y 1 B ALA 74  ? B ALA 24  
19 1 Y 1 B ARG 75  ? B ARG 25  
20 1 Y 1 B ARG 76  ? B ARG 26  
# 
loop_
_chem_comp_atom.comp_id 
_chem_comp_atom.atom_id 
_chem_comp_atom.type_symbol 
_chem_comp_atom.pdbx_aromatic_flag 
_chem_comp_atom.pdbx_stereo_config 
_chem_comp_atom.pdbx_ordinal 
ALA N    N  N N 1   
ALA CA   C  N S 2   
ALA C    C  N N 3   
ALA O    O  N N 4   
ALA CB   C  N N 5   
ALA OXT  O  N N 6   
ALA H    H  N N 7   
ALA H2   H  N N 8   
ALA HA   H  N N 9   
ALA HB1  H  N N 10  
ALA HB2  H  N N 11  
ALA HB3  H  N N 12  
ALA HXT  H  N N 13  
ARG N    N  N N 14  
ARG CA   C  N S 15  
ARG C    C  N N 16  
ARG O    O  N N 17  
ARG CB   C  N N 18  
ARG CG   C  N N 19  
ARG CD   C  N N 20  
ARG NE   N  N N 21  
ARG CZ   C  N N 22  
ARG NH1  N  N N 23  
ARG NH2  N  N N 24  
ARG OXT  O  N N 25  
ARG H    H  N N 26  
ARG H2   H  N N 27  
ARG HA   H  N N 28  
ARG HB2  H  N N 29  
ARG HB3  H  N N 30  
ARG HG2  H  N N 31  
ARG HG3  H  N N 32  
ARG HD2  H  N N 33  
ARG HD3  H  N N 34  
ARG HE   H  N N 35  
ARG HH11 H  N N 36  
ARG HH12 H  N N 37  
ARG HH21 H  N N 38  
ARG HH22 H  N N 39  
ARG HXT  H  N N 40  
ASN N    N  N N 41  
ASN CA   C  N S 42  
ASN C    C  N N 43  
ASN O    O  N N 44  
ASN CB   C  N N 45  
ASN CG   C  N N 46  
ASN OD1  O  N N 47  
ASN ND2  N  N N 48  
ASN OXT  O  N N 49  
ASN H    H  N N 50  
ASN H2   H  N N 51  
ASN HA   H  N N 52  
ASN HB2  H  N N 53  
ASN HB3  H  N N 54  
ASN HD21 H  N N 55  
ASN HD22 H  N N 56  
ASN HXT  H  N N 57  
ASP N    N  N N 58  
ASP CA   C  N S 59  
ASP C    C  N N 60  
ASP O    O  N N 61  
ASP CB   C  N N 62  
ASP CG   C  N N 63  
ASP OD1  O  N N 64  
ASP OD2  O  N N 65  
ASP OXT  O  N N 66  
ASP H    H  N N 67  
ASP H2   H  N N 68  
ASP HA   H  N N 69  
ASP HB2  H  N N 70  
ASP HB3  H  N N 71  
ASP HD2  H  N N 72  
ASP HXT  H  N N 73  
BR  BR   BR N N 74  
CYS N    N  N N 75  
CYS CA   C  N R 76  
CYS C    C  N N 77  
CYS O    O  N N 78  
CYS CB   C  N N 79  
CYS SG   S  N N 80  
CYS OXT  O  N N 81  
CYS H    H  N N 82  
CYS H2   H  N N 83  
CYS HA   H  N N 84  
CYS HB2  H  N N 85  
CYS HB3  H  N N 86  
CYS HG   H  N N 87  
CYS HXT  H  N N 88  
GLN N    N  N N 89  
GLN CA   C  N S 90  
GLN C    C  N N 91  
GLN O    O  N N 92  
GLN CB   C  N N 93  
GLN CG   C  N N 94  
GLN CD   C  N N 95  
GLN OE1  O  N N 96  
GLN NE2  N  N N 97  
GLN OXT  O  N N 98  
GLN H    H  N N 99  
GLN H2   H  N N 100 
GLN HA   H  N N 101 
GLN HB2  H  N N 102 
GLN HB3  H  N N 103 
GLN HG2  H  N N 104 
GLN HG3  H  N N 105 
GLN HE21 H  N N 106 
GLN HE22 H  N N 107 
GLN HXT  H  N N 108 
GLU N    N  N N 109 
GLU CA   C  N S 110 
GLU C    C  N N 111 
GLU O    O  N N 112 
GLU CB   C  N N 113 
GLU CG   C  N N 114 
GLU CD   C  N N 115 
GLU OE1  O  N N 116 
GLU OE2  O  N N 117 
GLU OXT  O  N N 118 
GLU H    H  N N 119 
GLU H2   H  N N 120 
GLU HA   H  N N 121 
GLU HB2  H  N N 122 
GLU HB3  H  N N 123 
GLU HG2  H  N N 124 
GLU HG3  H  N N 125 
GLU HE2  H  N N 126 
GLU HXT  H  N N 127 
GLY N    N  N N 128 
GLY CA   C  N N 129 
GLY C    C  N N 130 
GLY O    O  N N 131 
GLY OXT  O  N N 132 
GLY H    H  N N 133 
GLY H2   H  N N 134 
GLY HA2  H  N N 135 
GLY HA3  H  N N 136 
GLY HXT  H  N N 137 
GOL C1   C  N N 138 
GOL O1   O  N N 139 
GOL C2   C  N N 140 
GOL O2   O  N N 141 
GOL C3   C  N N 142 
GOL O3   O  N N 143 
GOL H11  H  N N 144 
GOL H12  H  N N 145 
GOL HO1  H  N N 146 
GOL H2   H  N N 147 
GOL HO2  H  N N 148 
GOL H31  H  N N 149 
GOL H32  H  N N 150 
GOL HO3  H  N N 151 
HIS N    N  N N 152 
HIS CA   C  N S 153 
HIS C    C  N N 154 
HIS O    O  N N 155 
HIS CB   C  N N 156 
HIS CG   C  Y N 157 
HIS ND1  N  Y N 158 
HIS CD2  C  Y N 159 
HIS CE1  C  Y N 160 
HIS NE2  N  Y N 161 
HIS OXT  O  N N 162 
HIS H    H  N N 163 
HIS H2   H  N N 164 
HIS HA   H  N N 165 
HIS HB2  H  N N 166 
HIS HB3  H  N N 167 
HIS HD1  H  N N 168 
HIS HD2  H  N N 169 
HIS HE1  H  N N 170 
HIS HE2  H  N N 171 
HIS HXT  H  N N 172 
HOH O    O  N N 173 
HOH H1   H  N N 174 
HOH H2   H  N N 175 
ILE N    N  N N 176 
ILE CA   C  N S 177 
ILE C    C  N N 178 
ILE O    O  N N 179 
ILE CB   C  N S 180 
ILE CG1  C  N N 181 
ILE CG2  C  N N 182 
ILE CD1  C  N N 183 
ILE OXT  O  N N 184 
ILE H    H  N N 185 
ILE H2   H  N N 186 
ILE HA   H  N N 187 
ILE HB   H  N N 188 
ILE HG12 H  N N 189 
ILE HG13 H  N N 190 
ILE HG21 H  N N 191 
ILE HG22 H  N N 192 
ILE HG23 H  N N 193 
ILE HD11 H  N N 194 
ILE HD12 H  N N 195 
ILE HD13 H  N N 196 
ILE HXT  H  N N 197 
LEU N    N  N N 198 
LEU CA   C  N S 199 
LEU C    C  N N 200 
LEU O    O  N N 201 
LEU CB   C  N N 202 
LEU CG   C  N N 203 
LEU CD1  C  N N 204 
LEU CD2  C  N N 205 
LEU OXT  O  N N 206 
LEU H    H  N N 207 
LEU H2   H  N N 208 
LEU HA   H  N N 209 
LEU HB2  H  N N 210 
LEU HB3  H  N N 211 
LEU HG   H  N N 212 
LEU HD11 H  N N 213 
LEU HD12 H  N N 214 
LEU HD13 H  N N 215 
LEU HD21 H  N N 216 
LEU HD22 H  N N 217 
LEU HD23 H  N N 218 
LEU HXT  H  N N 219 
MET N    N  N N 220 
MET CA   C  N S 221 
MET C    C  N N 222 
MET O    O  N N 223 
MET CB   C  N N 224 
MET CG   C  N N 225 
MET SD   S  N N 226 
MET CE   C  N N 227 
MET OXT  O  N N 228 
MET H    H  N N 229 
MET H2   H  N N 230 
MET HA   H  N N 231 
MET HB2  H  N N 232 
MET HB3  H  N N 233 
MET HG2  H  N N 234 
MET HG3  H  N N 235 
MET HE1  H  N N 236 
MET HE2  H  N N 237 
MET HE3  H  N N 238 
MET HXT  H  N N 239 
PHE N    N  N N 240 
PHE CA   C  N S 241 
PHE C    C  N N 242 
PHE O    O  N N 243 
PHE CB   C  N N 244 
PHE CG   C  Y N 245 
PHE CD1  C  Y N 246 
PHE CD2  C  Y N 247 
PHE CE1  C  Y N 248 
PHE CE2  C  Y N 249 
PHE CZ   C  Y N 250 
PHE OXT  O  N N 251 
PHE H    H  N N 252 
PHE H2   H  N N 253 
PHE HA   H  N N 254 
PHE HB2  H  N N 255 
PHE HB3  H  N N 256 
PHE HD1  H  N N 257 
PHE HD2  H  N N 258 
PHE HE1  H  N N 259 
PHE HE2  H  N N 260 
PHE HZ   H  N N 261 
PHE HXT  H  N N 262 
PRO N    N  N N 263 
PRO CA   C  N S 264 
PRO C    C  N N 265 
PRO O    O  N N 266 
PRO CB   C  N N 267 
PRO CG   C  N N 268 
PRO CD   C  N N 269 
PRO OXT  O  N N 270 
PRO H    H  N N 271 
PRO HA   H  N N 272 
PRO HB2  H  N N 273 
PRO HB3  H  N N 274 
PRO HG2  H  N N 275 
PRO HG3  H  N N 276 
PRO HD2  H  N N 277 
PRO HD3  H  N N 278 
PRO HXT  H  N N 279 
SER N    N  N N 280 
SER CA   C  N S 281 
SER C    C  N N 282 
SER O    O  N N 283 
SER CB   C  N N 284 
SER OG   O  N N 285 
SER OXT  O  N N 286 
SER H    H  N N 287 
SER H2   H  N N 288 
SER HA   H  N N 289 
SER HB2  H  N N 290 
SER HB3  H  N N 291 
SER HG   H  N N 292 
SER HXT  H  N N 293 
THR N    N  N N 294 
THR CA   C  N S 295 
THR C    C  N N 296 
THR O    O  N N 297 
THR CB   C  N R 298 
THR OG1  O  N N 299 
THR CG2  C  N N 300 
THR OXT  O  N N 301 
THR H    H  N N 302 
THR H2   H  N N 303 
THR HA   H  N N 304 
THR HB   H  N N 305 
THR HG1  H  N N 306 
THR HG21 H  N N 307 
THR HG22 H  N N 308 
THR HG23 H  N N 309 
THR HXT  H  N N 310 
TRP N    N  N N 311 
TRP CA   C  N S 312 
TRP C    C  N N 313 
TRP O    O  N N 314 
TRP CB   C  N N 315 
TRP CG   C  Y N 316 
TRP CD1  C  Y N 317 
TRP CD2  C  Y N 318 
TRP NE1  N  Y N 319 
TRP CE2  C  Y N 320 
TRP CE3  C  Y N 321 
TRP CZ2  C  Y N 322 
TRP CZ3  C  Y N 323 
TRP CH2  C  Y N 324 
TRP OXT  O  N N 325 
TRP H    H  N N 326 
TRP H2   H  N N 327 
TRP HA   H  N N 328 
TRP HB2  H  N N 329 
TRP HB3  H  N N 330 
TRP HD1  H  N N 331 
TRP HE1  H  N N 332 
TRP HE3  H  N N 333 
TRP HZ2  H  N N 334 
TRP HZ3  H  N N 335 
TRP HH2  H  N N 336 
TRP HXT  H  N N 337 
TYR N    N  N N 338 
TYR CA   C  N S 339 
TYR C    C  N N 340 
TYR O    O  N N 341 
TYR CB   C  N N 342 
TYR CG   C  Y N 343 
TYR CD1  C  Y N 344 
TYR CD2  C  Y N 345 
TYR CE1  C  Y N 346 
TYR CE2  C  Y N 347 
TYR CZ   C  Y N 348 
TYR OH   O  N N 349 
TYR OXT  O  N N 350 
TYR H    H  N N 351 
TYR H2   H  N N 352 
TYR HA   H  N N 353 
TYR HB2  H  N N 354 
TYR HB3  H  N N 355 
TYR HD1  H  N N 356 
TYR HD2  H  N N 357 
TYR HE1  H  N N 358 
TYR HE2  H  N N 359 
TYR HH   H  N N 360 
TYR HXT  H  N N 361 
VAL N    N  N N 362 
VAL CA   C  N S 363 
VAL C    C  N N 364 
VAL O    O  N N 365 
VAL CB   C  N N 366 
VAL CG1  C  N N 367 
VAL CG2  C  N N 368 
VAL OXT  O  N N 369 
VAL H    H  N N 370 
VAL H2   H  N N 371 
VAL HA   H  N N 372 
VAL HB   H  N N 373 
VAL HG11 H  N N 374 
VAL HG12 H  N N 375 
VAL HG13 H  N N 376 
VAL HG21 H  N N 377 
VAL HG22 H  N N 378 
VAL HG23 H  N N 379 
VAL HXT  H  N N 380 
# 
loop_
_chem_comp_bond.comp_id 
_chem_comp_bond.atom_id_1 
_chem_comp_bond.atom_id_2 
_chem_comp_bond.value_order 
_chem_comp_bond.pdbx_aromatic_flag 
_chem_comp_bond.pdbx_stereo_config 
_chem_comp_bond.pdbx_ordinal 
ALA N   CA   sing N N 1   
ALA N   H    sing N N 2   
ALA N   H2   sing N N 3   
ALA CA  C    sing N N 4   
ALA CA  CB   sing N N 5   
ALA CA  HA   sing N N 6   
ALA C   O    doub N N 7   
ALA C   OXT  sing N N 8   
ALA CB  HB1  sing N N 9   
ALA CB  HB2  sing N N 10  
ALA CB  HB3  sing N N 11  
ALA OXT HXT  sing N N 12  
ARG N   CA   sing N N 13  
ARG N   H    sing N N 14  
ARG N   H2   sing N N 15  
ARG CA  C    sing N N 16  
ARG CA  CB   sing N N 17  
ARG CA  HA   sing N N 18  
ARG C   O    doub N N 19  
ARG C   OXT  sing N N 20  
ARG CB  CG   sing N N 21  
ARG CB  HB2  sing N N 22  
ARG CB  HB3  sing N N 23  
ARG CG  CD   sing N N 24  
ARG CG  HG2  sing N N 25  
ARG CG  HG3  sing N N 26  
ARG CD  NE   sing N N 27  
ARG CD  HD2  sing N N 28  
ARG CD  HD3  sing N N 29  
ARG NE  CZ   sing N N 30  
ARG NE  HE   sing N N 31  
ARG CZ  NH1  sing N N 32  
ARG CZ  NH2  doub N N 33  
ARG NH1 HH11 sing N N 34  
ARG NH1 HH12 sing N N 35  
ARG NH2 HH21 sing N N 36  
ARG NH2 HH22 sing N N 37  
ARG OXT HXT  sing N N 38  
ASN N   CA   sing N N 39  
ASN N   H    sing N N 40  
ASN N   H2   sing N N 41  
ASN CA  C    sing N N 42  
ASN CA  CB   sing N N 43  
ASN CA  HA   sing N N 44  
ASN C   O    doub N N 45  
ASN C   OXT  sing N N 46  
ASN CB  CG   sing N N 47  
ASN CB  HB2  sing N N 48  
ASN CB  HB3  sing N N 49  
ASN CG  OD1  doub N N 50  
ASN CG  ND2  sing N N 51  
ASN ND2 HD21 sing N N 52  
ASN ND2 HD22 sing N N 53  
ASN OXT HXT  sing N N 54  
ASP N   CA   sing N N 55  
ASP N   H    sing N N 56  
ASP N   H2   sing N N 57  
ASP CA  C    sing N N 58  
ASP CA  CB   sing N N 59  
ASP CA  HA   sing N N 60  
ASP C   O    doub N N 61  
ASP C   OXT  sing N N 62  
ASP CB  CG   sing N N 63  
ASP CB  HB2  sing N N 64  
ASP CB  HB3  sing N N 65  
ASP CG  OD1  doub N N 66  
ASP CG  OD2  sing N N 67  
ASP OD2 HD2  sing N N 68  
ASP OXT HXT  sing N N 69  
CYS N   CA   sing N N 70  
CYS N   H    sing N N 71  
CYS N   H2   sing N N 72  
CYS CA  C    sing N N 73  
CYS CA  CB   sing N N 74  
CYS CA  HA   sing N N 75  
CYS C   O    doub N N 76  
CYS C   OXT  sing N N 77  
CYS CB  SG   sing N N 78  
CYS CB  HB2  sing N N 79  
CYS CB  HB3  sing N N 80  
CYS SG  HG   sing N N 81  
CYS OXT HXT  sing N N 82  
GLN N   CA   sing N N 83  
GLN N   H    sing N N 84  
GLN N   H2   sing N N 85  
GLN CA  C    sing N N 86  
GLN CA  CB   sing N N 87  
GLN CA  HA   sing N N 88  
GLN C   O    doub N N 89  
GLN C   OXT  sing N N 90  
GLN CB  CG   sing N N 91  
GLN CB  HB2  sing N N 92  
GLN CB  HB3  sing N N 93  
GLN CG  CD   sing N N 94  
GLN CG  HG2  sing N N 95  
GLN CG  HG3  sing N N 96  
GLN CD  OE1  doub N N 97  
GLN CD  NE2  sing N N 98  
GLN NE2 HE21 sing N N 99  
GLN NE2 HE22 sing N N 100 
GLN OXT HXT  sing N N 101 
GLU N   CA   sing N N 102 
GLU N   H    sing N N 103 
GLU N   H2   sing N N 104 
GLU CA  C    sing N N 105 
GLU CA  CB   sing N N 106 
GLU CA  HA   sing N N 107 
GLU C   O    doub N N 108 
GLU C   OXT  sing N N 109 
GLU CB  CG   sing N N 110 
GLU CB  HB2  sing N N 111 
GLU CB  HB3  sing N N 112 
GLU CG  CD   sing N N 113 
GLU CG  HG2  sing N N 114 
GLU CG  HG3  sing N N 115 
GLU CD  OE1  doub N N 116 
GLU CD  OE2  sing N N 117 
GLU OE2 HE2  sing N N 118 
GLU OXT HXT  sing N N 119 
GLY N   CA   sing N N 120 
GLY N   H    sing N N 121 
GLY N   H2   sing N N 122 
GLY CA  C    sing N N 123 
GLY CA  HA2  sing N N 124 
GLY CA  HA3  sing N N 125 
GLY C   O    doub N N 126 
GLY C   OXT  sing N N 127 
GLY OXT HXT  sing N N 128 
GOL C1  O1   sing N N 129 
GOL C1  C2   sing N N 130 
GOL C1  H11  sing N N 131 
GOL C1  H12  sing N N 132 
GOL O1  HO1  sing N N 133 
GOL C2  O2   sing N N 134 
GOL C2  C3   sing N N 135 
GOL C2  H2   sing N N 136 
GOL O2  HO2  sing N N 137 
GOL C3  O3   sing N N 138 
GOL C3  H31  sing N N 139 
GOL C3  H32  sing N N 140 
GOL O3  HO3  sing N N 141 
HIS N   CA   sing N N 142 
HIS N   H    sing N N 143 
HIS N   H2   sing N N 144 
HIS CA  C    sing N N 145 
HIS CA  CB   sing N N 146 
HIS CA  HA   sing N N 147 
HIS C   O    doub N N 148 
HIS C   OXT  sing N N 149 
HIS CB  CG   sing N N 150 
HIS CB  HB2  sing N N 151 
HIS CB  HB3  sing N N 152 
HIS CG  ND1  sing Y N 153 
HIS CG  CD2  doub Y N 154 
HIS ND1 CE1  doub Y N 155 
HIS ND1 HD1  sing N N 156 
HIS CD2 NE2  sing Y N 157 
HIS CD2 HD2  sing N N 158 
HIS CE1 NE2  sing Y N 159 
HIS CE1 HE1  sing N N 160 
HIS NE2 HE2  sing N N 161 
HIS OXT HXT  sing N N 162 
HOH O   H1   sing N N 163 
HOH O   H2   sing N N 164 
ILE N   CA   sing N N 165 
ILE N   H    sing N N 166 
ILE N   H2   sing N N 167 
ILE CA  C    sing N N 168 
ILE CA  CB   sing N N 169 
ILE CA  HA   sing N N 170 
ILE C   O    doub N N 171 
ILE C   OXT  sing N N 172 
ILE CB  CG1  sing N N 173 
ILE CB  CG2  sing N N 174 
ILE CB  HB   sing N N 175 
ILE CG1 CD1  sing N N 176 
ILE CG1 HG12 sing N N 177 
ILE CG1 HG13 sing N N 178 
ILE CG2 HG21 sing N N 179 
ILE CG2 HG22 sing N N 180 
ILE CG2 HG23 sing N N 181 
ILE CD1 HD11 sing N N 182 
ILE CD1 HD12 sing N N 183 
ILE CD1 HD13 sing N N 184 
ILE OXT HXT  sing N N 185 
LEU N   CA   sing N N 186 
LEU N   H    sing N N 187 
LEU N   H2   sing N N 188 
LEU CA  C    sing N N 189 
LEU CA  CB   sing N N 190 
LEU CA  HA   sing N N 191 
LEU C   O    doub N N 192 
LEU C   OXT  sing N N 193 
LEU CB  CG   sing N N 194 
LEU CB  HB2  sing N N 195 
LEU CB  HB3  sing N N 196 
LEU CG  CD1  sing N N 197 
LEU CG  CD2  sing N N 198 
LEU CG  HG   sing N N 199 
LEU CD1 HD11 sing N N 200 
LEU CD1 HD12 sing N N 201 
LEU CD1 HD13 sing N N 202 
LEU CD2 HD21 sing N N 203 
LEU CD2 HD22 sing N N 204 
LEU CD2 HD23 sing N N 205 
LEU OXT HXT  sing N N 206 
MET N   CA   sing N N 207 
MET N   H    sing N N 208 
MET N   H2   sing N N 209 
MET CA  C    sing N N 210 
MET CA  CB   sing N N 211 
MET CA  HA   sing N N 212 
MET C   O    doub N N 213 
MET C   OXT  sing N N 214 
MET CB  CG   sing N N 215 
MET CB  HB2  sing N N 216 
MET CB  HB3  sing N N 217 
MET CG  SD   sing N N 218 
MET CG  HG2  sing N N 219 
MET CG  HG3  sing N N 220 
MET SD  CE   sing N N 221 
MET CE  HE1  sing N N 222 
MET CE  HE2  sing N N 223 
MET CE  HE3  sing N N 224 
MET OXT HXT  sing N N 225 
PHE N   CA   sing N N 226 
PHE N   H    sing N N 227 
PHE N   H2   sing N N 228 
PHE CA  C    sing N N 229 
PHE CA  CB   sing N N 230 
PHE CA  HA   sing N N 231 
PHE C   O    doub N N 232 
PHE C   OXT  sing N N 233 
PHE CB  CG   sing N N 234 
PHE CB  HB2  sing N N 235 
PHE CB  HB3  sing N N 236 
PHE CG  CD1  doub Y N 237 
PHE CG  CD2  sing Y N 238 
PHE CD1 CE1  sing Y N 239 
PHE CD1 HD1  sing N N 240 
PHE CD2 CE2  doub Y N 241 
PHE CD2 HD2  sing N N 242 
PHE CE1 CZ   doub Y N 243 
PHE CE1 HE1  sing N N 244 
PHE CE2 CZ   sing Y N 245 
PHE CE2 HE2  sing N N 246 
PHE CZ  HZ   sing N N 247 
PHE OXT HXT  sing N N 248 
PRO N   CA   sing N N 249 
PRO N   CD   sing N N 250 
PRO N   H    sing N N 251 
PRO CA  C    sing N N 252 
PRO CA  CB   sing N N 253 
PRO CA  HA   sing N N 254 
PRO C   O    doub N N 255 
PRO C   OXT  sing N N 256 
PRO CB  CG   sing N N 257 
PRO CB  HB2  sing N N 258 
PRO CB  HB3  sing N N 259 
PRO CG  CD   sing N N 260 
PRO CG  HG2  sing N N 261 
PRO CG  HG3  sing N N 262 
PRO CD  HD2  sing N N 263 
PRO CD  HD3  sing N N 264 
PRO OXT HXT  sing N N 265 
SER N   CA   sing N N 266 
SER N   H    sing N N 267 
SER N   H2   sing N N 268 
SER CA  C    sing N N 269 
SER CA  CB   sing N N 270 
SER CA  HA   sing N N 271 
SER C   O    doub N N 272 
SER C   OXT  sing N N 273 
SER CB  OG   sing N N 274 
SER CB  HB2  sing N N 275 
SER CB  HB3  sing N N 276 
SER OG  HG   sing N N 277 
SER OXT HXT  sing N N 278 
THR N   CA   sing N N 279 
THR N   H    sing N N 280 
THR N   H2   sing N N 281 
THR CA  C    sing N N 282 
THR CA  CB   sing N N 283 
THR CA  HA   sing N N 284 
THR C   O    doub N N 285 
THR C   OXT  sing N N 286 
THR CB  OG1  sing N N 287 
THR CB  CG2  sing N N 288 
THR CB  HB   sing N N 289 
THR OG1 HG1  sing N N 290 
THR CG2 HG21 sing N N 291 
THR CG2 HG22 sing N N 292 
THR CG2 HG23 sing N N 293 
THR OXT HXT  sing N N 294 
TRP N   CA   sing N N 295 
TRP N   H    sing N N 296 
TRP N   H2   sing N N 297 
TRP CA  C    sing N N 298 
TRP CA  CB   sing N N 299 
TRP CA  HA   sing N N 300 
TRP C   O    doub N N 301 
TRP C   OXT  sing N N 302 
TRP CB  CG   sing N N 303 
TRP CB  HB2  sing N N 304 
TRP CB  HB3  sing N N 305 
TRP CG  CD1  doub Y N 306 
TRP CG  CD2  sing Y N 307 
TRP CD1 NE1  sing Y N 308 
TRP CD1 HD1  sing N N 309 
TRP CD2 CE2  doub Y N 310 
TRP CD2 CE3  sing Y N 311 
TRP NE1 CE2  sing Y N 312 
TRP NE1 HE1  sing N N 313 
TRP CE2 CZ2  sing Y N 314 
TRP CE3 CZ3  doub Y N 315 
TRP CE3 HE3  sing N N 316 
TRP CZ2 CH2  doub Y N 317 
TRP CZ2 HZ2  sing N N 318 
TRP CZ3 CH2  sing Y N 319 
TRP CZ3 HZ3  sing N N 320 
TRP CH2 HH2  sing N N 321 
TRP OXT HXT  sing N N 322 
TYR N   CA   sing N N 323 
TYR N   H    sing N N 324 
TYR N   H2   sing N N 325 
TYR CA  C    sing N N 326 
TYR CA  CB   sing N N 327 
TYR CA  HA   sing N N 328 
TYR C   O    doub N N 329 
TYR C   OXT  sing N N 330 
TYR CB  CG   sing N N 331 
TYR CB  HB2  sing N N 332 
TYR CB  HB3  sing N N 333 
TYR CG  CD1  doub Y N 334 
TYR CG  CD2  sing Y N 335 
TYR CD1 CE1  sing Y N 336 
TYR CD1 HD1  sing N N 337 
TYR CD2 CE2  doub Y N 338 
TYR CD2 HD2  sing N N 339 
TYR CE1 CZ   doub Y N 340 
TYR CE1 HE1  sing N N 341 
TYR CE2 CZ   sing Y N 342 
TYR CE2 HE2  sing N N 343 
TYR CZ  OH   sing N N 344 
TYR OH  HH   sing N N 345 
TYR OXT HXT  sing N N 346 
VAL N   CA   sing N N 347 
VAL N   H    sing N N 348 
VAL N   H2   sing N N 349 
VAL CA  C    sing N N 350 
VAL CA  CB   sing N N 351 
VAL CA  HA   sing N N 352 
VAL C   O    doub N N 353 
VAL C   OXT  sing N N 354 
VAL CB  CG1  sing N N 355 
VAL CB  CG2  sing N N 356 
VAL CB  HB   sing N N 357 
VAL CG1 HG11 sing N N 358 
VAL CG1 HG12 sing N N 359 
VAL CG1 HG13 sing N N 360 
VAL CG2 HG21 sing N N 361 
VAL CG2 HG22 sing N N 362 
VAL CG2 HG23 sing N N 363 
VAL OXT HXT  sing N N 364 
# 
loop_
_pdbx_entity_nonpoly.entity_id 
_pdbx_entity_nonpoly.name 
_pdbx_entity_nonpoly.comp_id 
3 'BROMIDE ION' BR  
4 GLYCEROL      GOL 
5 water         HOH 
# 
_pdbx_initial_refinement_model.id               1 
_pdbx_initial_refinement_model.entity_id_list   ? 
_pdbx_initial_refinement_model.type             'experimental model' 
_pdbx_initial_refinement_model.source_name      PDB 
_pdbx_initial_refinement_model.accession_code   2V6Q 
_pdbx_initial_refinement_model.details          'PDB ENTRY 2V6Q' 
# 
